data_3VPV
# 
_entry.id   3VPV 
# 
_audit_conform.dict_name       mmcif_pdbx.dic 
_audit_conform.dict_version    5.398 
_audit_conform.dict_location   http://mmcif.pdb.org/dictionaries/ascii/mmcif_pdbx.dic 
# 
loop_
_database_2.database_id 
_database_2.database_code 
_database_2.pdbx_database_accession 
_database_2.pdbx_DOI 
PDB   3VPV         pdb_00003vpv 10.2210/pdb3vpv/pdb 
RCSB  RCSB095351   ?            ?                   
WWPDB D_1000095351 ?            ?                   
# 
loop_
_pdbx_audit_revision_history.ordinal 
_pdbx_audit_revision_history.data_content_type 
_pdbx_audit_revision_history.major_revision 
_pdbx_audit_revision_history.minor_revision 
_pdbx_audit_revision_history.revision_date 
1 'Structure model' 1 0 2012-03-28 
2 'Structure model' 1 1 2024-11-06 
# 
_pdbx_audit_revision_details.ordinal             1 
_pdbx_audit_revision_details.revision_ordinal    1 
_pdbx_audit_revision_details.data_content_type   'Structure model' 
_pdbx_audit_revision_details.provider            repository 
_pdbx_audit_revision_details.type                'Initial release' 
_pdbx_audit_revision_details.description         ? 
_pdbx_audit_revision_details.details             ? 
# 
loop_
_pdbx_audit_revision_group.ordinal 
_pdbx_audit_revision_group.revision_ordinal 
_pdbx_audit_revision_group.data_content_type 
_pdbx_audit_revision_group.group 
1 2 'Structure model' 'Data collection'      
2 2 'Structure model' 'Database references'  
3 2 'Structure model' 'Derived calculations' 
4 2 'Structure model' 'Structure summary'    
# 
loop_
_pdbx_audit_revision_category.ordinal 
_pdbx_audit_revision_category.revision_ordinal 
_pdbx_audit_revision_category.data_content_type 
_pdbx_audit_revision_category.category 
1 2 'Structure model' chem_comp_atom            
2 2 'Structure model' chem_comp_bond            
3 2 'Structure model' database_2                
4 2 'Structure model' pdbx_entry_details        
5 2 'Structure model' pdbx_modification_feature 
6 2 'Structure model' struct_conn               
7 2 'Structure model' struct_ref_seq_dif        
# 
loop_
_pdbx_audit_revision_item.ordinal 
_pdbx_audit_revision_item.revision_ordinal 
_pdbx_audit_revision_item.data_content_type 
_pdbx_audit_revision_item.item 
1 2 'Structure model' '_database_2.pdbx_DOI'                
2 2 'Structure model' '_database_2.pdbx_database_accession' 
3 2 'Structure model' '_struct_conn.pdbx_leaving_atom_flag' 
4 2 'Structure model' '_struct_ref_seq_dif.details'         
# 
_pdbx_database_status.status_code                     REL 
_pdbx_database_status.entry_id                        3VPV 
_pdbx_database_status.recvd_initial_deposition_date   2012-03-13 
_pdbx_database_status.deposit_site                    PDBJ 
_pdbx_database_status.process_site                    PDBJ 
_pdbx_database_status.methods_development_category    ? 
_pdbx_database_status.status_code_sf                  REL 
_pdbx_database_status.status_code_mr                  ? 
_pdbx_database_status.SG_entry                        ? 
_pdbx_database_status.status_code_cs                  ? 
_pdbx_database_status.pdb_format_compatible           Y 
_pdbx_database_status.status_code_nmr_data            ? 
# 
loop_
_audit_author.name 
_audit_author.pdbx_ordinal 
'Wang, W.'   1 
'Ding, J.'   2 
'Wang, D.C.' 3 
# 
_citation.id                        primary 
_citation.title                     'Crystal Structure of Pseudomonas aeruginosa Tsi2' 
_citation.journal_abbrev            'To be Published' 
_citation.journal_volume            ? 
_citation.page_first                ? 
_citation.page_last                 ? 
_citation.year                      ? 
_citation.journal_id_ASTM           ? 
_citation.country                   ? 
_citation.journal_id_ISSN           ? 
_citation.journal_id_CSD            0353 
_citation.book_publisher            ? 
_citation.pdbx_database_id_PubMed   ? 
_citation.pdbx_database_id_DOI      ? 
# 
loop_
_citation_author.citation_id 
_citation_author.name 
_citation_author.ordinal 
_citation_author.identifier_ORCID 
primary 'Wang, W.'   1 ? 
primary 'Ding, J.'   2 ? 
primary 'Wang, D.C.' 3 ? 
# 
loop_
_entity.id 
_entity.type 
_entity.src_method 
_entity.pdbx_description 
_entity.formula_weight 
_entity.pdbx_number_of_molecules 
_entity.pdbx_ec 
_entity.pdbx_mutation 
_entity.pdbx_fragment 
_entity.details 
1 polymer man 'Tse2 specific immunity protein 2' 9689.414 2   ? ? ? ? 
2 water   nat water                              18.015   218 ? ? ? ? 
# 
_entity_poly.entity_id                      1 
_entity_poly.type                           'polypeptide(L)' 
_entity_poly.nstd_linkage                   no 
_entity_poly.nstd_monomer                   yes 
_entity_poly.pdbx_seq_one_letter_code       
;(MSE)NLKPQTL(MSE)VAIQCVAARTRELDAQLQNDDPQNAAELEQLLVGYDLAADDLKNAYEQALGQYSGLPPYDRLI
EEPASLEHHHHHH
;
_entity_poly.pdbx_seq_one_letter_code_can   
;MNLKPQTLMVAIQCVAARTRELDAQLQNDDPQNAAELEQLLVGYDLAADDLKNAYEQALGQYSGLPPYDRLIEEPASLEH
HHHHH
;
_entity_poly.pdbx_strand_id                 A,B 
_entity_poly.pdbx_target_identifier         ? 
# 
_pdbx_entity_nonpoly.entity_id   2 
_pdbx_entity_nonpoly.name        water 
_pdbx_entity_nonpoly.comp_id     HOH 
# 
loop_
_entity_poly_seq.entity_id 
_entity_poly_seq.num 
_entity_poly_seq.mon_id 
_entity_poly_seq.hetero 
1 1  MSE n 
1 2  ASN n 
1 3  LEU n 
1 4  LYS n 
1 5  PRO n 
1 6  GLN n 
1 7  THR n 
1 8  LEU n 
1 9  MSE n 
1 10 VAL n 
1 11 ALA n 
1 12 ILE n 
1 13 GLN n 
1 14 CYS n 
1 15 VAL n 
1 16 ALA n 
1 17 ALA n 
1 18 ARG n 
1 19 THR n 
1 20 ARG n 
1 21 GLU n 
1 22 LEU n 
1 23 ASP n 
1 24 ALA n 
1 25 GLN n 
1 26 LEU n 
1 27 GLN n 
1 28 ASN n 
1 29 ASP n 
1 30 ASP n 
1 31 PRO n 
1 32 GLN n 
1 33 ASN n 
1 34 ALA n 
1 35 ALA n 
1 36 GLU n 
1 37 LEU n 
1 38 GLU n 
1 39 GLN n 
1 40 LEU n 
1 41 LEU n 
1 42 VAL n 
1 43 GLY n 
1 44 TYR n 
1 45 ASP n 
1 46 LEU n 
1 47 ALA n 
1 48 ALA n 
1 49 ASP n 
1 50 ASP n 
1 51 LEU n 
1 52 LYS n 
1 53 ASN n 
1 54 ALA n 
1 55 TYR n 
1 56 GLU n 
1 57 GLN n 
1 58 ALA n 
1 59 LEU n 
1 60 GLY n 
1 61 GLN n 
1 62 TYR n 
1 63 SER n 
1 64 GLY n 
1 65 LEU n 
1 66 PRO n 
1 67 PRO n 
1 68 TYR n 
1 69 ASP n 
1 70 ARG n 
1 71 LEU n 
1 72 ILE n 
1 73 GLU n 
1 74 GLU n 
1 75 PRO n 
1 76 ALA n 
1 77 SER n 
1 78 LEU n 
1 79 GLU n 
1 80 HIS n 
1 81 HIS n 
1 82 HIS n 
1 83 HIS n 
1 84 HIS n 
1 85 HIS n 
# 
_entity_src_gen.entity_id                          1 
_entity_src_gen.pdbx_src_id                        1 
_entity_src_gen.pdbx_alt_source_flag               sample 
_entity_src_gen.pdbx_seq_type                      ? 
_entity_src_gen.pdbx_beg_seq_num                   ? 
_entity_src_gen.pdbx_end_seq_num                   ? 
_entity_src_gen.gene_src_common_name               ? 
_entity_src_gen.gene_src_genus                     ? 
_entity_src_gen.pdbx_gene_src_gene                 PA2703 
_entity_src_gen.gene_src_species                   ? 
_entity_src_gen.gene_src_strain                    'ATCC 15692 / PAO1 / 1C / PRS 101 / LMG 12228' 
_entity_src_gen.gene_src_tissue                    ? 
_entity_src_gen.gene_src_tissue_fraction           ? 
_entity_src_gen.gene_src_details                   ? 
_entity_src_gen.pdbx_gene_src_fragment             ? 
_entity_src_gen.pdbx_gene_src_scientific_name      'Pseudomonas aeruginosa' 
_entity_src_gen.pdbx_gene_src_ncbi_taxonomy_id     208964 
_entity_src_gen.pdbx_gene_src_variant              ? 
_entity_src_gen.pdbx_gene_src_cell_line            ? 
_entity_src_gen.pdbx_gene_src_atcc                 ? 
_entity_src_gen.pdbx_gene_src_organ                ? 
_entity_src_gen.pdbx_gene_src_organelle            ? 
_entity_src_gen.pdbx_gene_src_cell                 ? 
_entity_src_gen.pdbx_gene_src_cellular_location    ? 
_entity_src_gen.host_org_common_name               ? 
_entity_src_gen.pdbx_host_org_scientific_name      'Escherichia coli' 
_entity_src_gen.pdbx_host_org_ncbi_taxonomy_id     562 
_entity_src_gen.host_org_genus                     ? 
_entity_src_gen.pdbx_host_org_gene                 ? 
_entity_src_gen.pdbx_host_org_organ                ? 
_entity_src_gen.host_org_species                   ? 
_entity_src_gen.pdbx_host_org_tissue               ? 
_entity_src_gen.pdbx_host_org_tissue_fraction      ? 
_entity_src_gen.pdbx_host_org_strain               'B834(DE3)' 
_entity_src_gen.pdbx_host_org_variant              ? 
_entity_src_gen.pdbx_host_org_cell_line            ? 
_entity_src_gen.pdbx_host_org_atcc                 ? 
_entity_src_gen.pdbx_host_org_culture_collection   ? 
_entity_src_gen.pdbx_host_org_cell                 ? 
_entity_src_gen.pdbx_host_org_organelle            ? 
_entity_src_gen.pdbx_host_org_cellular_location    ? 
_entity_src_gen.pdbx_host_org_vector_type          PLASMID 
_entity_src_gen.pdbx_host_org_vector               ? 
_entity_src_gen.host_org_details                   ? 
_entity_src_gen.expression_system_id               ? 
_entity_src_gen.plasmid_name                       pET22b 
_entity_src_gen.plasmid_details                    ? 
_entity_src_gen.pdbx_description                   ? 
# 
loop_
_chem_comp.id 
_chem_comp.type 
_chem_comp.mon_nstd_flag 
_chem_comp.name 
_chem_comp.pdbx_synonyms 
_chem_comp.formula 
_chem_comp.formula_weight 
ALA 'L-peptide linking' y ALANINE          ? 'C3 H7 N O2'     89.093  
ARG 'L-peptide linking' y ARGININE         ? 'C6 H15 N4 O2 1' 175.209 
ASN 'L-peptide linking' y ASPARAGINE       ? 'C4 H8 N2 O3'    132.118 
ASP 'L-peptide linking' y 'ASPARTIC ACID'  ? 'C4 H7 N O4'     133.103 
CYS 'L-peptide linking' y CYSTEINE         ? 'C3 H7 N O2 S'   121.158 
GLN 'L-peptide linking' y GLUTAMINE        ? 'C5 H10 N2 O3'   146.144 
GLU 'L-peptide linking' y 'GLUTAMIC ACID'  ? 'C5 H9 N O4'     147.129 
GLY 'peptide linking'   y GLYCINE          ? 'C2 H5 N O2'     75.067  
HIS 'L-peptide linking' y HISTIDINE        ? 'C6 H10 N3 O2 1' 156.162 
HOH non-polymer         . WATER            ? 'H2 O'           18.015  
ILE 'L-peptide linking' y ISOLEUCINE       ? 'C6 H13 N O2'    131.173 
LEU 'L-peptide linking' y LEUCINE          ? 'C6 H13 N O2'    131.173 
LYS 'L-peptide linking' y LYSINE           ? 'C6 H15 N2 O2 1' 147.195 
MSE 'L-peptide linking' n SELENOMETHIONINE ? 'C5 H11 N O2 Se' 196.106 
PRO 'L-peptide linking' y PROLINE          ? 'C5 H9 N O2'     115.130 
SER 'L-peptide linking' y SERINE           ? 'C3 H7 N O3'     105.093 
THR 'L-peptide linking' y THREONINE        ? 'C4 H9 N O3'     119.119 
TYR 'L-peptide linking' y TYROSINE         ? 'C9 H11 N O3'    181.189 
VAL 'L-peptide linking' y VALINE           ? 'C5 H11 N O2'    117.146 
# 
loop_
_pdbx_poly_seq_scheme.asym_id 
_pdbx_poly_seq_scheme.entity_id 
_pdbx_poly_seq_scheme.seq_id 
_pdbx_poly_seq_scheme.mon_id 
_pdbx_poly_seq_scheme.ndb_seq_num 
_pdbx_poly_seq_scheme.pdb_seq_num 
_pdbx_poly_seq_scheme.auth_seq_num 
_pdbx_poly_seq_scheme.pdb_mon_id 
_pdbx_poly_seq_scheme.auth_mon_id 
_pdbx_poly_seq_scheme.pdb_strand_id 
_pdbx_poly_seq_scheme.pdb_ins_code 
_pdbx_poly_seq_scheme.hetero 
A 1 1  MSE 1  1  ?  ?   ?   A . n 
A 1 2  ASN 2  2  2  ASN ASN A . n 
A 1 3  LEU 3  3  3  LEU LEU A . n 
A 1 4  LYS 4  4  4  LYS LYS A . n 
A 1 5  PRO 5  5  5  PRO PRO A . n 
A 1 6  GLN 6  6  6  GLN GLN A . n 
A 1 7  THR 7  7  7  THR THR A . n 
A 1 8  LEU 8  8  8  LEU LEU A . n 
A 1 9  MSE 9  9  9  MSE MSE A . n 
A 1 10 VAL 10 10 10 VAL VAL A . n 
A 1 11 ALA 11 11 11 ALA ALA A . n 
A 1 12 ILE 12 12 12 ILE ILE A . n 
A 1 13 GLN 13 13 13 GLN GLN A . n 
A 1 14 CYS 14 14 14 CYS CYS A . n 
A 1 15 VAL 15 15 15 VAL VAL A . n 
A 1 16 ALA 16 16 16 ALA ALA A . n 
A 1 17 ALA 17 17 17 ALA ALA A . n 
A 1 18 ARG 18 18 18 ARG ARG A . n 
A 1 19 THR 19 19 19 THR THR A . n 
A 1 20 ARG 20 20 20 ARG ARG A . n 
A 1 21 GLU 21 21 21 GLU GLU A . n 
A 1 22 LEU 22 22 22 LEU LEU A . n 
A 1 23 ASP 23 23 23 ASP ASP A . n 
A 1 24 ALA 24 24 24 ALA ALA A . n 
A 1 25 GLN 25 25 25 GLN GLN A . n 
A 1 26 LEU 26 26 26 LEU LEU A . n 
A 1 27 GLN 27 27 27 GLN GLN A . n 
A 1 28 ASN 28 28 28 ASN ASN A . n 
A 1 29 ASP 29 29 29 ASP ASP A . n 
A 1 30 ASP 30 30 30 ASP ASP A . n 
A 1 31 PRO 31 31 31 PRO PRO A . n 
A 1 32 GLN 32 32 32 GLN GLN A . n 
A 1 33 ASN 33 33 33 ASN ASN A . n 
A 1 34 ALA 34 34 34 ALA ALA A . n 
A 1 35 ALA 35 35 35 ALA ALA A . n 
A 1 36 GLU 36 36 36 GLU GLU A . n 
A 1 37 LEU 37 37 37 LEU LEU A . n 
A 1 38 GLU 38 38 38 GLU GLU A . n 
A 1 39 GLN 39 39 39 GLN GLN A . n 
A 1 40 LEU 40 40 40 LEU LEU A . n 
A 1 41 LEU 41 41 41 LEU LEU A . n 
A 1 42 VAL 42 42 42 VAL VAL A . n 
A 1 43 GLY 43 43 43 GLY GLY A . n 
A 1 44 TYR 44 44 44 TYR TYR A . n 
A 1 45 ASP 45 45 45 ASP ASP A . n 
A 1 46 LEU 46 46 46 LEU LEU A . n 
A 1 47 ALA 47 47 47 ALA ALA A . n 
A 1 48 ALA 48 48 48 ALA ALA A . n 
A 1 49 ASP 49 49 49 ASP ASP A . n 
A 1 50 ASP 50 50 50 ASP ASP A . n 
A 1 51 LEU 51 51 51 LEU LEU A . n 
A 1 52 LYS 52 52 52 LYS LYS A . n 
A 1 53 ASN 53 53 53 ASN ASN A . n 
A 1 54 ALA 54 54 54 ALA ALA A . n 
A 1 55 TYR 55 55 55 TYR TYR A . n 
A 1 56 GLU 56 56 56 GLU GLU A . n 
A 1 57 GLN 57 57 57 GLN GLN A . n 
A 1 58 ALA 58 58 58 ALA ALA A . n 
A 1 59 LEU 59 59 59 LEU LEU A . n 
A 1 60 GLY 60 60 60 GLY GLY A . n 
A 1 61 GLN 61 61 61 GLN GLN A . n 
A 1 62 TYR 62 62 62 TYR TYR A . n 
A 1 63 SER 63 63 63 SER SER A . n 
A 1 64 GLY 64 64 64 GLY GLY A . n 
A 1 65 LEU 65 65 65 LEU LEU A . n 
A 1 66 PRO 66 66 66 PRO PRO A . n 
A 1 67 PRO 67 67 67 PRO PRO A . n 
A 1 68 TYR 68 68 68 TYR TYR A . n 
A 1 69 ASP 69 69 69 ASP ASP A . n 
A 1 70 ARG 70 70 70 ARG ARG A . n 
A 1 71 LEU 71 71 71 LEU LEU A . n 
A 1 72 ILE 72 72 72 ILE ILE A . n 
A 1 73 GLU 73 73 73 GLU GLU A . n 
A 1 74 GLU 74 74 74 GLU GLU A . n 
A 1 75 PRO 75 75 75 PRO PRO A . n 
A 1 76 ALA 76 76 76 ALA ALA A . n 
A 1 77 SER 77 77 77 SER SER A . n 
A 1 78 LEU 78 78 78 LEU LEU A . n 
A 1 79 GLU 79 79 79 GLU GLU A . n 
A 1 80 HIS 80 80 80 HIS HIS A . n 
A 1 81 HIS 81 81 81 HIS HIS A . n 
A 1 82 HIS 82 82 82 HIS HIS A . n 
A 1 83 HIS 83 83 83 HIS HIS A . n 
A 1 84 HIS 84 84 84 HIS HIS A . n 
A 1 85 HIS 85 85 85 HIS HIS A . n 
B 1 1  MSE 1  1  ?  ?   ?   B . n 
B 1 2  ASN 2  2  2  ASN ASN B . n 
B 1 3  LEU 3  3  3  LEU LEU B . n 
B 1 4  LYS 4  4  4  LYS LYS B . n 
B 1 5  PRO 5  5  5  PRO PRO B . n 
B 1 6  GLN 6  6  6  GLN GLN B . n 
B 1 7  THR 7  7  7  THR THR B . n 
B 1 8  LEU 8  8  8  LEU LEU B . n 
B 1 9  MSE 9  9  9  MSE MSE B . n 
B 1 10 VAL 10 10 10 VAL VAL B . n 
B 1 11 ALA 11 11 11 ALA ALA B . n 
B 1 12 ILE 12 12 12 ILE ILE B . n 
B 1 13 GLN 13 13 13 GLN GLN B . n 
B 1 14 CYS 14 14 14 CYS CYS B . n 
B 1 15 VAL 15 15 15 VAL VAL B . n 
B 1 16 ALA 16 16 16 ALA ALA B . n 
B 1 17 ALA 17 17 17 ALA ALA B . n 
B 1 18 ARG 18 18 18 ARG ARG B . n 
B 1 19 THR 19 19 19 THR THR B . n 
B 1 20 ARG 20 20 20 ARG ARG B . n 
B 1 21 GLU 21 21 21 GLU GLU B . n 
B 1 22 LEU 22 22 22 LEU LEU B . n 
B 1 23 ASP 23 23 23 ASP ASP B . n 
B 1 24 ALA 24 24 24 ALA ALA B . n 
B 1 25 GLN 25 25 25 GLN GLN B . n 
B 1 26 LEU 26 26 26 LEU LEU B . n 
B 1 27 GLN 27 27 27 GLN GLN B . n 
B 1 28 ASN 28 28 28 ASN ASN B . n 
B 1 29 ASP 29 29 29 ASP ASP B . n 
B 1 30 ASP 30 30 30 ASP ASP B . n 
B 1 31 PRO 31 31 31 PRO PRO B . n 
B 1 32 GLN 32 32 32 GLN GLN B . n 
B 1 33 ASN 33 33 33 ASN ASN B . n 
B 1 34 ALA 34 34 34 ALA ALA B . n 
B 1 35 ALA 35 35 35 ALA ALA B . n 
B 1 36 GLU 36 36 36 GLU GLU B . n 
B 1 37 LEU 37 37 37 LEU LEU B . n 
B 1 38 GLU 38 38 38 GLU GLU B . n 
B 1 39 GLN 39 39 39 GLN GLN B . n 
B 1 40 LEU 40 40 40 LEU LEU B . n 
B 1 41 LEU 41 41 41 LEU LEU B . n 
B 1 42 VAL 42 42 42 VAL VAL B . n 
B 1 43 GLY 43 43 43 GLY GLY B . n 
B 1 44 TYR 44 44 44 TYR TYR B . n 
B 1 45 ASP 45 45 45 ASP ASP B . n 
B 1 46 LEU 46 46 46 LEU LEU B . n 
B 1 47 ALA 47 47 47 ALA ALA B . n 
B 1 48 ALA 48 48 48 ALA ALA B . n 
B 1 49 ASP 49 49 49 ASP ASP B . n 
B 1 50 ASP 50 50 50 ASP ASP B . n 
B 1 51 LEU 51 51 51 LEU LEU B . n 
B 1 52 LYS 52 52 52 LYS LYS B . n 
B 1 53 ASN 53 53 53 ASN ASN B . n 
B 1 54 ALA 54 54 54 ALA ALA B . n 
B 1 55 TYR 55 55 55 TYR TYR B . n 
B 1 56 GLU 56 56 56 GLU GLU B . n 
B 1 57 GLN 57 57 57 GLN GLN B . n 
B 1 58 ALA 58 58 58 ALA ALA B . n 
B 1 59 LEU 59 59 59 LEU LEU B . n 
B 1 60 GLY 60 60 60 GLY GLY B . n 
B 1 61 GLN 61 61 61 GLN GLN B . n 
B 1 62 TYR 62 62 62 TYR TYR B . n 
B 1 63 SER 63 63 63 SER SER B . n 
B 1 64 GLY 64 64 64 GLY GLY B . n 
B 1 65 LEU 65 65 65 LEU LEU B . n 
B 1 66 PRO 66 66 66 PRO PRO B . n 
B 1 67 PRO 67 67 67 PRO PRO B . n 
B 1 68 TYR 68 68 68 TYR TYR B . n 
B 1 69 ASP 69 69 69 ASP ASP B . n 
B 1 70 ARG 70 70 70 ARG ARG B . n 
B 1 71 LEU 71 71 71 LEU LEU B . n 
B 1 72 ILE 72 72 72 ILE ILE B . n 
B 1 73 GLU 73 73 73 GLU GLU B . n 
B 1 74 GLU 74 74 74 GLU GLU B . n 
B 1 75 PRO 75 75 75 PRO PRO B . n 
B 1 76 ALA 76 76 76 ALA ALA B . n 
B 1 77 SER 77 77 77 SER SER B . n 
B 1 78 LEU 78 78 78 LEU LEU B . n 
B 1 79 GLU 79 79 79 GLU GLU B . n 
B 1 80 HIS 80 80 80 HIS HIS B . n 
B 1 81 HIS 81 81 ?  ?   ?   B . n 
B 1 82 HIS 82 82 ?  ?   ?   B . n 
B 1 83 HIS 83 83 ?  ?   ?   B . n 
B 1 84 HIS 84 84 ?  ?   ?   B . n 
B 1 85 HIS 85 85 ?  ?   ?   B . n 
# 
loop_
_pdbx_nonpoly_scheme.asym_id 
_pdbx_nonpoly_scheme.entity_id 
_pdbx_nonpoly_scheme.mon_id 
_pdbx_nonpoly_scheme.ndb_seq_num 
_pdbx_nonpoly_scheme.pdb_seq_num 
_pdbx_nonpoly_scheme.auth_seq_num 
_pdbx_nonpoly_scheme.pdb_mon_id 
_pdbx_nonpoly_scheme.auth_mon_id 
_pdbx_nonpoly_scheme.pdb_strand_id 
_pdbx_nonpoly_scheme.pdb_ins_code 
C 2 HOH 1   101 2   HOH HOH A . 
C 2 HOH 2   102 3   HOH HOH A . 
C 2 HOH 3   103 4   HOH HOH A . 
C 2 HOH 4   104 6   HOH HOH A . 
C 2 HOH 5   105 7   HOH HOH A . 
C 2 HOH 6   106 8   HOH HOH A . 
C 2 HOH 7   107 10  HOH HOH A . 
C 2 HOH 8   108 11  HOH HOH A . 
C 2 HOH 9   109 12  HOH HOH A . 
C 2 HOH 10  110 13  HOH HOH A . 
C 2 HOH 11  111 15  HOH HOH A . 
C 2 HOH 12  112 19  HOH HOH A . 
C 2 HOH 13  113 22  HOH HOH A . 
C 2 HOH 14  114 23  HOH HOH A . 
C 2 HOH 15  115 24  HOH HOH A . 
C 2 HOH 16  116 26  HOH HOH A . 
C 2 HOH 17  117 27  HOH HOH A . 
C 2 HOH 18  118 28  HOH HOH A . 
C 2 HOH 19  119 30  HOH HOH A . 
C 2 HOH 20  120 32  HOH HOH A . 
C 2 HOH 21  121 34  HOH HOH A . 
C 2 HOH 22  122 36  HOH HOH A . 
C 2 HOH 23  123 38  HOH HOH A . 
C 2 HOH 24  124 39  HOH HOH A . 
C 2 HOH 25  125 40  HOH HOH A . 
C 2 HOH 26  126 43  HOH HOH A . 
C 2 HOH 27  127 44  HOH HOH A . 
C 2 HOH 28  128 45  HOH HOH A . 
C 2 HOH 29  129 46  HOH HOH A . 
C 2 HOH 30  130 51  HOH HOH A . 
C 2 HOH 31  131 53  HOH HOH A . 
C 2 HOH 32  132 55  HOH HOH A . 
C 2 HOH 33  133 56  HOH HOH A . 
C 2 HOH 34  134 57  HOH HOH A . 
C 2 HOH 35  135 58  HOH HOH A . 
C 2 HOH 36  136 59  HOH HOH A . 
C 2 HOH 37  137 60  HOH HOH A . 
C 2 HOH 38  138 63  HOH HOH A . 
C 2 HOH 39  139 64  HOH HOH A . 
C 2 HOH 40  140 65  HOH HOH A . 
C 2 HOH 41  141 67  HOH HOH A . 
C 2 HOH 42  142 70  HOH HOH A . 
C 2 HOH 43  143 74  HOH HOH A . 
C 2 HOH 44  144 75  HOH HOH A . 
C 2 HOH 45  145 76  HOH HOH A . 
C 2 HOH 46  146 77  HOH HOH A . 
C 2 HOH 47  147 78  HOH HOH A . 
C 2 HOH 48  148 80  HOH HOH A . 
C 2 HOH 49  149 81  HOH HOH A . 
C 2 HOH 50  150 84  HOH HOH A . 
C 2 HOH 51  151 85  HOH HOH A . 
C 2 HOH 52  152 86  HOH HOH A . 
C 2 HOH 53  153 88  HOH HOH A . 
C 2 HOH 54  154 90  HOH HOH A . 
C 2 HOH 55  155 91  HOH HOH A . 
C 2 HOH 56  156 92  HOH HOH A . 
C 2 HOH 57  157 93  HOH HOH A . 
C 2 HOH 58  158 99  HOH HOH A . 
C 2 HOH 59  159 100 HOH HOH A . 
C 2 HOH 60  160 101 HOH HOH A . 
C 2 HOH 61  161 102 HOH HOH A . 
C 2 HOH 62  162 104 HOH HOH A . 
C 2 HOH 63  163 105 HOH HOH A . 
C 2 HOH 64  164 107 HOH HOH A . 
C 2 HOH 65  165 109 HOH HOH A . 
C 2 HOH 66  166 110 HOH HOH A . 
C 2 HOH 67  167 111 HOH HOH A . 
C 2 HOH 68  168 112 HOH HOH A . 
C 2 HOH 69  169 113 HOH HOH A . 
C 2 HOH 70  170 114 HOH HOH A . 
C 2 HOH 71  171 116 HOH HOH A . 
C 2 HOH 72  172 117 HOH HOH A . 
C 2 HOH 73  173 118 HOH HOH A . 
C 2 HOH 74  174 119 HOH HOH A . 
C 2 HOH 75  175 120 HOH HOH A . 
C 2 HOH 76  176 123 HOH HOH A . 
C 2 HOH 77  177 124 HOH HOH A . 
C 2 HOH 78  178 125 HOH HOH A . 
C 2 HOH 79  179 127 HOH HOH A . 
C 2 HOH 80  180 128 HOH HOH A . 
C 2 HOH 81  181 129 HOH HOH A . 
C 2 HOH 82  182 130 HOH HOH A . 
C 2 HOH 83  183 133 HOH HOH A . 
C 2 HOH 84  184 135 HOH HOH A . 
C 2 HOH 85  185 138 HOH HOH A . 
C 2 HOH 86  186 140 HOH HOH A . 
C 2 HOH 87  187 141 HOH HOH A . 
C 2 HOH 88  188 149 HOH HOH A . 
C 2 HOH 89  189 151 HOH HOH A . 
C 2 HOH 90  190 152 HOH HOH A . 
C 2 HOH 91  191 154 HOH HOH A . 
C 2 HOH 92  192 155 HOH HOH A . 
C 2 HOH 93  193 156 HOH HOH A . 
C 2 HOH 94  194 157 HOH HOH A . 
C 2 HOH 95  195 158 HOH HOH A . 
C 2 HOH 96  196 161 HOH HOH A . 
C 2 HOH 97  197 163 HOH HOH A . 
C 2 HOH 98  198 164 HOH HOH A . 
C 2 HOH 99  199 165 HOH HOH A . 
C 2 HOH 100 200 166 HOH HOH A . 
C 2 HOH 101 201 167 HOH HOH A . 
C 2 HOH 102 202 168 HOH HOH A . 
C 2 HOH 103 203 170 HOH HOH A . 
C 2 HOH 104 204 173 HOH HOH A . 
C 2 HOH 105 205 174 HOH HOH A . 
C 2 HOH 106 206 175 HOH HOH A . 
C 2 HOH 107 207 176 HOH HOH A . 
C 2 HOH 108 208 177 HOH HOH A . 
C 2 HOH 109 209 178 HOH HOH A . 
C 2 HOH 110 210 179 HOH HOH A . 
C 2 HOH 111 211 180 HOH HOH A . 
C 2 HOH 112 212 181 HOH HOH A . 
C 2 HOH 113 213 185 HOH HOH A . 
C 2 HOH 114 214 186 HOH HOH A . 
C 2 HOH 115 215 188 HOH HOH A . 
C 2 HOH 116 216 190 HOH HOH A . 
C 2 HOH 117 217 192 HOH HOH A . 
C 2 HOH 118 218 196 HOH HOH A . 
C 2 HOH 119 219 199 HOH HOH A . 
C 2 HOH 120 220 200 HOH HOH A . 
C 2 HOH 121 221 202 HOH HOH A . 
C 2 HOH 122 222 203 HOH HOH A . 
C 2 HOH 123 223 204 HOH HOH A . 
C 2 HOH 124 224 208 HOH HOH A . 
C 2 HOH 125 225 211 HOH HOH A . 
C 2 HOH 126 226 213 HOH HOH A . 
C 2 HOH 127 227 215 HOH HOH A . 
C 2 HOH 128 228 216 HOH HOH A . 
C 2 HOH 129 229 218 HOH HOH A . 
C 2 HOH 130 230 83  HOH HOH A . 
C 2 HOH 131 231 162 HOH HOH A . 
D 2 HOH 1   101 1   HOH HOH B . 
D 2 HOH 2   102 5   HOH HOH B . 
D 2 HOH 3   103 9   HOH HOH B . 
D 2 HOH 4   104 14  HOH HOH B . 
D 2 HOH 5   105 16  HOH HOH B . 
D 2 HOH 6   106 17  HOH HOH B . 
D 2 HOH 7   107 18  HOH HOH B . 
D 2 HOH 8   108 20  HOH HOH B . 
D 2 HOH 9   109 21  HOH HOH B . 
D 2 HOH 10  110 25  HOH HOH B . 
D 2 HOH 11  111 29  HOH HOH B . 
D 2 HOH 12  112 31  HOH HOH B . 
D 2 HOH 13  113 33  HOH HOH B . 
D 2 HOH 14  114 35  HOH HOH B . 
D 2 HOH 15  115 37  HOH HOH B . 
D 2 HOH 16  116 41  HOH HOH B . 
D 2 HOH 17  117 42  HOH HOH B . 
D 2 HOH 18  118 47  HOH HOH B . 
D 2 HOH 19  119 48  HOH HOH B . 
D 2 HOH 20  120 49  HOH HOH B . 
D 2 HOH 21  121 50  HOH HOH B . 
D 2 HOH 22  122 52  HOH HOH B . 
D 2 HOH 23  123 54  HOH HOH B . 
D 2 HOH 24  124 61  HOH HOH B . 
D 2 HOH 25  125 62  HOH HOH B . 
D 2 HOH 26  126 66  HOH HOH B . 
D 2 HOH 27  127 68  HOH HOH B . 
D 2 HOH 28  128 69  HOH HOH B . 
D 2 HOH 29  129 71  HOH HOH B . 
D 2 HOH 30  130 72  HOH HOH B . 
D 2 HOH 31  131 73  HOH HOH B . 
D 2 HOH 32  132 79  HOH HOH B . 
D 2 HOH 33  133 82  HOH HOH B . 
D 2 HOH 34  134 87  HOH HOH B . 
D 2 HOH 35  135 89  HOH HOH B . 
D 2 HOH 36  136 94  HOH HOH B . 
D 2 HOH 37  137 95  HOH HOH B . 
D 2 HOH 38  138 96  HOH HOH B . 
D 2 HOH 39  139 97  HOH HOH B . 
D 2 HOH 40  140 98  HOH HOH B . 
D 2 HOH 41  141 103 HOH HOH B . 
D 2 HOH 42  142 106 HOH HOH B . 
D 2 HOH 43  143 108 HOH HOH B . 
D 2 HOH 44  144 115 HOH HOH B . 
D 2 HOH 45  145 121 HOH HOH B . 
D 2 HOH 46  146 122 HOH HOH B . 
D 2 HOH 47  147 126 HOH HOH B . 
D 2 HOH 48  148 131 HOH HOH B . 
D 2 HOH 49  149 132 HOH HOH B . 
D 2 HOH 50  150 134 HOH HOH B . 
D 2 HOH 51  151 136 HOH HOH B . 
D 2 HOH 52  152 137 HOH HOH B . 
D 2 HOH 53  153 139 HOH HOH B . 
D 2 HOH 54  154 142 HOH HOH B . 
D 2 HOH 55  155 143 HOH HOH B . 
D 2 HOH 56  156 144 HOH HOH B . 
D 2 HOH 57  157 145 HOH HOH B . 
D 2 HOH 58  158 146 HOH HOH B . 
D 2 HOH 59  159 147 HOH HOH B . 
D 2 HOH 60  160 148 HOH HOH B . 
D 2 HOH 61  161 150 HOH HOH B . 
D 2 HOH 62  162 153 HOH HOH B . 
D 2 HOH 63  163 159 HOH HOH B . 
D 2 HOH 64  164 160 HOH HOH B . 
D 2 HOH 65  165 169 HOH HOH B . 
D 2 HOH 66  166 171 HOH HOH B . 
D 2 HOH 67  167 172 HOH HOH B . 
D 2 HOH 68  168 182 HOH HOH B . 
D 2 HOH 69  169 183 HOH HOH B . 
D 2 HOH 70  170 184 HOH HOH B . 
D 2 HOH 71  171 187 HOH HOH B . 
D 2 HOH 72  172 189 HOH HOH B . 
D 2 HOH 73  173 191 HOH HOH B . 
D 2 HOH 74  174 193 HOH HOH B . 
D 2 HOH 75  175 194 HOH HOH B . 
D 2 HOH 76  176 195 HOH HOH B . 
D 2 HOH 77  177 197 HOH HOH B . 
D 2 HOH 78  178 198 HOH HOH B . 
D 2 HOH 79  179 201 HOH HOH B . 
D 2 HOH 80  180 205 HOH HOH B . 
D 2 HOH 81  181 206 HOH HOH B . 
D 2 HOH 82  182 207 HOH HOH B . 
D 2 HOH 83  183 209 HOH HOH B . 
D 2 HOH 84  184 210 HOH HOH B . 
D 2 HOH 85  185 212 HOH HOH B . 
D 2 HOH 86  186 214 HOH HOH B . 
D 2 HOH 87  187 217 HOH HOH B . 
# 
loop_
_software.name 
_software.classification 
_software.version 
_software.citation_id 
_software.pdbx_ordinal 
MAR345dtb 'data collection' .                          ? 1 
PHENIX    'model building'  '(phenix.refine: 1.7_650)' ? 2 
PHENIX    refinement        '(phenix.refine: 1.7_650)' ? 3 
MOSFLM    'data reduction'  .                          ? 4 
SCALA     'data scaling'    .                          ? 5 
PHENIX    phasing           1.7_650                    ? 6 
# 
_cell.entry_id           3VPV 
_cell.length_a           28.380 
_cell.length_b           34.920 
_cell.length_c           38.490 
_cell.angle_alpha        110.37 
_cell.angle_beta         95.98 
_cell.angle_gamma        95.61 
_cell.Z_PDB              2 
_cell.pdbx_unique_axis   ? 
_cell.length_a_esd       ? 
_cell.length_b_esd       ? 
_cell.length_c_esd       ? 
_cell.angle_alpha_esd    ? 
_cell.angle_beta_esd     ? 
_cell.angle_gamma_esd    ? 
# 
_symmetry.entry_id                         3VPV 
_symmetry.space_group_name_H-M             'P 1' 
_symmetry.pdbx_full_space_group_name_H-M   ? 
_symmetry.cell_setting                     ? 
_symmetry.Int_Tables_number                1 
_symmetry.space_group_name_Hall            ? 
# 
_exptl.entry_id          3VPV 
_exptl.method            'X-RAY DIFFRACTION' 
_exptl.crystals_number   1 
# 
_exptl_crystal.id                    1 
_exptl_crystal.density_meas          ? 
_exptl_crystal.density_Matthews      1.82 
_exptl_crystal.density_percent_sol   32.27 
_exptl_crystal.description           ? 
_exptl_crystal.F_000                 ? 
_exptl_crystal.preparation           ? 
# 
_exptl_crystal_grow.crystal_id      1 
_exptl_crystal_grow.method          'VAPOR DIFFUSION, SITTING DROP' 
_exptl_crystal_grow.temp            293 
_exptl_crystal_grow.temp_details    ? 
_exptl_crystal_grow.pH              5.0 
_exptl_crystal_grow.pdbx_details    '10% PEG 3350, 0.1mM sodium acetate, pH 5.0, VAPOR DIFFUSION, SITTING DROP, temperature 293K' 
_exptl_crystal_grow.pdbx_pH_range   ? 
# 
_diffrn.id                     1 
_diffrn.ambient_temp           95 
_diffrn.ambient_temp_details   ? 
_diffrn.crystal_id             1 
# 
_diffrn_detector.diffrn_id              1 
_diffrn_detector.detector               CCD 
_diffrn_detector.type                   'MAR CCD 165 mm' 
_diffrn_detector.pdbx_collection_date   2011-11-14 
_diffrn_detector.details                ? 
# 
_diffrn_radiation.diffrn_id                        1 
_diffrn_radiation.wavelength_id                    1 
_diffrn_radiation.pdbx_monochromatic_or_laue_m_l   M 
_diffrn_radiation.monochromator                    ? 
_diffrn_radiation.pdbx_diffrn_protocol             'SINGLE WAVELENGTH' 
_diffrn_radiation.pdbx_scattering_type             x-ray 
# 
_diffrn_radiation_wavelength.id           1 
_diffrn_radiation_wavelength.wavelength   0.9795 
_diffrn_radiation_wavelength.wt           1.0 
# 
_diffrn_source.diffrn_id                   1 
_diffrn_source.source                      SYNCHROTRON 
_diffrn_source.type                        'BSRF BEAMLINE 3W1A' 
_diffrn_source.pdbx_synchrotron_site       BSRF 
_diffrn_source.pdbx_synchrotron_beamline   3W1A 
_diffrn_source.pdbx_wavelength             ? 
_diffrn_source.pdbx_wavelength_list        0.9795 
# 
_reflns.entry_id                     3VPV 
_reflns.observed_criterion_sigma_I   ? 
_reflns.observed_criterion_sigma_F   ? 
_reflns.d_resolution_low             19.794 
_reflns.d_resolution_high            1.8 
_reflns.number_obs                   12200 
_reflns.number_all                   12278 
_reflns.percent_possible_obs         99.4 
_reflns.pdbx_Rmerge_I_obs            0.022 
_reflns.pdbx_Rsym_value              0.022 
_reflns.pdbx_netI_over_sigmaI        36.5 
_reflns.B_iso_Wilson_estimate        16.878 
_reflns.pdbx_redundancy              4.0 
_reflns.R_free_details               ? 
_reflns.limit_h_max                  ? 
_reflns.limit_h_min                  ? 
_reflns.limit_k_max                  ? 
_reflns.limit_k_min                  ? 
_reflns.limit_l_max                  ? 
_reflns.limit_l_min                  ? 
_reflns.observed_criterion_F_max     ? 
_reflns.observed_criterion_F_min     ? 
_reflns.pdbx_chi_squared             ? 
_reflns.pdbx_scaling_rejects         ? 
_reflns.pdbx_ordinal                 1 
_reflns.pdbx_diffrn_id               1 
# 
_reflns_shell.d_res_high                  1.80 
_reflns_shell.d_res_low                   1.90 
_reflns_shell.percent_possible_all        95.7 
_reflns_shell.Rmerge_I_obs                0.047 
_reflns_shell.pdbx_Rsym_value             0.047 
_reflns_shell.meanI_over_sigI_obs         16.0 
_reflns_shell.pdbx_redundancy             4.0 
_reflns_shell.percent_possible_obs        ? 
_reflns_shell.number_unique_all           1771 
_reflns_shell.number_measured_all         ? 
_reflns_shell.number_measured_obs         ? 
_reflns_shell.number_unique_obs           ? 
_reflns_shell.pdbx_chi_squared            ? 
_reflns_shell.pdbx_rejects                ? 
_reflns_shell.pdbx_netI_over_sigmaI_obs   ? 
_reflns_shell.number_possible             ? 
_reflns_shell.Rmerge_F_all                ? 
_reflns_shell.Rmerge_F_obs                ? 
_reflns_shell.Rmerge_I_all                ? 
_reflns_shell.meanI_over_sigI_all         ? 
_reflns_shell.pdbx_Rrim_I_all             ? 
_reflns_shell.pdbx_Rpim_I_all             ? 
_reflns_shell.pdbx_ordinal                1 
_reflns_shell.pdbx_diffrn_id              1 
# 
_refine.entry_id                                 3VPV 
_refine.ls_number_reflns_obs                     12131 
_refine.ls_number_reflns_all                     12200 
_refine.pdbx_ls_sigma_I                          ? 
_refine.pdbx_ls_sigma_F                          0.08 
_refine.pdbx_data_cutoff_high_absF               ? 
_refine.pdbx_data_cutoff_low_absF                ? 
_refine.pdbx_data_cutoff_high_rms_absF           ? 
_refine.ls_d_res_low                             19.794 
_refine.ls_d_res_high                            1.800 
_refine.ls_percent_reflns_obs                    96.00 
_refine.ls_R_factor_obs                          0.1862 
_refine.ls_R_factor_all                          ? 
_refine.ls_R_factor_R_work                       0.1847 
_refine.ls_R_factor_R_free                       0.2160 
_refine.ls_R_factor_R_free_error                 ? 
_refine.ls_R_factor_R_free_error_details         ? 
_refine.ls_percent_reflns_R_free                 4.85 
_refine.ls_number_reflns_R_free                  588 
_refine.ls_number_parameters                     ? 
_refine.ls_number_restraints                     ? 
_refine.correlation_coeff_Fo_to_Fc               ? 
_refine.correlation_coeff_Fo_to_Fc_free          ? 
_refine.B_iso_mean                               16.23 
_refine.aniso_B[1][1]                            -0.4448 
_refine.aniso_B[2][2]                            1.7431 
_refine.aniso_B[3][3]                            -1.2983 
_refine.aniso_B[1][2]                            1.3170 
_refine.aniso_B[1][3]                            1.6702 
_refine.aniso_B[2][3]                            1.8656 
_refine.solvent_model_details                    'FLAT BULK SOLVENT MODEL' 
_refine.solvent_model_param_ksol                 0.406 
_refine.solvent_model_param_bsol                 71.089 
_refine.pdbx_solvent_vdw_probe_radii             1.00 
_refine.pdbx_solvent_ion_probe_radii             ? 
_refine.pdbx_solvent_shrinkage_radii             0.72 
_refine.pdbx_ls_cross_valid_method               ? 
_refine.details                                  ? 
_refine.pdbx_starting_model                      ? 
_refine.pdbx_method_to_determine_struct          SAD 
_refine.pdbx_isotropic_thermal_model             ? 
_refine.pdbx_stereochemistry_target_values       ML 
_refine.pdbx_stereochem_target_val_spec_case     ? 
_refine.pdbx_R_Free_selection_details            Random 
_refine.pdbx_overall_ESU_R                       ? 
_refine.pdbx_overall_ESU_R_Free                  ? 
_refine.overall_SU_ML                            0.21 
_refine.overall_FOM_work_R_set                   0.8631 
_refine.B_iso_max                                43.610 
_refine.B_iso_min                                3.410 
_refine.pdbx_overall_phase_error                 21.3100 
_refine.occupancy_max                            1.000 
_refine.occupancy_min                            1.000 
_refine.ls_redundancy_reflns_obs                 ? 
_refine.overall_SU_B                             ? 
_refine.overall_SU_R_Cruickshank_DPI             ? 
_refine.overall_SU_R_free                        ? 
_refine.ls_wR_factor_R_free                      ? 
_refine.ls_wR_factor_R_work                      ? 
_refine.overall_FOM_free_R_set                   ? 
_refine.pdbx_diffrn_id                           1 
_refine.pdbx_refine_id                           'X-RAY DIFFRACTION' 
_refine.pdbx_TLS_residual_ADP_flag               ? 
_refine.pdbx_overall_SU_R_free_Cruickshank_DPI   ? 
_refine.pdbx_overall_SU_R_Blow_DPI               ? 
_refine.pdbx_overall_SU_R_free_Blow_DPI          ? 
# 
_refine_analyze.entry_id                        3VPV 
_refine_analyze.Luzzati_coordinate_error_obs    0.21 
_refine_analyze.Luzzati_sigma_a_obs             ? 
_refine_analyze.Luzzati_d_res_low_obs           ? 
_refine_analyze.Luzzati_coordinate_error_free   ? 
_refine_analyze.Luzzati_sigma_a_free            ? 
_refine_analyze.Luzzati_d_res_low_free          ? 
_refine_analyze.number_disordered_residues      ? 
_refine_analyze.occupancy_sum_hydrogen          ? 
_refine_analyze.occupancy_sum_non_hydrogen      ? 
_refine_analyze.pdbx_Luzzati_d_res_high_obs     ? 
_refine_analyze.pdbx_refine_id                  'X-RAY DIFFRACTION' 
# 
_refine_hist.pdbx_refine_id                   'X-RAY DIFFRACTION' 
_refine_hist.cycle_id                         LAST 
_refine_hist.pdbx_number_atoms_protein        1281 
_refine_hist.pdbx_number_atoms_nucleic_acid   0 
_refine_hist.pdbx_number_atoms_ligand         0 
_refine_hist.number_atoms_solvent             218 
_refine_hist.number_atoms_total               1499 
_refine_hist.d_res_high                       1.800 
_refine_hist.d_res_low                        19.794 
# 
loop_
_refine_ls_restr.type 
_refine_ls_restr.dev_ideal 
_refine_ls_restr.dev_ideal_target 
_refine_ls_restr.weight 
_refine_ls_restr.number 
_refine_ls_restr.pdbx_restraint_function 
_refine_ls_restr.pdbx_refine_id 
f_bond_d           0.005  ? ? 1303 ? 'X-RAY DIFFRACTION' 
f_angle_d          0.742  ? ? 1775 ? 'X-RAY DIFFRACTION' 
f_dihedral_angle_d 13.816 ? ? 491  ? 'X-RAY DIFFRACTION' 
f_chiral_restr     0.050  ? ? 197  ? 'X-RAY DIFFRACTION' 
f_plane_restr      0.004  ? ? 244  ? 'X-RAY DIFFRACTION' 
# 
loop_
_refine_ls_shell.pdbx_refine_id 
_refine_ls_shell.pdbx_total_number_of_bins_used 
_refine_ls_shell.d_res_high 
_refine_ls_shell.d_res_low 
_refine_ls_shell.number_reflns_R_work 
_refine_ls_shell.R_factor_R_work 
_refine_ls_shell.percent_reflns_obs 
_refine_ls_shell.R_factor_R_free 
_refine_ls_shell.R_factor_R_free_error 
_refine_ls_shell.percent_reflns_R_free 
_refine_ls_shell.number_reflns_R_free 
_refine_ls_shell.number_reflns_all 
_refine_ls_shell.R_factor_all 
_refine_ls_shell.number_reflns_obs 
_refine_ls_shell.redundancy_reflns_obs 
'X-RAY DIFFRACTION' 4 1.8000 1.9810  2819 0.2178 94.00 0.2560 . . 146 . . . . 
'X-RAY DIFFRACTION' 4 1.9810 2.2673  2911 0.1835 96.00 0.2133 . . 150 . . . . 
'X-RAY DIFFRACTION' 4 2.2673 2.8553  2897 0.1901 96.00 0.2354 . . 138 . . . . 
'X-RAY DIFFRACTION' 4 2.8553 19.7956 2916 0.1727 97.00 0.1943 . . 154 . . . . 
# 
_struct.entry_id                  3VPV 
_struct.title                     'Crystal Structure of Pseudomonas aeruginosa Tsi2' 
_struct.pdbx_model_details        ? 
_struct.pdbx_CASP_flag            ? 
_struct.pdbx_model_type_details   ? 
# 
_struct_keywords.entry_id        3VPV 
_struct_keywords.pdbx_keywords   'TOXIN INHIBITOR' 
_struct_keywords.text            'TOXIN INHIBITOR' 
# 
loop_
_struct_asym.id 
_struct_asym.pdbx_blank_PDB_chainid_flag 
_struct_asym.pdbx_modified 
_struct_asym.entity_id 
_struct_asym.details 
A N N 1 ? 
B N N 1 ? 
C N N 2 ? 
D N N 2 ? 
# 
_struct_ref.id                         1 
_struct_ref.db_name                    UNP 
_struct_ref.db_code                    Q9I0D9_PSEAE 
_struct_ref.pdbx_db_accession          Q9I0D9 
_struct_ref.entity_id                  1 
_struct_ref.pdbx_seq_one_letter_code   MNLKPQTLMVAIQCVAARTRELDAQLQNDDPQNAAELEQLLVGYDLAADDLKNAYEQALGQYSGLPPYDRLIEEPAS 
_struct_ref.pdbx_align_begin           1 
_struct_ref.pdbx_db_isoform            ? 
# 
loop_
_struct_ref_seq.align_id 
_struct_ref_seq.ref_id 
_struct_ref_seq.pdbx_PDB_id_code 
_struct_ref_seq.pdbx_strand_id 
_struct_ref_seq.seq_align_beg 
_struct_ref_seq.pdbx_seq_align_beg_ins_code 
_struct_ref_seq.seq_align_end 
_struct_ref_seq.pdbx_seq_align_end_ins_code 
_struct_ref_seq.pdbx_db_accession 
_struct_ref_seq.db_align_beg 
_struct_ref_seq.pdbx_db_align_beg_ins_code 
_struct_ref_seq.db_align_end 
_struct_ref_seq.pdbx_db_align_end_ins_code 
_struct_ref_seq.pdbx_auth_seq_align_beg 
_struct_ref_seq.pdbx_auth_seq_align_end 
1 1 3VPV A 1 ? 77 ? Q9I0D9 1 ? 77 ? 1 77 
2 1 3VPV B 1 ? 77 ? Q9I0D9 1 ? 77 ? 1 77 
# 
loop_
_struct_ref_seq_dif.align_id 
_struct_ref_seq_dif.pdbx_pdb_id_code 
_struct_ref_seq_dif.mon_id 
_struct_ref_seq_dif.pdbx_pdb_strand_id 
_struct_ref_seq_dif.seq_num 
_struct_ref_seq_dif.pdbx_pdb_ins_code 
_struct_ref_seq_dif.pdbx_seq_db_name 
_struct_ref_seq_dif.pdbx_seq_db_accession_code 
_struct_ref_seq_dif.db_mon_id 
_struct_ref_seq_dif.pdbx_seq_db_seq_num 
_struct_ref_seq_dif.details 
_struct_ref_seq_dif.pdbx_auth_seq_num 
_struct_ref_seq_dif.pdbx_ordinal 
1 3VPV LEU A 78 ? UNP Q9I0D9 ? ? 'expression tag' 78 1  
1 3VPV GLU A 79 ? UNP Q9I0D9 ? ? 'expression tag' 79 2  
1 3VPV HIS A 80 ? UNP Q9I0D9 ? ? 'expression tag' 80 3  
1 3VPV HIS A 81 ? UNP Q9I0D9 ? ? 'expression tag' 81 4  
1 3VPV HIS A 82 ? UNP Q9I0D9 ? ? 'expression tag' 82 5  
1 3VPV HIS A 83 ? UNP Q9I0D9 ? ? 'expression tag' 83 6  
1 3VPV HIS A 84 ? UNP Q9I0D9 ? ? 'expression tag' 84 7  
1 3VPV HIS A 85 ? UNP Q9I0D9 ? ? 'expression tag' 85 8  
2 3VPV LEU B 78 ? UNP Q9I0D9 ? ? 'expression tag' 78 9  
2 3VPV GLU B 79 ? UNP Q9I0D9 ? ? 'expression tag' 79 10 
2 3VPV HIS B 80 ? UNP Q9I0D9 ? ? 'expression tag' 80 11 
2 3VPV HIS B 81 ? UNP Q9I0D9 ? ? 'expression tag' 81 12 
2 3VPV HIS B 82 ? UNP Q9I0D9 ? ? 'expression tag' 82 13 
2 3VPV HIS B 83 ? UNP Q9I0D9 ? ? 'expression tag' 83 14 
2 3VPV HIS B 84 ? UNP Q9I0D9 ? ? 'expression tag' 84 15 
2 3VPV HIS B 85 ? UNP Q9I0D9 ? ? 'expression tag' 85 16 
# 
_pdbx_struct_assembly.id                   1 
_pdbx_struct_assembly.details              author_and_software_defined_assembly 
_pdbx_struct_assembly.method_details       PISA 
_pdbx_struct_assembly.oligomeric_details   dimeric 
_pdbx_struct_assembly.oligomeric_count     2 
# 
loop_
_pdbx_struct_assembly_prop.biol_id 
_pdbx_struct_assembly_prop.type 
_pdbx_struct_assembly_prop.value 
_pdbx_struct_assembly_prop.details 
1 'ABSA (A^2)' 1520  ? 
1 MORE         -16   ? 
1 'SSA (A^2)'  11370 ? 
# 
_pdbx_struct_assembly_gen.assembly_id       1 
_pdbx_struct_assembly_gen.oper_expression   1 
_pdbx_struct_assembly_gen.asym_id_list      A,B,C,D 
# 
_pdbx_struct_oper_list.id                   1 
_pdbx_struct_oper_list.type                 'identity operation' 
_pdbx_struct_oper_list.name                 1_555 
_pdbx_struct_oper_list.symmetry_operation   x,y,z 
_pdbx_struct_oper_list.matrix[1][1]         1.0000000000 
_pdbx_struct_oper_list.matrix[1][2]         0.0000000000 
_pdbx_struct_oper_list.matrix[1][3]         0.0000000000 
_pdbx_struct_oper_list.vector[1]            0.0000000000 
_pdbx_struct_oper_list.matrix[2][1]         0.0000000000 
_pdbx_struct_oper_list.matrix[2][2]         1.0000000000 
_pdbx_struct_oper_list.matrix[2][3]         0.0000000000 
_pdbx_struct_oper_list.vector[2]            0.0000000000 
_pdbx_struct_oper_list.matrix[3][1]         0.0000000000 
_pdbx_struct_oper_list.matrix[3][2]         0.0000000000 
_pdbx_struct_oper_list.matrix[3][3]         1.0000000000 
_pdbx_struct_oper_list.vector[3]            0.0000000000 
# 
_struct_biol.id        1 
_struct_biol.details   ? 
# 
loop_
_struct_conf.conf_type_id 
_struct_conf.id 
_struct_conf.pdbx_PDB_helix_id 
_struct_conf.beg_label_comp_id 
_struct_conf.beg_label_asym_id 
_struct_conf.beg_label_seq_id 
_struct_conf.pdbx_beg_PDB_ins_code 
_struct_conf.end_label_comp_id 
_struct_conf.end_label_asym_id 
_struct_conf.end_label_seq_id 
_struct_conf.pdbx_end_PDB_ins_code 
_struct_conf.beg_auth_comp_id 
_struct_conf.beg_auth_asym_id 
_struct_conf.beg_auth_seq_id 
_struct_conf.end_auth_comp_id 
_struct_conf.end_auth_asym_id 
_struct_conf.end_auth_seq_id 
_struct_conf.pdbx_PDB_helix_class 
_struct_conf.details 
_struct_conf.pdbx_PDB_helix_length 
HELX_P HELX_P1 1 LYS A 4  ? GLN A 27 ? LYS A 4  GLN A 27 1 ? 24 
HELX_P HELX_P2 2 ASN A 33 ? ALA A 58 ? ASN A 33 ALA A 58 1 ? 26 
HELX_P HELX_P3 3 PRO A 67 ? ILE A 72 ? PRO A 67 ILE A 72 1 ? 6  
HELX_P HELX_P4 4 GLU A 74 ? GLU A 79 ? GLU A 74 GLU A 79 5 ? 6  
HELX_P HELX_P5 5 LYS B 4  ? ALA B 24 ? LYS B 4  ALA B 24 1 ? 21 
HELX_P HELX_P6 6 GLN B 25 ? ASP B 29 ? GLN B 25 ASP B 29 5 ? 5  
HELX_P HELX_P7 7 ASP B 30 ? GLY B 60 ? ASP B 30 GLY B 60 1 ? 31 
HELX_P HELX_P8 8 PRO B 67 ? GLU B 73 ? PRO B 67 GLU B 73 1 ? 7  
HELX_P HELX_P9 9 PRO B 75 ? GLU B 79 ? PRO B 75 GLU B 79 5 ? 5  
# 
_struct_conf_type.id          HELX_P 
_struct_conf_type.criteria    ? 
_struct_conf_type.reference   ? 
# 
loop_
_struct_conn.id 
_struct_conn.conn_type_id 
_struct_conn.pdbx_leaving_atom_flag 
_struct_conn.pdbx_PDB_id 
_struct_conn.ptnr1_label_asym_id 
_struct_conn.ptnr1_label_comp_id 
_struct_conn.ptnr1_label_seq_id 
_struct_conn.ptnr1_label_atom_id 
_struct_conn.pdbx_ptnr1_label_alt_id 
_struct_conn.pdbx_ptnr1_PDB_ins_code 
_struct_conn.pdbx_ptnr1_standard_comp_id 
_struct_conn.ptnr1_symmetry 
_struct_conn.ptnr2_label_asym_id 
_struct_conn.ptnr2_label_comp_id 
_struct_conn.ptnr2_label_seq_id 
_struct_conn.ptnr2_label_atom_id 
_struct_conn.pdbx_ptnr2_label_alt_id 
_struct_conn.pdbx_ptnr2_PDB_ins_code 
_struct_conn.ptnr1_auth_asym_id 
_struct_conn.ptnr1_auth_comp_id 
_struct_conn.ptnr1_auth_seq_id 
_struct_conn.ptnr2_auth_asym_id 
_struct_conn.ptnr2_auth_comp_id 
_struct_conn.ptnr2_auth_seq_id 
_struct_conn.ptnr2_symmetry 
_struct_conn.pdbx_ptnr3_label_atom_id 
_struct_conn.pdbx_ptnr3_label_seq_id 
_struct_conn.pdbx_ptnr3_label_comp_id 
_struct_conn.pdbx_ptnr3_label_asym_id 
_struct_conn.pdbx_ptnr3_label_alt_id 
_struct_conn.pdbx_ptnr3_PDB_ins_code 
_struct_conn.details 
_struct_conn.pdbx_dist_value 
_struct_conn.pdbx_value_order 
_struct_conn.pdbx_role 
covale1 covale both ? A LEU 8 C ? ? ? 1_555 A MSE 9  N ? ? A LEU 8 A MSE 9  1_555 ? ? ? ? ? ? ? 1.332 ? ? 
covale2 covale both ? A MSE 9 C ? ? ? 1_555 A VAL 10 N ? ? A MSE 9 A VAL 10 1_555 ? ? ? ? ? ? ? 1.331 ? ? 
covale3 covale both ? B LEU 8 C ? ? ? 1_555 B MSE 9  N ? ? B LEU 8 B MSE 9  1_555 ? ? ? ? ? ? ? 1.333 ? ? 
covale4 covale both ? B MSE 9 C ? ? ? 1_555 B VAL 10 N ? ? B MSE 9 B VAL 10 1_555 ? ? ? ? ? ? ? 1.330 ? ? 
# 
_struct_conn_type.id          covale 
_struct_conn_type.criteria    ? 
_struct_conn_type.reference   ? 
# 
loop_
_pdbx_modification_feature.ordinal 
_pdbx_modification_feature.label_comp_id 
_pdbx_modification_feature.label_asym_id 
_pdbx_modification_feature.label_seq_id 
_pdbx_modification_feature.label_alt_id 
_pdbx_modification_feature.modified_residue_label_comp_id 
_pdbx_modification_feature.modified_residue_label_asym_id 
_pdbx_modification_feature.modified_residue_label_seq_id 
_pdbx_modification_feature.modified_residue_label_alt_id 
_pdbx_modification_feature.auth_comp_id 
_pdbx_modification_feature.auth_asym_id 
_pdbx_modification_feature.auth_seq_id 
_pdbx_modification_feature.PDB_ins_code 
_pdbx_modification_feature.symmetry 
_pdbx_modification_feature.modified_residue_auth_comp_id 
_pdbx_modification_feature.modified_residue_auth_asym_id 
_pdbx_modification_feature.modified_residue_auth_seq_id 
_pdbx_modification_feature.modified_residue_PDB_ins_code 
_pdbx_modification_feature.modified_residue_symmetry 
_pdbx_modification_feature.comp_id_linking_atom 
_pdbx_modification_feature.modified_residue_id_linking_atom 
_pdbx_modification_feature.modified_residue_id 
_pdbx_modification_feature.ref_pcm_id 
_pdbx_modification_feature.ref_comp_id 
_pdbx_modification_feature.type 
_pdbx_modification_feature.category 
1 MSE A 9 ? . . . . MSE A 9 ? 1_555 . . . . . . . MET 1 MSE Selenomethionine 'Named protein modification' 
2 MSE B 9 ? . . . . MSE B 9 ? 1_555 . . . . . . . MET 1 MSE Selenomethionine 'Named protein modification' 
# 
_pdbx_entry_details.entry_id                   3VPV 
_pdbx_entry_details.compound_details           ? 
_pdbx_entry_details.source_details             ? 
_pdbx_entry_details.nonpolymer_details         ? 
_pdbx_entry_details.sequence_details           ? 
_pdbx_entry_details.has_ligand_of_interest     ? 
_pdbx_entry_details.has_protein_modification   Y 
# 
loop_
_pdbx_validate_close_contact.id 
_pdbx_validate_close_contact.PDB_model_num 
_pdbx_validate_close_contact.auth_atom_id_1 
_pdbx_validate_close_contact.auth_asym_id_1 
_pdbx_validate_close_contact.auth_comp_id_1 
_pdbx_validate_close_contact.auth_seq_id_1 
_pdbx_validate_close_contact.PDB_ins_code_1 
_pdbx_validate_close_contact.label_alt_id_1 
_pdbx_validate_close_contact.auth_atom_id_2 
_pdbx_validate_close_contact.auth_asym_id_2 
_pdbx_validate_close_contact.auth_comp_id_2 
_pdbx_validate_close_contact.auth_seq_id_2 
_pdbx_validate_close_contact.PDB_ins_code_2 
_pdbx_validate_close_contact.label_alt_id_2 
_pdbx_validate_close_contact.dist 
1  1 O   A HOH 196 ? ? O A HOH 213 ? ? 1.99 
2  1 O   B HOH 156 ? ? O B HOH 162 ? ? 2.06 
3  1 NE2 A GLN 13  ? ? O A HOH 199 ? ? 2.06 
4  1 O   A HOH 225 ? ? O B HOH 178 ? ? 2.09 
5  1 N   B ASN 2   ? ? O B HOH 185 ? ? 2.09 
6  1 O   A HOH 140 ? ? O A HOH 192 ? ? 2.10 
7  1 O   B HOH 136 ? ? O B HOH 182 ? ? 2.15 
8  1 O   A HOH 134 ? ? O A HOH 218 ? ? 2.17 
9  1 O   A HOH 119 ? ? O A HOH 129 ? ? 2.17 
10 1 O   A HOH 189 ? ? O A HOH 198 ? ? 2.17 
11 1 O   A HOH 215 ? ? O A HOH 219 ? ? 2.18 
12 1 O   B HOH 141 ? ? O B HOH 159 ? ? 2.18 
# 
_pdbx_validate_symm_contact.id                1 
_pdbx_validate_symm_contact.PDB_model_num     1 
_pdbx_validate_symm_contact.auth_atom_id_1    O 
_pdbx_validate_symm_contact.auth_asym_id_1    A 
_pdbx_validate_symm_contact.auth_comp_id_1    HOH 
_pdbx_validate_symm_contact.auth_seq_id_1     218 
_pdbx_validate_symm_contact.PDB_ins_code_1    ? 
_pdbx_validate_symm_contact.label_alt_id_1    ? 
_pdbx_validate_symm_contact.site_symmetry_1   1_555 
_pdbx_validate_symm_contact.auth_atom_id_2    O 
_pdbx_validate_symm_contact.auth_asym_id_2    B 
_pdbx_validate_symm_contact.auth_comp_id_2    HOH 
_pdbx_validate_symm_contact.auth_seq_id_2     172 
_pdbx_validate_symm_contact.PDB_ins_code_2    ? 
_pdbx_validate_symm_contact.label_alt_id_2    ? 
_pdbx_validate_symm_contact.site_symmetry_2   1_655 
_pdbx_validate_symm_contact.dist              1.88 
# 
loop_
_pdbx_struct_mod_residue.id 
_pdbx_struct_mod_residue.label_asym_id 
_pdbx_struct_mod_residue.label_comp_id 
_pdbx_struct_mod_residue.label_seq_id 
_pdbx_struct_mod_residue.auth_asym_id 
_pdbx_struct_mod_residue.auth_comp_id 
_pdbx_struct_mod_residue.auth_seq_id 
_pdbx_struct_mod_residue.PDB_ins_code 
_pdbx_struct_mod_residue.parent_comp_id 
_pdbx_struct_mod_residue.details 
1 A MSE 9 A MSE 9 ? MET SELENOMETHIONINE 
2 B MSE 9 B MSE 9 ? MET SELENOMETHIONINE 
# 
loop_
_pdbx_unobs_or_zero_occ_residues.id 
_pdbx_unobs_or_zero_occ_residues.PDB_model_num 
_pdbx_unobs_or_zero_occ_residues.polymer_flag 
_pdbx_unobs_or_zero_occ_residues.occupancy_flag 
_pdbx_unobs_or_zero_occ_residues.auth_asym_id 
_pdbx_unobs_or_zero_occ_residues.auth_comp_id 
_pdbx_unobs_or_zero_occ_residues.auth_seq_id 
_pdbx_unobs_or_zero_occ_residues.PDB_ins_code 
_pdbx_unobs_or_zero_occ_residues.label_asym_id 
_pdbx_unobs_or_zero_occ_residues.label_comp_id 
_pdbx_unobs_or_zero_occ_residues.label_seq_id 
1 1 Y 1 A MSE 1  ? A MSE 1  
2 1 Y 1 B MSE 1  ? B MSE 1  
3 1 Y 1 B HIS 81 ? B HIS 81 
4 1 Y 1 B HIS 82 ? B HIS 82 
5 1 Y 1 B HIS 83 ? B HIS 83 
6 1 Y 1 B HIS 84 ? B HIS 84 
7 1 Y 1 B HIS 85 ? B HIS 85 
# 
loop_
_chem_comp_atom.comp_id 
_chem_comp_atom.atom_id 
_chem_comp_atom.type_symbol 
_chem_comp_atom.pdbx_aromatic_flag 
_chem_comp_atom.pdbx_stereo_config 
_chem_comp_atom.pdbx_ordinal 
ALA N    N  N N 1   
ALA CA   C  N S 2   
ALA C    C  N N 3   
ALA O    O  N N 4   
ALA CB   C  N N 5   
ALA OXT  O  N N 6   
ALA H    H  N N 7   
ALA H2   H  N N 8   
ALA HA   H  N N 9   
ALA HB1  H  N N 10  
ALA HB2  H  N N 11  
ALA HB3  H  N N 12  
ALA HXT  H  N N 13  
ARG N    N  N N 14  
ARG CA   C  N S 15  
ARG C    C  N N 16  
ARG O    O  N N 17  
ARG CB   C  N N 18  
ARG CG   C  N N 19  
ARG CD   C  N N 20  
ARG NE   N  N N 21  
ARG CZ   C  N N 22  
ARG NH1  N  N N 23  
ARG NH2  N  N N 24  
ARG OXT  O  N N 25  
ARG H    H  N N 26  
ARG H2   H  N N 27  
ARG HA   H  N N 28  
ARG HB2  H  N N 29  
ARG HB3  H  N N 30  
ARG HG2  H  N N 31  
ARG HG3  H  N N 32  
ARG HD2  H  N N 33  
ARG HD3  H  N N 34  
ARG HE   H  N N 35  
ARG HH11 H  N N 36  
ARG HH12 H  N N 37  
ARG HH21 H  N N 38  
ARG HH22 H  N N 39  
ARG HXT  H  N N 40  
ASN N    N  N N 41  
ASN CA   C  N S 42  
ASN C    C  N N 43  
ASN O    O  N N 44  
ASN CB   C  N N 45  
ASN CG   C  N N 46  
ASN OD1  O  N N 47  
ASN ND2  N  N N 48  
ASN OXT  O  N N 49  
ASN H    H  N N 50  
ASN H2   H  N N 51  
ASN HA   H  N N 52  
ASN HB2  H  N N 53  
ASN HB3  H  N N 54  
ASN HD21 H  N N 55  
ASN HD22 H  N N 56  
ASN HXT  H  N N 57  
ASP N    N  N N 58  
ASP CA   C  N S 59  
ASP C    C  N N 60  
ASP O    O  N N 61  
ASP CB   C  N N 62  
ASP CG   C  N N 63  
ASP OD1  O  N N 64  
ASP OD2  O  N N 65  
ASP OXT  O  N N 66  
ASP H    H  N N 67  
ASP H2   H  N N 68  
ASP HA   H  N N 69  
ASP HB2  H  N N 70  
ASP HB3  H  N N 71  
ASP HD2  H  N N 72  
ASP HXT  H  N N 73  
CYS N    N  N N 74  
CYS CA   C  N R 75  
CYS C    C  N N 76  
CYS O    O  N N 77  
CYS CB   C  N N 78  
CYS SG   S  N N 79  
CYS OXT  O  N N 80  
CYS H    H  N N 81  
CYS H2   H  N N 82  
CYS HA   H  N N 83  
CYS HB2  H  N N 84  
CYS HB3  H  N N 85  
CYS HG   H  N N 86  
CYS HXT  H  N N 87  
GLN N    N  N N 88  
GLN CA   C  N S 89  
GLN C    C  N N 90  
GLN O    O  N N 91  
GLN CB   C  N N 92  
GLN CG   C  N N 93  
GLN CD   C  N N 94  
GLN OE1  O  N N 95  
GLN NE2  N  N N 96  
GLN OXT  O  N N 97  
GLN H    H  N N 98  
GLN H2   H  N N 99  
GLN HA   H  N N 100 
GLN HB2  H  N N 101 
GLN HB3  H  N N 102 
GLN HG2  H  N N 103 
GLN HG3  H  N N 104 
GLN HE21 H  N N 105 
GLN HE22 H  N N 106 
GLN HXT  H  N N 107 
GLU N    N  N N 108 
GLU CA   C  N S 109 
GLU C    C  N N 110 
GLU O    O  N N 111 
GLU CB   C  N N 112 
GLU CG   C  N N 113 
GLU CD   C  N N 114 
GLU OE1  O  N N 115 
GLU OE2  O  N N 116 
GLU OXT  O  N N 117 
GLU H    H  N N 118 
GLU H2   H  N N 119 
GLU HA   H  N N 120 
GLU HB2  H  N N 121 
GLU HB3  H  N N 122 
GLU HG2  H  N N 123 
GLU HG3  H  N N 124 
GLU HE2  H  N N 125 
GLU HXT  H  N N 126 
GLY N    N  N N 127 
GLY CA   C  N N 128 
GLY C    C  N N 129 
GLY O    O  N N 130 
GLY OXT  O  N N 131 
GLY H    H  N N 132 
GLY H2   H  N N 133 
GLY HA2  H  N N 134 
GLY HA3  H  N N 135 
GLY HXT  H  N N 136 
HIS N    N  N N 137 
HIS CA   C  N S 138 
HIS C    C  N N 139 
HIS O    O  N N 140 
HIS CB   C  N N 141 
HIS CG   C  Y N 142 
HIS ND1  N  Y N 143 
HIS CD2  C  Y N 144 
HIS CE1  C  Y N 145 
HIS NE2  N  Y N 146 
HIS OXT  O  N N 147 
HIS H    H  N N 148 
HIS H2   H  N N 149 
HIS HA   H  N N 150 
HIS HB2  H  N N 151 
HIS HB3  H  N N 152 
HIS HD1  H  N N 153 
HIS HD2  H  N N 154 
HIS HE1  H  N N 155 
HIS HE2  H  N N 156 
HIS HXT  H  N N 157 
HOH O    O  N N 158 
HOH H1   H  N N 159 
HOH H2   H  N N 160 
ILE N    N  N N 161 
ILE CA   C  N S 162 
ILE C    C  N N 163 
ILE O    O  N N 164 
ILE CB   C  N S 165 
ILE CG1  C  N N 166 
ILE CG2  C  N N 167 
ILE CD1  C  N N 168 
ILE OXT  O  N N 169 
ILE H    H  N N 170 
ILE H2   H  N N 171 
ILE HA   H  N N 172 
ILE HB   H  N N 173 
ILE HG12 H  N N 174 
ILE HG13 H  N N 175 
ILE HG21 H  N N 176 
ILE HG22 H  N N 177 
ILE HG23 H  N N 178 
ILE HD11 H  N N 179 
ILE HD12 H  N N 180 
ILE HD13 H  N N 181 
ILE HXT  H  N N 182 
LEU N    N  N N 183 
LEU CA   C  N S 184 
LEU C    C  N N 185 
LEU O    O  N N 186 
LEU CB   C  N N 187 
LEU CG   C  N N 188 
LEU CD1  C  N N 189 
LEU CD2  C  N N 190 
LEU OXT  O  N N 191 
LEU H    H  N N 192 
LEU H2   H  N N 193 
LEU HA   H  N N 194 
LEU HB2  H  N N 195 
LEU HB3  H  N N 196 
LEU HG   H  N N 197 
LEU HD11 H  N N 198 
LEU HD12 H  N N 199 
LEU HD13 H  N N 200 
LEU HD21 H  N N 201 
LEU HD22 H  N N 202 
LEU HD23 H  N N 203 
LEU HXT  H  N N 204 
LYS N    N  N N 205 
LYS CA   C  N S 206 
LYS C    C  N N 207 
LYS O    O  N N 208 
LYS CB   C  N N 209 
LYS CG   C  N N 210 
LYS CD   C  N N 211 
LYS CE   C  N N 212 
LYS NZ   N  N N 213 
LYS OXT  O  N N 214 
LYS H    H  N N 215 
LYS H2   H  N N 216 
LYS HA   H  N N 217 
LYS HB2  H  N N 218 
LYS HB3  H  N N 219 
LYS HG2  H  N N 220 
LYS HG3  H  N N 221 
LYS HD2  H  N N 222 
LYS HD3  H  N N 223 
LYS HE2  H  N N 224 
LYS HE3  H  N N 225 
LYS HZ1  H  N N 226 
LYS HZ2  H  N N 227 
LYS HZ3  H  N N 228 
LYS HXT  H  N N 229 
MSE N    N  N N 230 
MSE CA   C  N S 231 
MSE C    C  N N 232 
MSE O    O  N N 233 
MSE OXT  O  N N 234 
MSE CB   C  N N 235 
MSE CG   C  N N 236 
MSE SE   SE N N 237 
MSE CE   C  N N 238 
MSE H    H  N N 239 
MSE H2   H  N N 240 
MSE HA   H  N N 241 
MSE HXT  H  N N 242 
MSE HB2  H  N N 243 
MSE HB3  H  N N 244 
MSE HG2  H  N N 245 
MSE HG3  H  N N 246 
MSE HE1  H  N N 247 
MSE HE2  H  N N 248 
MSE HE3  H  N N 249 
PRO N    N  N N 250 
PRO CA   C  N S 251 
PRO C    C  N N 252 
PRO O    O  N N 253 
PRO CB   C  N N 254 
PRO CG   C  N N 255 
PRO CD   C  N N 256 
PRO OXT  O  N N 257 
PRO H    H  N N 258 
PRO HA   H  N N 259 
PRO HB2  H  N N 260 
PRO HB3  H  N N 261 
PRO HG2  H  N N 262 
PRO HG3  H  N N 263 
PRO HD2  H  N N 264 
PRO HD3  H  N N 265 
PRO HXT  H  N N 266 
SER N    N  N N 267 
SER CA   C  N S 268 
SER C    C  N N 269 
SER O    O  N N 270 
SER CB   C  N N 271 
SER OG   O  N N 272 
SER OXT  O  N N 273 
SER H    H  N N 274 
SER H2   H  N N 275 
SER HA   H  N N 276 
SER HB2  H  N N 277 
SER HB3  H  N N 278 
SER HG   H  N N 279 
SER HXT  H  N N 280 
THR N    N  N N 281 
THR CA   C  N S 282 
THR C    C  N N 283 
THR O    O  N N 284 
THR CB   C  N R 285 
THR OG1  O  N N 286 
THR CG2  C  N N 287 
THR OXT  O  N N 288 
THR H    H  N N 289 
THR H2   H  N N 290 
THR HA   H  N N 291 
THR HB   H  N N 292 
THR HG1  H  N N 293 
THR HG21 H  N N 294 
THR HG22 H  N N 295 
THR HG23 H  N N 296 
THR HXT  H  N N 297 
TYR N    N  N N 298 
TYR CA   C  N S 299 
TYR C    C  N N 300 
TYR O    O  N N 301 
TYR CB   C  N N 302 
TYR CG   C  Y N 303 
TYR CD1  C  Y N 304 
TYR CD2  C  Y N 305 
TYR CE1  C  Y N 306 
TYR CE2  C  Y N 307 
TYR CZ   C  Y N 308 
TYR OH   O  N N 309 
TYR OXT  O  N N 310 
TYR H    H  N N 311 
TYR H2   H  N N 312 
TYR HA   H  N N 313 
TYR HB2  H  N N 314 
TYR HB3  H  N N 315 
TYR HD1  H  N N 316 
TYR HD2  H  N N 317 
TYR HE1  H  N N 318 
TYR HE2  H  N N 319 
TYR HH   H  N N 320 
TYR HXT  H  N N 321 
VAL N    N  N N 322 
VAL CA   C  N S 323 
VAL C    C  N N 324 
VAL O    O  N N 325 
VAL CB   C  N N 326 
VAL CG1  C  N N 327 
VAL CG2  C  N N 328 
VAL OXT  O  N N 329 
VAL H    H  N N 330 
VAL H2   H  N N 331 
VAL HA   H  N N 332 
VAL HB   H  N N 333 
VAL HG11 H  N N 334 
VAL HG12 H  N N 335 
VAL HG13 H  N N 336 
VAL HG21 H  N N 337 
VAL HG22 H  N N 338 
VAL HG23 H  N N 339 
VAL HXT  H  N N 340 
# 
loop_
_chem_comp_bond.comp_id 
_chem_comp_bond.atom_id_1 
_chem_comp_bond.atom_id_2 
_chem_comp_bond.value_order 
_chem_comp_bond.pdbx_aromatic_flag 
_chem_comp_bond.pdbx_stereo_config 
_chem_comp_bond.pdbx_ordinal 
ALA N   CA   sing N N 1   
ALA N   H    sing N N 2   
ALA N   H2   sing N N 3   
ALA CA  C    sing N N 4   
ALA CA  CB   sing N N 5   
ALA CA  HA   sing N N 6   
ALA C   O    doub N N 7   
ALA C   OXT  sing N N 8   
ALA CB  HB1  sing N N 9   
ALA CB  HB2  sing N N 10  
ALA CB  HB3  sing N N 11  
ALA OXT HXT  sing N N 12  
ARG N   CA   sing N N 13  
ARG N   H    sing N N 14  
ARG N   H2   sing N N 15  
ARG CA  C    sing N N 16  
ARG CA  CB   sing N N 17  
ARG CA  HA   sing N N 18  
ARG C   O    doub N N 19  
ARG C   OXT  sing N N 20  
ARG CB  CG   sing N N 21  
ARG CB  HB2  sing N N 22  
ARG CB  HB3  sing N N 23  
ARG CG  CD   sing N N 24  
ARG CG  HG2  sing N N 25  
ARG CG  HG3  sing N N 26  
ARG CD  NE   sing N N 27  
ARG CD  HD2  sing N N 28  
ARG CD  HD3  sing N N 29  
ARG NE  CZ   sing N N 30  
ARG NE  HE   sing N N 31  
ARG CZ  NH1  sing N N 32  
ARG CZ  NH2  doub N N 33  
ARG NH1 HH11 sing N N 34  
ARG NH1 HH12 sing N N 35  
ARG NH2 HH21 sing N N 36  
ARG NH2 HH22 sing N N 37  
ARG OXT HXT  sing N N 38  
ASN N   CA   sing N N 39  
ASN N   H    sing N N 40  
ASN N   H2   sing N N 41  
ASN CA  C    sing N N 42  
ASN CA  CB   sing N N 43  
ASN CA  HA   sing N N 44  
ASN C   O    doub N N 45  
ASN C   OXT  sing N N 46  
ASN CB  CG   sing N N 47  
ASN CB  HB2  sing N N 48  
ASN CB  HB3  sing N N 49  
ASN CG  OD1  doub N N 50  
ASN CG  ND2  sing N N 51  
ASN ND2 HD21 sing N N 52  
ASN ND2 HD22 sing N N 53  
ASN OXT HXT  sing N N 54  
ASP N   CA   sing N N 55  
ASP N   H    sing N N 56  
ASP N   H2   sing N N 57  
ASP CA  C    sing N N 58  
ASP CA  CB   sing N N 59  
ASP CA  HA   sing N N 60  
ASP C   O    doub N N 61  
ASP C   OXT  sing N N 62  
ASP CB  CG   sing N N 63  
ASP CB  HB2  sing N N 64  
ASP CB  HB3  sing N N 65  
ASP CG  OD1  doub N N 66  
ASP CG  OD2  sing N N 67  
ASP OD2 HD2  sing N N 68  
ASP OXT HXT  sing N N 69  
CYS N   CA   sing N N 70  
CYS N   H    sing N N 71  
CYS N   H2   sing N N 72  
CYS CA  C    sing N N 73  
CYS CA  CB   sing N N 74  
CYS CA  HA   sing N N 75  
CYS C   O    doub N N 76  
CYS C   OXT  sing N N 77  
CYS CB  SG   sing N N 78  
CYS CB  HB2  sing N N 79  
CYS CB  HB3  sing N N 80  
CYS SG  HG   sing N N 81  
CYS OXT HXT  sing N N 82  
GLN N   CA   sing N N 83  
GLN N   H    sing N N 84  
GLN N   H2   sing N N 85  
GLN CA  C    sing N N 86  
GLN CA  CB   sing N N 87  
GLN CA  HA   sing N N 88  
GLN C   O    doub N N 89  
GLN C   OXT  sing N N 90  
GLN CB  CG   sing N N 91  
GLN CB  HB2  sing N N 92  
GLN CB  HB3  sing N N 93  
GLN CG  CD   sing N N 94  
GLN CG  HG2  sing N N 95  
GLN CG  HG3  sing N N 96  
GLN CD  OE1  doub N N 97  
GLN CD  NE2  sing N N 98  
GLN NE2 HE21 sing N N 99  
GLN NE2 HE22 sing N N 100 
GLN OXT HXT  sing N N 101 
GLU N   CA   sing N N 102 
GLU N   H    sing N N 103 
GLU N   H2   sing N N 104 
GLU CA  C    sing N N 105 
GLU CA  CB   sing N N 106 
GLU CA  HA   sing N N 107 
GLU C   O    doub N N 108 
GLU C   OXT  sing N N 109 
GLU CB  CG   sing N N 110 
GLU CB  HB2  sing N N 111 
GLU CB  HB3  sing N N 112 
GLU CG  CD   sing N N 113 
GLU CG  HG2  sing N N 114 
GLU CG  HG3  sing N N 115 
GLU CD  OE1  doub N N 116 
GLU CD  OE2  sing N N 117 
GLU OE2 HE2  sing N N 118 
GLU OXT HXT  sing N N 119 
GLY N   CA   sing N N 120 
GLY N   H    sing N N 121 
GLY N   H2   sing N N 122 
GLY CA  C    sing N N 123 
GLY CA  HA2  sing N N 124 
GLY CA  HA3  sing N N 125 
GLY C   O    doub N N 126 
GLY C   OXT  sing N N 127 
GLY OXT HXT  sing N N 128 
HIS N   CA   sing N N 129 
HIS N   H    sing N N 130 
HIS N   H2   sing N N 131 
HIS CA  C    sing N N 132 
HIS CA  CB   sing N N 133 
HIS CA  HA   sing N N 134 
HIS C   O    doub N N 135 
HIS C   OXT  sing N N 136 
HIS CB  CG   sing N N 137 
HIS CB  HB2  sing N N 138 
HIS CB  HB3  sing N N 139 
HIS CG  ND1  sing Y N 140 
HIS CG  CD2  doub Y N 141 
HIS ND1 CE1  doub Y N 142 
HIS ND1 HD1  sing N N 143 
HIS CD2 NE2  sing Y N 144 
HIS CD2 HD2  sing N N 145 
HIS CE1 NE2  sing Y N 146 
HIS CE1 HE1  sing N N 147 
HIS NE2 HE2  sing N N 148 
HIS OXT HXT  sing N N 149 
HOH O   H1   sing N N 150 
HOH O   H2   sing N N 151 
ILE N   CA   sing N N 152 
ILE N   H    sing N N 153 
ILE N   H2   sing N N 154 
ILE CA  C    sing N N 155 
ILE CA  CB   sing N N 156 
ILE CA  HA   sing N N 157 
ILE C   O    doub N N 158 
ILE C   OXT  sing N N 159 
ILE CB  CG1  sing N N 160 
ILE CB  CG2  sing N N 161 
ILE CB  HB   sing N N 162 
ILE CG1 CD1  sing N N 163 
ILE CG1 HG12 sing N N 164 
ILE CG1 HG13 sing N N 165 
ILE CG2 HG21 sing N N 166 
ILE CG2 HG22 sing N N 167 
ILE CG2 HG23 sing N N 168 
ILE CD1 HD11 sing N N 169 
ILE CD1 HD12 sing N N 170 
ILE CD1 HD13 sing N N 171 
ILE OXT HXT  sing N N 172 
LEU N   CA   sing N N 173 
LEU N   H    sing N N 174 
LEU N   H2   sing N N 175 
LEU CA  C    sing N N 176 
LEU CA  CB   sing N N 177 
LEU CA  HA   sing N N 178 
LEU C   O    doub N N 179 
LEU C   OXT  sing N N 180 
LEU CB  CG   sing N N 181 
LEU CB  HB2  sing N N 182 
LEU CB  HB3  sing N N 183 
LEU CG  CD1  sing N N 184 
LEU CG  CD2  sing N N 185 
LEU CG  HG   sing N N 186 
LEU CD1 HD11 sing N N 187 
LEU CD1 HD12 sing N N 188 
LEU CD1 HD13 sing N N 189 
LEU CD2 HD21 sing N N 190 
LEU CD2 HD22 sing N N 191 
LEU CD2 HD23 sing N N 192 
LEU OXT HXT  sing N N 193 
LYS N   CA   sing N N 194 
LYS N   H    sing N N 195 
LYS N   H2   sing N N 196 
LYS CA  C    sing N N 197 
LYS CA  CB   sing N N 198 
LYS CA  HA   sing N N 199 
LYS C   O    doub N N 200 
LYS C   OXT  sing N N 201 
LYS CB  CG   sing N N 202 
LYS CB  HB2  sing N N 203 
LYS CB  HB3  sing N N 204 
LYS CG  CD   sing N N 205 
LYS CG  HG2  sing N N 206 
LYS CG  HG3  sing N N 207 
LYS CD  CE   sing N N 208 
LYS CD  HD2  sing N N 209 
LYS CD  HD3  sing N N 210 
LYS CE  NZ   sing N N 211 
LYS CE  HE2  sing N N 212 
LYS CE  HE3  sing N N 213 
LYS NZ  HZ1  sing N N 214 
LYS NZ  HZ2  sing N N 215 
LYS NZ  HZ3  sing N N 216 
LYS OXT HXT  sing N N 217 
MSE N   CA   sing N N 218 
MSE N   H    sing N N 219 
MSE N   H2   sing N N 220 
MSE CA  C    sing N N 221 
MSE CA  CB   sing N N 222 
MSE CA  HA   sing N N 223 
MSE C   O    doub N N 224 
MSE C   OXT  sing N N 225 
MSE OXT HXT  sing N N 226 
MSE CB  CG   sing N N 227 
MSE CB  HB2  sing N N 228 
MSE CB  HB3  sing N N 229 
MSE CG  SE   sing N N 230 
MSE CG  HG2  sing N N 231 
MSE CG  HG3  sing N N 232 
MSE SE  CE   sing N N 233 
MSE CE  HE1  sing N N 234 
MSE CE  HE2  sing N N 235 
MSE CE  HE3  sing N N 236 
PRO N   CA   sing N N 237 
PRO N   CD   sing N N 238 
PRO N   H    sing N N 239 
PRO CA  C    sing N N 240 
PRO CA  CB   sing N N 241 
PRO CA  HA   sing N N 242 
PRO C   O    doub N N 243 
PRO C   OXT  sing N N 244 
PRO CB  CG   sing N N 245 
PRO CB  HB2  sing N N 246 
PRO CB  HB3  sing N N 247 
PRO CG  CD   sing N N 248 
PRO CG  HG2  sing N N 249 
PRO CG  HG3  sing N N 250 
PRO CD  HD2  sing N N 251 
PRO CD  HD3  sing N N 252 
PRO OXT HXT  sing N N 253 
SER N   CA   sing N N 254 
SER N   H    sing N N 255 
SER N   H2   sing N N 256 
SER CA  C    sing N N 257 
SER CA  CB   sing N N 258 
SER CA  HA   sing N N 259 
SER C   O    doub N N 260 
SER C   OXT  sing N N 261 
SER CB  OG   sing N N 262 
SER CB  HB2  sing N N 263 
SER CB  HB3  sing N N 264 
SER OG  HG   sing N N 265 
SER OXT HXT  sing N N 266 
THR N   CA   sing N N 267 
THR N   H    sing N N 268 
THR N   H2   sing N N 269 
THR CA  C    sing N N 270 
THR CA  CB   sing N N 271 
THR CA  HA   sing N N 272 
THR C   O    doub N N 273 
THR C   OXT  sing N N 274 
THR CB  OG1  sing N N 275 
THR CB  CG2  sing N N 276 
THR CB  HB   sing N N 277 
THR OG1 HG1  sing N N 278 
THR CG2 HG21 sing N N 279 
THR CG2 HG22 sing N N 280 
THR CG2 HG23 sing N N 281 
THR OXT HXT  sing N N 282 
TYR N   CA   sing N N 283 
TYR N   H    sing N N 284 
TYR N   H2   sing N N 285 
TYR CA  C    sing N N 286 
TYR CA  CB   sing N N 287 
TYR CA  HA   sing N N 288 
TYR C   O    doub N N 289 
TYR C   OXT  sing N N 290 
TYR CB  CG   sing N N 291 
TYR CB  HB2  sing N N 292 
TYR CB  HB3  sing N N 293 
TYR CG  CD1  doub Y N 294 
TYR CG  CD2  sing Y N 295 
TYR CD1 CE1  sing Y N 296 
TYR CD1 HD1  sing N N 297 
TYR CD2 CE2  doub Y N 298 
TYR CD2 HD2  sing N N 299 
TYR CE1 CZ   doub Y N 300 
TYR CE1 HE1  sing N N 301 
TYR CE2 CZ   sing Y N 302 
TYR CE2 HE2  sing N N 303 
TYR CZ  OH   sing N N 304 
TYR OH  HH   sing N N 305 
TYR OXT HXT  sing N N 306 
VAL N   CA   sing N N 307 
VAL N   H    sing N N 308 
VAL N   H2   sing N N 309 
VAL CA  C    sing N N 310 
VAL CA  CB   sing N N 311 
VAL CA  HA   sing N N 312 
VAL C   O    doub N N 313 
VAL C   OXT  sing N N 314 
VAL CB  CG1  sing N N 315 
VAL CB  CG2  sing N N 316 
VAL CB  HB   sing N N 317 
VAL CG1 HG11 sing N N 318 
VAL CG1 HG12 sing N N 319 
VAL CG1 HG13 sing N N 320 
VAL CG2 HG21 sing N N 321 
VAL CG2 HG22 sing N N 322 
VAL CG2 HG23 sing N N 323 
VAL OXT HXT  sing N N 324 
# 
_atom_sites.entry_id                    3VPV 
_atom_sites.fract_transf_matrix[1][1]   0.00238014 
_atom_sites.fract_transf_matrix[1][2]   -0.00427351 
_atom_sites.fract_transf_matrix[1][3]   0.03546474 
_atom_sites.fract_transf_matrix[2][1]   0.02247172 
_atom_sites.fract_transf_matrix[2][2]   -0.02115848 
_atom_sites.fract_transf_matrix[2][3]   0.00042109 
_atom_sites.fract_transf_matrix[3][1]   0.02506307 
_atom_sites.fract_transf_matrix[3][2]   0.01189921 
_atom_sites.fract_transf_matrix[3][3]   0.00394205 
_atom_sites.fract_transf_vector[1]      0.386267 
_atom_sites.fract_transf_vector[2]      -0.161690 
_atom_sites.fract_transf_vector[3]      0.108583 
# 
loop_
_atom_type.symbol 
C  
N  
O  
S  
SE 
# 
loop_
_atom_site.group_PDB 
_atom_site.id 
_atom_site.type_symbol 
_atom_site.label_atom_id 
_atom_site.label_alt_id 
_atom_site.label_comp_id 
_atom_site.label_asym_id 
_atom_site.label_entity_id 
_atom_site.label_seq_id 
_atom_site.pdbx_PDB_ins_code 
_atom_site.Cartn_x 
_atom_site.Cartn_y 
_atom_site.Cartn_z 
_atom_site.occupancy 
_atom_site.B_iso_or_equiv 
_atom_site.pdbx_formal_charge 
_atom_site.auth_seq_id 
_atom_site.auth_comp_id 
_atom_site.auth_asym_id 
_atom_site.auth_atom_id 
_atom_site.pdbx_PDB_model_num 
ATOM   1    N  N   . ASN A 1 2  ? -11.460 -12.535 -4.290  1.00 28.18 ? 2   ASN A N   1 
ATOM   2    C  CA  . ASN A 1 2  ? -12.461 -11.678 -4.908  1.00 29.35 ? 2   ASN A CA  1 
ATOM   3    C  C   . ASN A 1 2  ? -11.893 -10.322 -5.291  1.00 27.37 ? 2   ASN A C   1 
ATOM   4    O  O   . ASN A 1 2  ? -12.633 -9.363  -5.514  1.00 29.25 ? 2   ASN A O   1 
ATOM   5    C  CB  . ASN A 1 2  ? -13.681 -11.524 -4.002  1.00 26.53 ? 2   ASN A CB  1 
ATOM   6    C  CG  . ASN A 1 2  ? -14.580 -12.736 -4.041  1.00 34.20 ? 2   ASN A CG  1 
ATOM   7    O  OD1 . ASN A 1 2  ? -14.234 -13.793 -3.516  1.00 43.04 ? 2   ASN A OD1 1 
ATOM   8    N  ND2 . ASN A 1 2  ? -15.741 -12.595 -4.673  1.00 34.23 ? 2   ASN A ND2 1 
ATOM   9    N  N   . LEU A 1 3  ? -10.569 -10.251 -5.358  1.00 26.09 ? 3   LEU A N   1 
ATOM   10   C  CA  . LEU A 1 3  ? -9.896  -9.071  -5.881  1.00 14.15 ? 3   LEU A CA  1 
ATOM   11   C  C   . LEU A 1 3  ? -9.179  -9.450  -7.172  1.00 16.09 ? 3   LEU A C   1 
ATOM   12   O  O   . LEU A 1 3  ? -8.654  -10.560 -7.296  1.00 12.97 ? 3   LEU A O   1 
ATOM   13   C  CB  . LEU A 1 3  ? -8.895  -8.516  -4.862  1.00 11.07 ? 3   LEU A CB  1 
ATOM   14   C  CG  . LEU A 1 3  ? -9.435  -8.095  -3.490  1.00 11.80 ? 3   LEU A CG  1 
ATOM   15   C  CD1 . LEU A 1 3  ? -8.279  -7.816  -2.534  1.00 11.86 ? 3   LEU A CD1 1 
ATOM   16   C  CD2 . LEU A 1 3  ? -10.363 -6.888  -3.604  1.00 11.92 ? 3   LEU A CD2 1 
ATOM   17   N  N   . LYS A 1 4  ? -9.170  -8.529  -8.132  1.00 11.37 ? 4   LYS A N   1 
ATOM   18   C  CA  . LYS A 1 4  ? -8.450  -8.726  -9.390  1.00 9.00  ? 4   LYS A CA  1 
ATOM   19   C  C   . LYS A 1 4  ? -6.938  -8.749  -9.154  1.00 9.95  ? 4   LYS A C   1 
ATOM   20   O  O   . LYS A 1 4  ? -6.449  -8.135  -8.208  1.00 8.10  ? 4   LYS A O   1 
ATOM   21   C  CB  . LYS A 1 4  ? -8.806  -7.610  -10.377 1.00 9.04  ? 4   LYS A CB  1 
ATOM   22   C  CG  . LYS A 1 4  ? -10.259 -7.606  -10.846 1.00 12.45 ? 4   LYS A CG  1 
ATOM   23   C  CD  . LYS A 1 4  ? -10.575 -8.841  -11.678 1.00 21.81 ? 4   LYS A CD  1 
ATOM   24   C  CE  . LYS A 1 4  ? -12.032 -8.870  -12.138 1.00 27.22 ? 4   LYS A CE  1 
ATOM   25   N  NZ  . LYS A 1 4  ? -12.320 -7.864  -13.198 1.00 24.35 ? 4   LYS A NZ  1 
ATOM   26   N  N   . PRO A 1 5  ? -6.193  -9.464  -10.013 1.00 6.70  ? 5   PRO A N   1 
ATOM   27   C  CA  . PRO A 1 5  ? -4.726  -9.497  -9.920  1.00 12.04 ? 5   PRO A CA  1 
ATOM   28   C  C   . PRO A 1 5  ? -4.087  -8.105  -9.879  1.00 9.16  ? 5   PRO A C   1 
ATOM   29   O  O   . PRO A 1 5  ? -3.140  -7.888  -9.120  1.00 9.26  ? 5   PRO A O   1 
ATOM   30   C  CB  . PRO A 1 5  ? -4.315  -10.237 -11.198 1.00 10.12 ? 5   PRO A CB  1 
ATOM   31   C  CG  . PRO A 1 5  ? -5.469  -11.135 -11.482 1.00 10.08 ? 5   PRO A CG  1 
ATOM   32   C  CD  . PRO A 1 5  ? -6.699  -10.361 -11.068 1.00 10.44 ? 5   PRO A CD  1 
ATOM   33   N  N   . GLN A 1 6  ? -4.598  -7.179  -10.686 1.00 7.48  ? 6   GLN A N   1 
ATOM   34   C  CA  . GLN A 1 6  ? -4.061  -5.824  -10.730 1.00 12.18 ? 6   GLN A CA  1 
ATOM   35   C  C   . GLN A 1 6  ? -4.264  -5.110  -9.396  1.00 7.01  ? 6   GLN A C   1 
ATOM   36   O  O   . GLN A 1 6  ? -3.398  -4.356  -8.947  1.00 9.75  ? 6   GLN A O   1 
ATOM   37   C  CB  . GLN A 1 6  ? -4.717  -5.021  -11.855 1.00 14.53 ? 6   GLN A CB  1 
ATOM   38   C  CG  . GLN A 1 6  ? -4.012  -3.711  -12.173 1.00 27.19 ? 6   GLN A CG  1 
ATOM   39   C  CD  . GLN A 1 6  ? -2.732  -3.920  -12.954 1.00 23.97 ? 6   GLN A CD  1 
ATOM   40   O  OE1 . GLN A 1 6  ? -2.507  -4.989  -13.518 1.00 26.84 ? 6   GLN A OE1 1 
ATOM   41   N  NE2 . GLN A 1 6  ? -1.886  -2.896  -12.993 1.00 29.60 ? 6   GLN A NE2 1 
ATOM   42   N  N   . THR A 1 7  ? -5.413  -5.349  -8.769  1.00 6.45  ? 7   THR A N   1 
ATOM   43   C  CA  . THR A 1 7  ? -5.705  -4.801  -7.445  1.00 6.90  ? 7   THR A CA  1 
ATOM   44   C  C   . THR A 1 7  ? -4.752  -5.361  -6.377  1.00 10.22 ? 7   THR A C   1 
ATOM   45   O  O   . THR A 1 7  ? -4.251  -4.624  -5.524  1.00 7.94  ? 7   THR A O   1 
ATOM   46   C  CB  . THR A 1 7  ? -7.171  -5.080  -7.035  1.00 7.17  ? 7   THR A CB  1 
ATOM   47   O  OG1 . THR A 1 7  ? -8.063  -4.389  -7.918  1.00 9.26  ? 7   THR A OG1 1 
ATOM   48   C  CG2 . THR A 1 7  ? -7.434  -4.623  -5.615  1.00 6.81  ? 7   THR A CG2 1 
ATOM   49   N  N   . LEU A 1 8  ? -4.502  -6.666  -6.426  1.00 7.41  ? 8   LEU A N   1 
ATOM   50   C  CA  . LEU A 1 8  ? -3.561  -7.297  -5.492  1.00 6.65  ? 8   LEU A CA  1 
ATOM   51   C  C   . LEU A 1 8  ? -2.142  -6.743  -5.648  1.00 8.31  ? 8   LEU A C   1 
ATOM   52   O  O   . LEU A 1 8  ? -1.444  -6.516  -4.651  1.00 7.29  ? 8   LEU A O   1 
ATOM   53   C  CB  . LEU A 1 8  ? -3.562  -8.823  -5.664  1.00 7.68  ? 8   LEU A CB  1 
ATOM   54   C  CG  . LEU A 1 8  ? -4.822  -9.579  -5.226  1.00 7.61  ? 8   LEU A CG  1 
ATOM   55   C  CD1 . LEU A 1 8  ? -4.862  -10.975 -5.832  1.00 11.47 ? 8   LEU A CD1 1 
ATOM   56   C  CD2 . LEU A 1 8  ? -4.910  -9.663  -3.715  1.00 9.97  ? 8   LEU A CD2 1 
HETATM 57   N  N   . MSE A 1 9  ? -1.716  -6.516  -6.890  1.00 6.59  ? 9   MSE A N   1 
HETATM 58   C  CA  . MSE A 1 9  ? -0.388  -5.951  -7.141  1.00 7.83  ? 9   MSE A CA  1 
HETATM 59   C  C   . MSE A 1 9  ? -0.248  -4.543  -6.547  1.00 9.89  ? 9   MSE A C   1 
HETATM 60   O  O   . MSE A 1 9  ? 0.775   -4.219  -5.947  1.00 6.72  ? 9   MSE A O   1 
HETATM 61   C  CB  . MSE A 1 9  ? -0.032  -5.969  -8.643  1.00 8.89  ? 9   MSE A CB  1 
HETATM 62   C  CG  . MSE A 1 9  ? 0.312   -7.366  -9.191  1.00 7.48  ? 9   MSE A CG  1 
HETATM 63   SE SE  . MSE A 1 9  ? 0.971   -7.402  -11.047 1.00 18.99 ? 9   MSE A SE  1 
HETATM 64   C  CE  . MSE A 1 9  ? -0.716  -7.139  -11.963 1.00 16.58 ? 9   MSE A CE  1 
ATOM   65   N  N   . VAL A 1 10 ? -1.279  -3.715  -6.702  1.00 7.15  ? 10  VAL A N   1 
ATOM   66   C  CA  . VAL A 1 10 ? -1.240  -2.358  -6.168  1.00 7.44  ? 10  VAL A CA  1 
ATOM   67   C  C   . VAL A 1 10 ? -1.200  -2.363  -4.635  1.00 7.67  ? 10  VAL A C   1 
ATOM   68   O  O   . VAL A 1 10 ? -0.404  -1.645  -4.023  1.00 8.38  ? 10  VAL A O   1 
ATOM   69   C  CB  . VAL A 1 10 ? -2.427  -1.501  -6.672  1.00 6.84  ? 10  VAL A CB  1 
ATOM   70   C  CG1 . VAL A 1 10 ? -2.530  -0.216  -5.864  1.00 7.99  ? 10  VAL A CG1 1 
ATOM   71   C  CG2 . VAL A 1 10 ? -2.280  -1.185  -8.166  1.00 7.16  ? 10  VAL A CG2 1 
ATOM   72   N  N   . ALA A 1 11 ? -2.049  -3.182  -4.017  1.00 6.30  ? 11  ALA A N   1 
ATOM   73   C  CA  . ALA A 1 11 ? -2.082  -3.291  -2.557  1.00 6.11  ? 11  ALA A CA  1 
ATOM   74   C  C   . ALA A 1 11 ? -0.746  -3.754  -1.980  1.00 7.53  ? 11  ALA A C   1 
ATOM   75   O  O   . ALA A 1 11 ? -0.254  -3.187  -1.005  1.00 8.75  ? 11  ALA A O   1 
ATOM   76   C  CB  . ALA A 1 11 ? -3.220  -4.227  -2.107  1.00 7.27  ? 11  ALA A CB  1 
ATOM   77   N  N   . ILE A 1 12 ? -0.165  -4.786  -2.587  1.00 7.57  ? 12  ILE A N   1 
ATOM   78   C  CA  . ILE A 1 12 ? 1.125   -5.316  -2.154  1.00 7.40  ? 12  ILE A CA  1 
ATOM   79   C  C   . ILE A 1 12 ? 2.222   -4.242  -2.192  1.00 8.95  ? 12  ILE A C   1 
ATOM   80   O  O   . ILE A 1 12 ? 2.999   -4.098  -1.247  1.00 7.85  ? 12  ILE A O   1 
ATOM   81   C  CB  . ILE A 1 12 ? 1.542   -6.536  -3.012  1.00 7.29  ? 12  ILE A CB  1 
ATOM   82   C  CG1 . ILE A 1 12 ? 0.683   -7.746  -2.643  1.00 7.61  ? 12  ILE A CG1 1 
ATOM   83   C  CG2 . ILE A 1 12 ? 3.022   -6.866  -2.820  1.00 7.22  ? 12  ILE A CG2 1 
ATOM   84   C  CD1 . ILE A 1 12 ? 0.851   -8.936  -3.562  1.00 8.05  ? 12  ILE A CD1 1 
ATOM   85   N  N   . GLN A 1 13 ? 2.273   -3.477  -3.277  1.00 7.00  ? 13  GLN A N   1 
ATOM   86   C  CA  . GLN A 1 13 ? 3.319   -2.471  -3.418  1.00 10.78 ? 13  GLN A CA  1 
ATOM   87   C  C   . GLN A 1 13 ? 3.087   -1.259  -2.513  1.00 9.07  ? 13  GLN A C   1 
ATOM   88   O  O   . GLN A 1 13 ? 4.045   -0.652  -2.031  1.00 9.60  ? 13  GLN A O   1 
ATOM   89   C  CB  . GLN A 1 13 ? 3.504   -2.081  -4.889  1.00 14.87 ? 13  GLN A CB  1 
ATOM   90   C  CG  . GLN A 1 13 ? 3.611   -3.309  -5.798  1.00 12.86 ? 13  GLN A CG  1 
ATOM   91   C  CD  . GLN A 1 13 ? 4.521   -3.125  -6.996  1.00 18.39 ? 13  GLN A CD  1 
ATOM   92   O  OE1 . GLN A 1 13 ? 5.740   -3.301  -6.898  1.00 20.86 ? 13  GLN A OE1 1 
ATOM   93   N  NE2 . GLN A 1 13 ? 3.932   -2.796  -8.143  1.00 17.36 ? 13  GLN A NE2 1 
ATOM   94   N  N   . CYS A 1 14 ? 1.825   -0.922  -2.261  1.00 7.25  ? 14  CYS A N   1 
ATOM   95   C  CA  . CYS A 1 14 ? 1.510   0.190   -1.365  1.00 6.99  ? 14  CYS A CA  1 
ATOM   96   C  C   . CYS A 1 14 ? 1.805   -0.159  0.101   1.00 9.65  ? 14  CYS A C   1 
ATOM   97   O  O   . CYS A 1 14 ? 2.330   0.668   0.848   1.00 10.46 ? 14  CYS A O   1 
ATOM   98   C  CB  . CYS A 1 14 ? 0.063   0.666   -1.540  1.00 8.11  ? 14  CYS A CB  1 
ATOM   99   S  SG  . CYS A 1 14 ? -0.242  1.751   -2.983  1.00 10.82 ? 14  CYS A SG  1 
ATOM   100  N  N   . VAL A 1 15 ? 1.481   -1.382  0.510   1.00 8.24  ? 15  VAL A N   1 
ATOM   101  C  CA  . VAL A 1 15 ? 1.788   -1.827  1.868   1.00 9.27  ? 15  VAL A CA  1 
ATOM   102  C  C   . VAL A 1 15 ? 3.297   -1.916  2.090   1.00 11.45 ? 15  VAL A C   1 
ATOM   103  O  O   . VAL A 1 15 ? 3.796   -1.543  3.151   1.00 12.11 ? 15  VAL A O   1 
ATOM   104  C  CB  . VAL A 1 15 ? 1.135   -3.192  2.191   1.00 8.43  ? 15  VAL A CB  1 
ATOM   105  C  CG1 . VAL A 1 15 ? 1.639   -3.723  3.527   1.00 8.53  ? 15  VAL A CG1 1 
ATOM   106  C  CG2 . VAL A 1 15 ? -0.371  -3.058  2.208   1.00 6.69  ? 15  VAL A CG2 1 
ATOM   107  N  N   . ALA A 1 16 ? 4.023   -2.394  1.083   1.00 8.65  ? 16  ALA A N   1 
ATOM   108  C  CA  . ALA A 1 16 ? 5.479   -2.461  1.172   1.00 13.18 ? 16  ALA A CA  1 
ATOM   109  C  C   . ALA A 1 16 ? 6.108   -1.066  1.297   1.00 12.25 ? 16  ALA A C   1 
ATOM   110  O  O   . ALA A 1 16 ? 7.067   -0.875  2.042   1.00 14.75 ? 16  ALA A O   1 
ATOM   111  C  CB  . ALA A 1 16 ? 6.061   -3.217  -0.028  1.00 11.88 ? 16  ALA A CB  1 
ATOM   112  N  N   . ALA A 1 17 ? 5.551   -0.099  0.572   1.00 10.84 ? 17  ALA A N   1 
ATOM   113  C  CA  . ALA A 1 17 ? 6.076   1.268   0.566   1.00 13.07 ? 17  ALA A CA  1 
ATOM   114  C  C   . ALA A 1 17 ? 5.875   1.968   1.905   1.00 12.81 ? 17  ALA A C   1 
ATOM   115  O  O   . ALA A 1 17 ? 6.766   2.671   2.383   1.00 13.89 ? 17  ALA A O   1 
ATOM   116  C  CB  . ALA A 1 17 ? 5.442   2.072   -0.548  1.00 14.33 ? 17  ALA A CB  1 
ATOM   117  N  N   . ARG A 1 18 ? 4.703   1.787   2.509   1.00 10.59 ? 18  ARG A N   1 
ATOM   118  C  CA  . ARG A 1 18 ? 4.454   2.359   3.832   1.00 11.84 ? 18  ARG A CA  1 
ATOM   119  C  C   . ARG A 1 18 ? 5.311   1.681   4.899   1.00 13.51 ? 18  ARG A C   1 
ATOM   120  O  O   . ARG A 1 18 ? 5.733   2.320   5.859   1.00 12.13 ? 18  ARG A O   1 
ATOM   121  C  CB  . ARG A 1 18 ? 2.975   2.262   4.217   1.00 13.30 ? 18  ARG A CB  1 
ATOM   122  C  CG  . ARG A 1 18 ? 2.039   3.162   3.412   1.00 12.41 ? 18  ARG A CG  1 
ATOM   123  C  CD  . ARG A 1 18 ? 2.235   4.651   3.732   1.00 13.76 ? 18  ARG A CD  1 
ATOM   124  N  NE  . ARG A 1 18 ? 2.057   4.932   5.154   1.00 22.98 ? 18  ARG A NE  1 
ATOM   125  C  CZ  . ARG A 1 18 ? 2.815   5.775   5.854   1.00 25.46 ? 18  ARG A CZ  1 
ATOM   126  N  NH1 . ARG A 1 18 ? 3.804   6.430   5.260   1.00 23.79 ? 18  ARG A NH1 1 
ATOM   127  N  NH2 . ARG A 1 18 ? 2.587   5.959   7.149   1.00 25.40 ? 18  ARG A NH2 1 
ATOM   128  N  N   . THR A 1 19 ? 5.553   0.380   4.733   1.00 8.27  ? 19  THR A N   1 
ATOM   129  C  CA  . THR A 1 19 ? 6.434   -0.360  5.636   1.00 10.45 ? 19  THR A CA  1 
ATOM   130  C  C   . THR A 1 19 ? 7.862   0.199   5.611   1.00 14.86 ? 19  THR A C   1 
ATOM   131  O  O   . THR A 1 19 ? 8.493   0.348   6.661   1.00 17.03 ? 19  THR A O   1 
ATOM   132  C  CB  . THR A 1 19 ? 6.461   -1.867  5.307   1.00 13.22 ? 19  THR A CB  1 
ATOM   133  O  OG1 . THR A 1 19 ? 5.151   -2.430  5.482   1.00 8.34  ? 19  THR A OG1 1 
ATOM   134  C  CG2 . THR A 1 19 ? 7.435   -2.591  6.219   1.00 12.47 ? 19  THR A CG2 1 
ATOM   135  N  N   . ARG A 1 20 ? 8.364   0.505   4.415   1.00 13.39 ? 20  ARG A N   1 
ATOM   136  C  CA  . ARG A 1 20 ? 9.688   1.117   4.268   1.00 15.13 ? 20  ARG A CA  1 
ATOM   137  C  C   . ARG A 1 20 ? 9.742   2.490   4.932   1.00 12.37 ? 20  ARG A C   1 
ATOM   138  O  O   . ARG A 1 20 ? 10.758  2.864   5.515   1.00 13.64 ? 20  ARG A O   1 
ATOM   139  C  CB  . ARG A 1 20 ? 10.093  1.235   2.791   1.00 17.25 ? 20  ARG A CB  1 
ATOM   140  C  CG  . ARG A 1 20 ? 10.356  -0.097  2.098   1.00 22.35 ? 20  ARG A CG  1 
ATOM   141  C  CD  . ARG A 1 20 ? 11.062  0.095   0.758   1.00 23.19 ? 20  ARG A CD  1 
ATOM   142  N  NE  . ARG A 1 20 ? 10.286  0.914   -0.169  1.00 25.17 ? 20  ARG A NE  1 
ATOM   143  C  CZ  . ARG A 1 20 ? 9.483   0.427   -1.111  1.00 23.83 ? 20  ARG A CZ  1 
ATOM   144  N  NH1 . ARG A 1 20 ? 9.346   -0.882  -1.257  1.00 23.61 ? 20  ARG A NH1 1 
ATOM   145  N  NH2 . ARG A 1 20 ? 8.815   1.249   -1.910  1.00 24.02 ? 20  ARG A NH2 1 
ATOM   146  N  N   . GLU A 1 21 ? 8.648   3.241   4.846   1.00 11.92 ? 21  GLU A N   1 
ATOM   147  C  CA  . GLU A 1 21 ? 8.596   4.565   5.459   1.00 14.98 ? 21  GLU A CA  1 
ATOM   148  C  C   . GLU A 1 21 ? 8.671   4.484   6.984   1.00 16.46 ? 21  GLU A C   1 
ATOM   149  O  O   . GLU A 1 21 ? 9.335   5.300   7.622   1.00 15.85 ? 21  GLU A O   1 
ATOM   150  C  CB  . GLU A 1 21 ? 7.347   5.336   5.016   1.00 14.29 ? 21  GLU A CB  1 
ATOM   151  C  CG  . GLU A 1 21 ? 7.370   5.752   3.550   1.00 17.62 ? 21  GLU A CG  1 
ATOM   152  C  CD  . GLU A 1 21 ? 6.243   6.703   3.176   1.00 24.31 ? 21  GLU A CD  1 
ATOM   153  O  OE1 . GLU A 1 21 ? 6.247   7.861   3.648   1.00 26.42 ? 21  GLU A OE1 1 
ATOM   154  O  OE2 . GLU A 1 21 ? 5.354   6.293   2.400   1.00 25.68 ? 21  GLU A OE2 1 
ATOM   155  N  N   . LEU A 1 22 ? 7.991   3.505   7.573   1.00 13.26 ? 22  LEU A N   1 
ATOM   156  C  CA  . LEU A 1 22 ? 8.038   3.334   9.025   1.00 12.91 ? 22  LEU A CA  1 
ATOM   157  C  C   . LEU A 1 22 ? 9.375   2.786   9.503   1.00 15.66 ? 22  LEU A C   1 
ATOM   158  O  O   . LEU A 1 22 ? 9.849   3.151   10.577  1.00 16.23 ? 22  LEU A O   1 
ATOM   159  C  CB  . LEU A 1 22 ? 6.920   2.414   9.513   1.00 15.35 ? 22  LEU A CB  1 
ATOM   160  C  CG  . LEU A 1 22 ? 5.501   2.955   9.387   1.00 18.27 ? 22  LEU A CG  1 
ATOM   161  C  CD1 . LEU A 1 22 ? 4.495   1.821   9.325   1.00 21.58 ? 22  LEU A CD1 1 
ATOM   162  C  CD2 . LEU A 1 22 ? 5.196   3.892   10.537  1.00 21.01 ? 22  LEU A CD2 1 
ATOM   163  N  N   . ASP A 1 23 ? 9.961   1.882   8.722   1.00 17.09 ? 23  ASP A N   1 
ATOM   164  C  CA  . ASP A 1 23 ? 11.283  1.350   9.034   1.00 16.83 ? 23  ASP A CA  1 
ATOM   165  C  C   . ASP A 1 23 ? 12.302  2.486   9.099   1.00 15.62 ? 23  ASP A C   1 
ATOM   166  O  O   . ASP A 1 23 ? 13.183  2.493   9.960   1.00 17.84 ? 23  ASP A O   1 
ATOM   167  C  CB  . ASP A 1 23 ? 11.726  0.335   7.978   1.00 15.31 ? 23  ASP A CB  1 
ATOM   168  C  CG  . ASP A 1 23 ? 11.180  -1.056  8.233   1.00 20.31 ? 23  ASP A CG  1 
ATOM   169  O  OD1 . ASP A 1 23 ? 10.744  -1.334  9.373   1.00 22.43 ? 23  ASP A OD1 1 
ATOM   170  O  OD2 . ASP A 1 23 ? 11.206  -1.878  7.294   1.00 22.13 ? 23  ASP A OD2 1 
ATOM   171  N  N   . ALA A 1 24 ? 12.179  3.439   8.180   1.00 14.36 ? 24  ALA A N   1 
ATOM   172  C  CA  . ALA A 1 24 ? 13.081  4.590   8.134   1.00 17.42 ? 24  ALA A CA  1 
ATOM   173  C  C   . ALA A 1 24 ? 12.938  5.478   9.369   1.00 21.38 ? 24  ALA A C   1 
ATOM   174  O  O   . ALA A 1 24 ? 13.924  6.009   9.883   1.00 19.99 ? 24  ALA A O   1 
ATOM   175  C  CB  . ALA A 1 24 ? 12.849  5.401   6.862   1.00 16.93 ? 24  ALA A CB  1 
ATOM   176  N  N   . GLN A 1 25 ? 11.708  5.640   9.840   1.00 16.90 ? 25  GLN A N   1 
ATOM   177  C  CA  . GLN A 1 25 ? 11.455  6.455   11.019  1.00 21.14 ? 25  GLN A CA  1 
ATOM   178  C  C   . GLN A 1 25 ? 12.038  5.807   12.273  1.00 19.38 ? 25  GLN A C   1 
ATOM   179  O  O   . GLN A 1 25 ? 12.552  6.497   13.153  1.00 19.21 ? 25  GLN A O   1 
ATOM   180  C  CB  . GLN A 1 25 ? 9.954   6.725   11.178  1.00 14.98 ? 25  GLN A CB  1 
ATOM   181  C  CG  . GLN A 1 25 ? 9.385   7.637   10.090  1.00 17.47 ? 25  GLN A CG  1 
ATOM   182  C  CD  . GLN A 1 25 ? 7.865   7.673   10.070  1.00 18.80 ? 25  GLN A CD  1 
ATOM   183  O  OE1 . GLN A 1 25 ? 7.211   7.436   11.084  1.00 18.83 ? 25  GLN A OE1 1 
ATOM   184  N  NE2 . GLN A 1 25 ? 7.298   7.966   8.907   1.00 19.60 ? 25  GLN A NE2 1 
ATOM   185  N  N   . LEU A 1 26 ? 11.975  4.479   12.343  1.00 17.66 ? 26  LEU A N   1 
ATOM   186  C  CA  . LEU A 1 26 ? 12.511  3.743   13.486  1.00 17.79 ? 26  LEU A CA  1 
ATOM   187  C  C   . LEU A 1 26 ? 14.042  3.699   13.510  1.00 20.32 ? 26  LEU A C   1 
ATOM   188  O  O   . LEU A 1 26 ? 14.642  3.522   14.569  1.00 18.54 ? 26  LEU A O   1 
ATOM   189  C  CB  . LEU A 1 26 ? 11.949  2.318   13.530  1.00 20.98 ? 26  LEU A CB  1 
ATOM   190  C  CG  . LEU A 1 26 ? 10.543  2.138   14.108  1.00 17.54 ? 26  LEU A CG  1 
ATOM   191  C  CD1 . LEU A 1 26 ? 9.987   0.771   13.742  1.00 18.53 ? 26  LEU A CD1 1 
ATOM   192  C  CD2 . LEU A 1 26 ? 10.541  2.333   15.620  1.00 19.25 ? 26  LEU A CD2 1 
ATOM   193  N  N   . GLN A 1 27 ? 14.668  3.852   12.346  1.00 21.09 ? 27  GLN A N   1 
ATOM   194  C  CA  . GLN A 1 27 ? 16.125  3.767   12.243  1.00 25.49 ? 27  GLN A CA  1 
ATOM   195  C  C   . GLN A 1 27 ? 16.798  5.115   12.464  1.00 23.24 ? 27  GLN A C   1 
ATOM   196  O  O   . GLN A 1 27 ? 18.026  5.205   12.525  1.00 25.15 ? 27  GLN A O   1 
ATOM   197  C  CB  . GLN A 1 27 ? 16.540  3.234   10.874  1.00 20.11 ? 27  GLN A CB  1 
ATOM   198  C  CG  . GLN A 1 27 ? 16.044  1.842   10.540  1.00 26.65 ? 27  GLN A CG  1 
ATOM   199  C  CD  . GLN A 1 27 ? 16.403  1.448   9.120   1.00 32.18 ? 27  GLN A CD  1 
ATOM   200  O  OE1 . GLN A 1 27 ? 17.139  2.165   8.437   1.00 36.44 ? 27  GLN A OE1 1 
ATOM   201  N  NE2 . GLN A 1 27 ? 15.886  0.311   8.667   1.00 24.45 ? 27  GLN A NE2 1 
ATOM   202  N  N   . ASN A 1 28 ? 15.991  6.163   12.570  1.00 22.90 ? 28  ASN A N   1 
ATOM   203  C  CA  . ASN A 1 28 ? 16.501  7.523   12.691  1.00 22.62 ? 28  ASN A CA  1 
ATOM   204  C  C   . ASN A 1 28 ? 16.779  7.926   14.136  1.00 16.16 ? 28  ASN A C   1 
ATOM   205  O  O   . ASN A 1 28 ? 16.474  7.180   15.064  1.00 15.66 ? 28  ASN A O   1 
ATOM   206  C  CB  . ASN A 1 28 ? 15.506  8.497   12.069  1.00 22.74 ? 28  ASN A CB  1 
ATOM   207  C  CG  . ASN A 1 28 ? 16.179  9.533   11.199  1.00 33.44 ? 28  ASN A CG  1 
ATOM   208  O  OD1 . ASN A 1 28 ? 17.255  10.035  11.528  1.00 27.67 ? 28  ASN A OD1 1 
ATOM   209  N  ND2 . ASN A 1 28 ? 15.548  9.856   10.073  1.00 33.62 ? 28  ASN A ND2 1 
ATOM   210  N  N   . ASP A 1 29 ? 17.359  9.110   14.323  1.00 18.00 ? 29  ASP A N   1 
ATOM   211  C  CA  . ASP A 1 29 ? 17.619  9.618   15.667  1.00 16.61 ? 29  ASP A CA  1 
ATOM   212  C  C   . ASP A 1 29 ? 16.310  9.902   16.398  1.00 15.89 ? 29  ASP A C   1 
ATOM   213  O  O   . ASP A 1 29 ? 15.384  10.469  15.821  1.00 17.10 ? 29  ASP A O   1 
ATOM   214  C  CB  . ASP A 1 29 ? 18.451  10.907  15.611  1.00 12.55 ? 29  ASP A CB  1 
ATOM   215  C  CG  . ASP A 1 29 ? 19.838  10.693  15.033  1.00 15.77 ? 29  ASP A CG  1 
ATOM   216  O  OD1 . ASP A 1 29 ? 20.430  9.618   15.262  1.00 12.37 ? 29  ASP A OD1 1 
ATOM   217  O  OD2 . ASP A 1 29 ? 20.334  11.609  14.344  1.00 12.24 ? 29  ASP A OD2 1 
ATOM   218  N  N   . ASP A 1 30 ? 16.237  9.505   17.664  1.00 14.22 ? 30  ASP A N   1 
ATOM   219  C  CA  . ASP A 1 30 ? 15.113  9.871   18.527  1.00 16.62 ? 30  ASP A CA  1 
ATOM   220  C  C   . ASP A 1 30 ? 13.739  9.536   17.940  1.00 17.21 ? 30  ASP A C   1 
ATOM   221  O  O   . ASP A 1 30 ? 12.926  10.430  17.693  1.00 19.89 ? 30  ASP A O   1 
ATOM   222  C  CB  . ASP A 1 30 ? 15.180  11.365  18.881  1.00 18.22 ? 30  ASP A CB  1 
ATOM   223  C  CG  . ASP A 1 30 ? 14.038  11.804  19.788  1.00 22.23 ? 30  ASP A CG  1 
ATOM   224  O  OD1 . ASP A 1 30 ? 13.768  11.103  20.783  1.00 20.99 ? 30  ASP A OD1 1 
ATOM   225  O  OD2 . ASP A 1 30 ? 13.408  12.842  19.488  1.00 20.40 ? 30  ASP A OD2 1 
ATOM   226  N  N   . PRO A 1 31 ? 13.465  8.243   17.716  1.00 15.33 ? 31  PRO A N   1 
ATOM   227  C  CA  . PRO A 1 31 ? 12.113  7.909   17.251  1.00 14.77 ? 31  PRO A CA  1 
ATOM   228  C  C   . PRO A 1 31 ? 11.084  8.115   18.359  1.00 15.10 ? 31  PRO A C   1 
ATOM   229  O  O   . PRO A 1 31 ? 11.301  7.683   19.491  1.00 16.69 ? 31  PRO A O   1 
ATOM   230  C  CB  . PRO A 1 31 ? 12.220  6.422   16.892  1.00 17.73 ? 31  PRO A CB  1 
ATOM   231  C  CG  . PRO A 1 31 ? 13.362  5.913   17.712  1.00 18.69 ? 31  PRO A CG  1 
ATOM   232  C  CD  . PRO A 1 31 ? 14.330  7.056   17.826  1.00 14.09 ? 31  PRO A CD  1 
ATOM   233  N  N   . GLN A 1 32 ? 9.984   8.782   18.032  1.00 15.59 ? 32  GLN A N   1 
ATOM   234  C  CA  . GLN A 1 32 ? 8.933   9.059   19.000  1.00 16.99 ? 32  GLN A CA  1 
ATOM   235  C  C   . GLN A 1 32 ? 7.940   7.905   19.053  1.00 10.32 ? 32  GLN A C   1 
ATOM   236  O  O   . GLN A 1 32 ? 7.490   7.415   18.016  1.00 15.62 ? 32  GLN A O   1 
ATOM   237  C  CB  . GLN A 1 32 ? 8.216   10.365  18.648  1.00 16.84 ? 32  GLN A CB  1 
ATOM   238  C  CG  . GLN A 1 32 ? 9.101   11.605  18.766  1.00 19.74 ? 32  GLN A CG  1 
ATOM   239  C  CD  . GLN A 1 32 ? 8.512   12.813  18.068  1.00 24.38 ? 32  GLN A CD  1 
ATOM   240  O  OE1 . GLN A 1 32 ? 7.754   12.679  17.108  1.00 28.46 ? 32  GLN A OE1 1 
ATOM   241  N  NE2 . GLN A 1 32 ? 8.858   14.003  18.547  1.00 24.04 ? 32  GLN A NE2 1 
ATOM   242  N  N   . ASN A 1 33 ? 7.610   7.477   20.266  1.00 12.41 ? 33  ASN A N   1 
ATOM   243  C  CA  . ASN A 1 33 ? 6.645   6.400   20.480  1.00 8.99  ? 33  ASN A CA  1 
ATOM   244  C  C   . ASN A 1 33 ? 7.004   5.121   19.719  1.00 12.72 ? 33  ASN A C   1 
ATOM   245  O  O   . ASN A 1 33 ? 6.160   4.520   19.047  1.00 10.37 ? 33  ASN A O   1 
ATOM   246  C  CB  . ASN A 1 33 ? 5.232   6.877   20.127  1.00 10.46 ? 33  ASN A CB  1 
ATOM   247  C  CG  . ASN A 1 33 ? 4.869   8.181   20.826  1.00 11.76 ? 33  ASN A CG  1 
ATOM   248  O  OD1 . ASN A 1 33 ? 4.583   8.198   22.023  1.00 12.98 ? 33  ASN A OD1 1 
ATOM   249  N  ND2 . ASN A 1 33 ? 4.882   9.278   20.079  1.00 12.54 ? 33  ASN A ND2 1 
ATOM   250  N  N   . ALA A 1 34 ? 8.262   4.709   19.845  1.00 10.57 ? 34  ALA A N   1 
ATOM   251  C  CA  . ALA A 1 34 ? 8.788   3.548   19.126  1.00 10.89 ? 34  ALA A CA  1 
ATOM   252  C  C   . ALA A 1 34 ? 7.978   2.267   19.340  1.00 12.60 ? 34  ALA A C   1 
ATOM   253  O  O   . ALA A 1 34 ? 7.752   1.510   18.397  1.00 12.04 ? 34  ALA A O   1 
ATOM   254  C  CB  . ALA A 1 34 ? 10.253  3.318   19.489  1.00 15.04 ? 34  ALA A CB  1 
ATOM   255  N  N   . ALA A 1 35 ? 7.551   2.020   20.577  1.00 12.40 ? 35  ALA A N   1 
ATOM   256  C  CA  . ALA A 1 35 ? 6.769   0.823   20.891  1.00 13.10 ? 35  ALA A CA  1 
ATOM   257  C  C   . ALA A 1 35 ? 5.489   0.747   20.064  1.00 12.48 ? 35  ALA A C   1 
ATOM   258  O  O   . ALA A 1 35 ? 5.051   -0.336  19.671  1.00 15.47 ? 35  ALA A O   1 
ATOM   259  C  CB  . ALA A 1 35 ? 6.441   0.771   22.377  1.00 14.71 ? 35  ALA A CB  1 
ATOM   260  N  N   . GLU A 1 36 ? 4.886   1.903   19.809  1.00 9.79  ? 36  GLU A N   1 
ATOM   261  C  CA  . GLU A 1 36 ? 3.649   1.959   19.042  1.00 10.42 ? 36  GLU A CA  1 
ATOM   262  C  C   . GLU A 1 36 ? 3.893   1.826   17.535  1.00 11.30 ? 36  GLU A C   1 
ATOM   263  O  O   . GLU A 1 36 ? 3.118   1.177   16.838  1.00 10.12 ? 36  GLU A O   1 
ATOM   264  C  CB  . GLU A 1 36 ? 2.861   3.230   19.367  1.00 9.17  ? 36  GLU A CB  1 
ATOM   265  C  CG  . GLU A 1 36 ? 2.200   3.224   20.744  1.00 11.97 ? 36  GLU A CG  1 
ATOM   266  C  CD  . GLU A 1 36 ? 3.187   3.370   21.893  1.00 14.87 ? 36  GLU A CD  1 
ATOM   267  O  OE1 . GLU A 1 36 ? 4.219   4.056   21.724  1.00 14.49 ? 36  GLU A OE1 1 
ATOM   268  O  OE2 . GLU A 1 36 ? 2.927   2.799   22.974  1.00 19.47 ? 36  GLU A OE2 1 
ATOM   269  N  N   . LEU A 1 37 ? 4.965   2.437   17.031  1.00 9.06  ? 37  LEU A N   1 
ATOM   270  C  CA  . LEU A 1 37 ? 5.336   2.237   15.634  1.00 10.11 ? 37  LEU A CA  1 
ATOM   271  C  C   . LEU A 1 37 ? 5.554   0.747   15.355  1.00 11.79 ? 37  LEU A C   1 
ATOM   272  O  O   . LEU A 1 37 ? 5.229   0.250   14.277  1.00 10.78 ? 37  LEU A O   1 
ATOM   273  C  CB  . LEU A 1 37 ? 6.601   3.025   15.282  1.00 11.39 ? 37  LEU A CB  1 
ATOM   274  C  CG  . LEU A 1 37 ? 6.520   4.543   15.426  1.00 14.21 ? 37  LEU A CG  1 
ATOM   275  C  CD1 . LEU A 1 37 ? 7.766   5.196   14.846  1.00 13.77 ? 37  LEU A CD1 1 
ATOM   276  C  CD2 . LEU A 1 37 ? 5.275   5.074   14.746  1.00 12.02 ? 37  LEU A CD2 1 
ATOM   277  N  N   . GLU A 1 38 ? 6.105   0.044   16.338  1.00 9.38  ? 38  GLU A N   1 
ATOM   278  C  CA  . GLU A 1 38 ? 6.376   -1.384  16.206  1.00 14.40 ? 38  GLU A CA  1 
ATOM   279  C  C   . GLU A 1 38 ? 5.093   -2.209  16.221  1.00 13.78 ? 38  GLU A C   1 
ATOM   280  O  O   . GLU A 1 38 ? 5.011   -3.245  15.557  1.00 12.24 ? 38  GLU A O   1 
ATOM   281  C  CB  . GLU A 1 38 ? 7.342   -1.852  17.295  1.00 13.93 ? 38  GLU A CB  1 
ATOM   282  C  CG  . GLU A 1 38 ? 8.726   -1.237  17.154  1.00 18.76 ? 38  GLU A CG  1 
ATOM   283  C  CD  . GLU A 1 38 ? 9.564   -1.360  18.407  1.00 24.86 ? 38  GLU A CD  1 
ATOM   284  O  OE1 . GLU A 1 38 ? 9.036   -1.816  19.444  1.00 27.99 ? 38  GLU A OE1 1 
ATOM   285  O  OE2 . GLU A 1 38 ? 10.755  -0.994  18.352  1.00 24.12 ? 38  GLU A OE2 1 
ATOM   286  N  N   . GLN A 1 39 ? 4.095   -1.743  16.968  1.00 11.85 ? 39  GLN A N   1 
ATOM   287  C  CA  . GLN A 1 39 ? 2.785   -2.394  16.974  1.00 16.91 ? 39  GLN A CA  1 
ATOM   288  C  C   . GLN A 1 39 ? 2.156   -2.282  15.594  1.00 13.04 ? 39  GLN A C   1 
ATOM   289  O  O   . GLN A 1 39 ? 1.548   -3.228  15.094  1.00 10.98 ? 39  GLN A O   1 
ATOM   290  C  CB  . GLN A 1 39 ? 1.859   -1.777  18.033  1.00 12.06 ? 39  GLN A CB  1 
ATOM   291  C  CG  . GLN A 1 39 ? 2.341   -1.974  19.460  1.00 16.06 ? 39  GLN A CG  1 
ATOM   292  C  CD  . GLN A 1 39 ? 1.398   -1.396  20.510  1.00 17.31 ? 39  GLN A CD  1 
ATOM   293  O  OE1 . GLN A 1 39 ? 0.227   -1.106  20.240  1.00 12.41 ? 39  GLN A OE1 1 
ATOM   294  N  NE2 . GLN A 1 39 ? 1.912   -1.229  21.722  1.00 19.69 ? 39  GLN A NE2 1 
ATOM   295  N  N   . LEU A 1 40 ? 2.308   -1.116  14.974  1.00 10.05 ? 40  LEU A N   1 
ATOM   296  C  CA  . LEU A 1 40 ? 1.791   -0.910  13.625  1.00 9.62  ? 40  LEU A CA  1 
ATOM   297  C  C   . LEU A 1 40 ? 2.456   -1.852  12.626  1.00 9.96  ? 40  LEU A C   1 
ATOM   298  O  O   . LEU A 1 40 ? 1.791   -2.407  11.750  1.00 11.58 ? 40  LEU A O   1 
ATOM   299  C  CB  . LEU A 1 40 ? 2.000   0.538   13.183  1.00 9.71  ? 40  LEU A CB  1 
ATOM   300  C  CG  . LEU A 1 40 ? 1.300   0.954   11.894  1.00 21.98 ? 40  LEU A CG  1 
ATOM   301  C  CD1 . LEU A 1 40 ? -0.185  1.162   12.160  1.00 23.35 ? 40  LEU A CD1 1 
ATOM   302  C  CD2 . LEU A 1 40 ? 1.937   2.221   11.328  1.00 28.62 ? 40  LEU A CD2 1 
ATOM   303  N  N   . LEU A 1 41 ? 3.769   -2.029  12.760  1.00 11.76 ? 41  LEU A N   1 
ATOM   304  C  CA  . LEU A 1 41 ? 4.530   -2.893  11.855  1.00 11.24 ? 41  LEU A CA  1 
ATOM   305  C  C   . LEU A 1 41 ? 4.127   -4.366  11.930  1.00 13.08 ? 41  LEU A C   1 
ATOM   306  O  O   . LEU A 1 41 ? 4.152   -5.070  10.920  1.00 13.09 ? 41  LEU A O   1 
ATOM   307  C  CB  . LEU A 1 41 ? 6.039   -2.737  12.083  1.00 15.61 ? 41  LEU A CB  1 
ATOM   308  C  CG  . LEU A 1 41 ? 6.658   -1.534  11.364  1.00 17.27 ? 41  LEU A CG  1 
ATOM   309  C  CD1 . LEU A 1 41 ? 8.135   -1.377  11.706  1.00 18.82 ? 41  LEU A CD1 1 
ATOM   310  C  CD2 . LEU A 1 41 ? 6.462   -1.651  9.856   1.00 14.44 ? 41  LEU A CD2 1 
ATOM   311  N  N   . VAL A 1 42 ? 3.761   -4.831  13.121  1.00 12.35 ? 42  VAL A N   1 
ATOM   312  C  CA  . VAL A 1 42 ? 3.226   -6.179  13.266  1.00 11.41 ? 42  VAL A CA  1 
ATOM   313  C  C   . VAL A 1 42 ? 2.005   -6.334  12.364  1.00 11.44 ? 42  VAL A C   1 
ATOM   314  O  O   . VAL A 1 42 ? 1.881   -7.312  11.628  1.00 11.54 ? 42  VAL A O   1 
ATOM   315  C  CB  . VAL A 1 42 ? 2.817   -6.482  14.722  1.00 18.36 ? 42  VAL A CB  1 
ATOM   316  C  CG1 . VAL A 1 42 ? 2.018   -7.783  14.798  1.00 13.36 ? 42  VAL A CG1 1 
ATOM   317  C  CG2 . VAL A 1 42 ? 4.043   -6.549  15.613  1.00 14.80 ? 42  VAL A CG2 1 
ATOM   318  N  N   . GLY A 1 43 ? 1.110   -5.354  12.418  1.00 9.55  ? 43  GLY A N   1 
ATOM   319  C  CA  . GLY A 1 43 ? -0.105  -5.395  11.624  1.00 11.42 ? 43  GLY A CA  1 
ATOM   320  C  C   . GLY A 1 43 ? 0.160   -5.392  10.130  1.00 11.55 ? 43  GLY A C   1 
ATOM   321  O  O   . GLY A 1 43 ? -0.493  -6.118  9.372   1.00 10.36 ? 43  GLY A O   1 
ATOM   322  N  N   . TYR A 1 44 ? 1.113   -4.573  9.698   1.00 10.12 ? 44  TYR A N   1 
ATOM   323  C  CA  . TYR A 1 44 ? 1.460   -4.487  8.278   1.00 9.85  ? 44  TYR A CA  1 
ATOM   324  C  C   . TYR A 1 44 ? 2.010   -5.809  7.740   1.00 11.73 ? 44  TYR A C   1 
ATOM   325  O  O   . TYR A 1 44 ? 1.702   -6.196  6.612   1.00 7.99  ? 44  TYR A O   1 
ATOM   326  C  CB  . TYR A 1 44 ? 2.484   -3.373  8.021   1.00 10.41 ? 44  TYR A CB  1 
ATOM   327  C  CG  . TYR A 1 44 ? 1.922   -1.965  8.064   1.00 10.39 ? 44  TYR A CG  1 
ATOM   328  C  CD1 . TYR A 1 44 ? 0.630   -1.718  8.509   1.00 12.49 ? 44  TYR A CD1 1 
ATOM   329  C  CD2 . TYR A 1 44 ? 2.685   -0.884  7.642   1.00 15.88 ? 44  TYR A CD2 1 
ATOM   330  C  CE1 . TYR A 1 44 ? 0.116   -0.426  8.541   1.00 15.63 ? 44  TYR A CE1 1 
ATOM   331  C  CE2 . TYR A 1 44 ? 2.182   0.410   7.671   1.00 15.88 ? 44  TYR A CE2 1 
ATOM   332  C  CZ  . TYR A 1 44 ? 0.898   0.630   8.120   1.00 17.74 ? 44  TYR A CZ  1 
ATOM   333  O  OH  . TYR A 1 44 ? 0.407   1.914   8.148   1.00 26.48 ? 44  TYR A OH  1 
ATOM   334  N  N   . ASP A 1 45 ? 2.832   -6.490  8.537   1.00 9.21  ? 45  ASP A N   1 
ATOM   335  C  CA  . ASP A 1 45 ? 3.422   -7.762  8.117   1.00 9.76  ? 45  ASP A CA  1 
ATOM   336  C  C   . ASP A 1 45 ? 2.376   -8.870  8.017   1.00 8.00  ? 45  ASP A C   1 
ATOM   337  O  O   . ASP A 1 45 ? 2.438   -9.713  7.118   1.00 7.49  ? 45  ASP A O   1 
ATOM   338  C  CB  . ASP A 1 45 ? 4.551   -8.200  9.057   1.00 11.92 ? 45  ASP A CB  1 
ATOM   339  C  CG  . ASP A 1 45 ? 5.838   -7.423  8.836   1.00 17.89 ? 45  ASP A CG  1 
ATOM   340  O  OD1 . ASP A 1 45 ? 5.897   -6.609  7.897   1.00 17.80 ? 45  ASP A OD1 1 
ATOM   341  O  OD2 . ASP A 1 45 ? 6.801   -7.639  9.600   1.00 19.96 ? 45  ASP A OD2 1 
ATOM   342  N  N   . LEU A 1 46 ? 1.426   -8.880  8.947   1.00 10.20 ? 46  LEU A N   1 
ATOM   343  C  CA  . LEU A 1 46 ? 0.345   -9.861  8.900   1.00 7.27  ? 46  LEU A CA  1 
ATOM   344  C  C   . LEU A 1 46 ? -0.498  -9.686  7.636   1.00 7.97  ? 46  LEU A C   1 
ATOM   345  O  O   . LEU A 1 46 ? -0.901  -10.667 7.008   1.00 6.28  ? 46  LEU A O   1 
ATOM   346  C  CB  . LEU A 1 46 ? -0.536  -9.772  10.152  1.00 9.15  ? 46  LEU A CB  1 
ATOM   347  C  CG  . LEU A 1 46 ? 0.107   -10.271 11.449  1.00 11.08 ? 46  LEU A CG  1 
ATOM   348  C  CD1 . LEU A 1 46 ? -0.736  -9.903  12.667  1.00 10.97 ? 46  LEU A CD1 1 
ATOM   349  C  CD2 . LEU A 1 46 ? 0.332   -11.778 11.384  1.00 10.16 ? 46  LEU A CD2 1 
ATOM   350  N  N   . ALA A 1 47 ? -0.758  -8.436  7.263   1.00 5.87  ? 47  ALA A N   1 
ATOM   351  C  CA  . ALA A 1 47 ? -1.506  -8.147  6.041   1.00 7.86  ? 47  ALA A CA  1 
ATOM   352  C  C   . ALA A 1 47 ? -0.697  -8.534  4.805   1.00 6.11  ? 47  ALA A C   1 
ATOM   353  O  O   . ALA A 1 47 ? -1.239  -9.084  3.845   1.00 6.50  ? 47  ALA A O   1 
ATOM   354  C  CB  . ALA A 1 47 ? -1.901  -6.663  5.984   1.00 6.75  ? 47  ALA A CB  1 
ATOM   355  N  N   . ALA A 1 48 ? 0.606   -8.255  4.835   1.00 5.47  ? 48  ALA A N   1 
ATOM   356  C  CA  . ALA A 1 48 ? 1.483   -8.621  3.724   1.00 7.97  ? 48  ALA A CA  1 
ATOM   357  C  C   . ALA A 1 48 ? 1.508   -10.128 3.462   1.00 6.29  ? 48  ALA A C   1 
ATOM   358  O  O   . ALA A 1 48 ? 1.508   -10.562 2.309   1.00 6.89  ? 48  ALA A O   1 
ATOM   359  C  CB  . ALA A 1 48 ? 2.895   -8.100  3.966   1.00 7.52  ? 48  ALA A CB  1 
ATOM   360  N  N   . ASP A 1 49 ? 1.543   -10.921 4.531   1.00 8.21  ? 49  ASP A N   1 
ATOM   361  C  CA  . ASP A 1 49 ? 1.541   -12.380 4.407   1.00 8.02  ? 49  ASP A CA  1 
ATOM   362  C  C   . ASP A 1 49 ? 0.252   -12.883 3.748   1.00 8.95  ? 49  ASP A C   1 
ATOM   363  O  O   . ASP A 1 49 ? 0.281   -13.802 2.931   1.00 9.92  ? 49  ASP A O   1 
ATOM   364  C  CB  . ASP A 1 49 ? 1.703   -13.052 5.779   1.00 8.04  ? 49  ASP A CB  1 
ATOM   365  C  CG  . ASP A 1 49 ? 3.077   -12.829 6.396   1.00 15.27 ? 49  ASP A CG  1 
ATOM   366  O  OD1 . ASP A 1 49 ? 4.029   -12.471 5.667   1.00 15.73 ? 49  ASP A OD1 1 
ATOM   367  O  OD2 . ASP A 1 49 ? 3.209   -13.024 7.622   1.00 16.15 ? 49  ASP A OD2 1 
ATOM   368  N  N   . ASP A 1 50 ? -0.875  -12.283 4.126   1.00 9.69  ? 50  ASP A N   1 
ATOM   369  C  CA  . ASP A 1 50 ? -2.196  -12.672 3.626   1.00 7.69  ? 50  ASP A CA  1 
ATOM   370  C  C   . ASP A 1 50 ? -2.336  -12.310 2.139   1.00 7.45  ? 50  ASP A C   1 
ATOM   371  O  O   . ASP A 1 50 ? -2.781  -13.128 1.325   1.00 8.82  ? 50  ASP A O   1 
ATOM   372  C  CB  . ASP A 1 50 ? -3.276  -11.982 4.468   1.00 8.79  ? 50  ASP A CB  1 
ATOM   373  C  CG  . ASP A 1 50 ? -4.620  -12.706 4.446   1.00 16.46 ? 50  ASP A CG  1 
ATOM   374  O  OD1 . ASP A 1 50 ? -4.690  -13.892 4.056   1.00 14.29 ? 50  ASP A OD1 1 
ATOM   375  O  OD2 . ASP A 1 50 ? -5.622  -12.076 4.849   1.00 12.91 ? 50  ASP A OD2 1 
ATOM   376  N  N   . LEU A 1 51 ? -1.944  -11.089 1.784   1.00 7.34  ? 51  LEU A N   1 
ATOM   377  C  CA  . LEU A 1 51 ? -1.945  -10.661 0.386   1.00 8.00  ? 51  LEU A CA  1 
ATOM   378  C  C   . LEU A 1 51 ? -1.047  -11.536 -0.488  1.00 9.14  ? 51  LEU A C   1 
ATOM   379  O  O   . LEU A 1 51 ? -1.374  -11.810 -1.644  1.00 8.24  ? 51  LEU A O   1 
ATOM   380  C  CB  . LEU A 1 51 ? -1.521  -9.191  0.262   1.00 6.23  ? 51  LEU A CB  1 
ATOM   381  C  CG  . LEU A 1 51 ? -2.512  -8.154  0.800   1.00 7.88  ? 51  LEU A CG  1 
ATOM   382  C  CD1 . LEU A 1 51 ? -1.857  -6.787  0.861   1.00 8.81  ? 51  LEU A CD1 1 
ATOM   383  C  CD2 . LEU A 1 51 ? -3.771  -8.101  -0.051  1.00 6.55  ? 51  LEU A CD2 1 
ATOM   384  N  N   . LYS A 1 52 ? 0.086   -11.972 0.050   1.00 6.98  ? 52  LYS A N   1 
ATOM   385  C  CA  . LYS A 1 52 ? 0.989   -12.834 -0.710  1.00 8.47  ? 52  LYS A CA  1 
ATOM   386  C  C   . LYS A 1 52 ? 0.359   -14.183 -1.045  1.00 10.91 ? 52  LYS A C   1 
ATOM   387  O  O   . LYS A 1 52 ? 0.466   -14.647 -2.176  1.00 8.12  ? 52  LYS A O   1 
ATOM   388  C  CB  . LYS A 1 52 ? 2.280   -13.072 0.063   1.00 11.52 ? 52  LYS A CB  1 
ATOM   389  C  CG  . LYS A 1 52 ? 3.341   -13.824 -0.726  1.00 15.96 ? 52  LYS A CG  1 
ATOM   390  C  CD  . LYS A 1 52 ? 4.459   -14.296 0.186   1.00 14.02 ? 52  LYS A CD  1 
ATOM   391  C  CE  . LYS A 1 52 ? 4.014   -15.456 1.085   1.00 28.72 ? 52  LYS A CE  1 
ATOM   392  N  NZ  . LYS A 1 52 ? 4.993   -15.667 2.210   1.00 36.29 ? 52  LYS A NZ  1 
ATOM   393  N  N   . ASN A 1 53 ? -0.266  -14.822 -0.060  1.00 8.53  ? 53  ASN A N   1 
ATOM   394  C  CA  . ASN A 1 53 ? -0.969  -16.078 -0.305  1.00 8.65  ? 53  ASN A CA  1 
ATOM   395  C  C   . ASN A 1 53 ? -2.092  -15.926 -1.338  1.00 11.17 ? 53  ASN A C   1 
ATOM   396  O  O   . ASN A 1 53 ? -2.316  -16.809 -2.170  1.00 11.28 ? 53  ASN A O   1 
ATOM   397  C  CB  . ASN A 1 53 ? -1.518  -16.657 1.000   1.00 11.23 ? 53  ASN A CB  1 
ATOM   398  C  CG  . ASN A 1 53 ? -0.415  -17.009 1.990   1.00 17.69 ? 53  ASN A CG  1 
ATOM   399  O  OD1 . ASN A 1 53 ? 0.725   -17.273 1.602   1.00 19.06 ? 53  ASN A OD1 1 
ATOM   400  N  ND2 . ASN A 1 53 ? -0.753  -17.018 3.276   1.00 17.37 ? 53  ASN A ND2 1 
ATOM   401  N  N   . ALA A 1 54 ? -2.782  -14.791 -1.290  1.00 8.82  ? 54  ALA A N   1 
ATOM   402  C  CA  . ALA A 1 54 ? -3.870  -14.508 -2.219  1.00 10.50 ? 54  ALA A CA  1 
ATOM   403  C  C   . ALA A 1 54 ? -3.368  -14.301 -3.646  1.00 10.03 ? 54  ALA A C   1 
ATOM   404  O  O   . ALA A 1 54 ? -3.980  -14.782 -4.598  1.00 10.46 ? 54  ALA A O   1 
ATOM   405  C  CB  . ALA A 1 54 ? -4.661  -13.299 -1.749  1.00 10.22 ? 54  ALA A CB  1 
ATOM   406  N  N   . TYR A 1 55 ? -2.252  -13.588 -3.792  1.00 9.52  ? 55  TYR A N   1 
ATOM   407  C  CA  . TYR A 1 55 ? -1.637  -13.384 -5.107  1.00 7.61  ? 55  TYR A CA  1 
ATOM   408  C  C   . TYR A 1 55 ? -1.235  -14.710 -5.747  1.00 9.76  ? 55  TYR A C   1 
ATOM   409  O  O   . TYR A 1 55 ? -1.486  -14.938 -6.934  1.00 8.36  ? 55  TYR A O   1 
ATOM   410  C  CB  . TYR A 1 55 ? -0.419  -12.464 -4.994  1.00 6.95  ? 55  TYR A CB  1 
ATOM   411  C  CG  . TYR A 1 55 ? 0.313   -12.205 -6.301  1.00 6.83  ? 55  TYR A CG  1 
ATOM   412  C  CD1 . TYR A 1 55 ? -0.211  -11.346 -7.259  1.00 6.36  ? 55  TYR A CD1 1 
ATOM   413  C  CD2 . TYR A 1 55 ? 1.542   -12.800 -6.562  1.00 7.78  ? 55  TYR A CD2 1 
ATOM   414  C  CE1 . TYR A 1 55 ? 0.462   -11.102 -8.450  1.00 6.01  ? 55  TYR A CE1 1 
ATOM   415  C  CE2 . TYR A 1 55 ? 2.223   -12.564 -7.745  1.00 7.36  ? 55  TYR A CE2 1 
ATOM   416  C  CZ  . TYR A 1 55 ? 1.680   -11.714 -8.687  1.00 7.55  ? 55  TYR A CZ  1 
ATOM   417  O  OH  . TYR A 1 55 ? 2.362   -11.476 -9.864  1.00 8.88  ? 55  TYR A OH  1 
ATOM   418  N  N   . GLU A 1 56 ? -0.602  -15.576 -4.962  1.00 8.79  ? 56  GLU A N   1 
ATOM   419  C  CA  . GLU A 1 56 ? -0.203  -16.898 -5.442  1.00 15.08 ? 56  GLU A CA  1 
ATOM   420  C  C   . GLU A 1 56 ? -1.397  -17.682 -5.978  1.00 14.10 ? 56  GLU A C   1 
ATOM   421  O  O   . GLU A 1 56 ? -1.327  -18.276 -7.057  1.00 12.32 ? 56  GLU A O   1 
ATOM   422  C  CB  . GLU A 1 56 ? 0.477   -17.697 -4.330  1.00 15.14 ? 56  GLU A CB  1 
ATOM   423  C  CG  . GLU A 1 56 ? 1.834   -17.157 -3.920  1.00 17.84 ? 56  GLU A CG  1 
ATOM   424  C  CD  . GLU A 1 56 ? 2.877   -17.329 -5.003  1.00 21.37 ? 56  GLU A CD  1 
ATOM   425  O  OE1 . GLU A 1 56 ? 2.705   -18.220 -5.863  1.00 24.91 ? 56  GLU A OE1 1 
ATOM   426  O  OE2 . GLU A 1 56 ? 3.872   -16.577 -4.990  1.00 22.11 ? 56  GLU A OE2 1 
ATOM   427  N  N   . GLN A 1 57 ? -2.491  -17.677 -5.224  1.00 12.16 ? 57  GLN A N   1 
ATOM   428  C  CA  . GLN A 1 57 ? -3.703  -18.401 -5.610  1.00 14.83 ? 57  GLN A CA  1 
ATOM   429  C  C   . GLN A 1 57 ? -4.367  -17.847 -6.877  1.00 15.06 ? 57  GLN A C   1 
ATOM   430  O  O   . GLN A 1 57 ? -5.153  -18.536 -7.533  1.00 17.18 ? 57  GLN A O   1 
ATOM   431  C  CB  . GLN A 1 57 ? -4.707  -18.399 -4.450  1.00 17.80 ? 57  GLN A CB  1 
ATOM   432  C  CG  . GLN A 1 57 ? -4.749  -19.692 -3.647  1.00 28.82 ? 57  GLN A CG  1 
ATOM   433  C  CD  . GLN A 1 57 ? -3.376  -20.150 -3.191  1.00 29.93 ? 57  GLN A CD  1 
ATOM   434  O  OE1 . GLN A 1 57 ? -2.727  -19.499 -2.367  1.00 30.64 ? 57  GLN A OE1 1 
ATOM   435  N  NE2 . GLN A 1 57 ? -2.926  -21.279 -3.727  1.00 23.41 ? 57  GLN A NE2 1 
ATOM   436  N  N   . ALA A 1 58 ? -4.048  -16.603 -7.218  1.00 14.28 ? 58  ALA A N   1 
ATOM   437  C  CA  . ALA A 1 58 ? -4.667  -15.938 -8.364  1.00 13.57 ? 58  ALA A CA  1 
ATOM   438  C  C   . ALA A 1 58 ? -3.933  -16.197 -9.682  1.00 14.37 ? 58  ALA A C   1 
ATOM   439  O  O   . ALA A 1 58 ? -4.416  -15.821 -10.750 1.00 16.63 ? 58  ALA A O   1 
ATOM   440  C  CB  . ALA A 1 58 ? -4.772  -14.441 -8.104  1.00 14.79 ? 58  ALA A CB  1 
ATOM   441  N  N   . LEU A 1 59 ? -2.767  -16.834 -9.608  1.00 9.80  ? 59  LEU A N   1 
ATOM   442  C  CA  . LEU A 1 59 ? -1.966  -17.092 -10.804 1.00 10.33 ? 59  LEU A CA  1 
ATOM   443  C  C   . LEU A 1 59 ? -2.432  -18.336 -11.567 1.00 10.37 ? 59  LEU A C   1 
ATOM   444  O  O   . LEU A 1 59 ? -2.589  -19.403 -10.980 1.00 9.28  ? 59  LEU A O   1 
ATOM   445  C  CB  . LEU A 1 59 ? -0.489  -17.255 -10.428 1.00 7.67  ? 59  LEU A CB  1 
ATOM   446  C  CG  . LEU A 1 59 ? 0.215   -16.077 -9.749  1.00 9.53  ? 59  LEU A CG  1 
ATOM   447  C  CD1 . LEU A 1 59 ? 1.644   -16.448 -9.363  1.00 12.00 ? 59  LEU A CD1 1 
ATOM   448  C  CD2 . LEU A 1 59 ? 0.196   -14.830 -10.628 1.00 13.27 ? 59  LEU A CD2 1 
ATOM   449  N  N   . GLY A 1 60 ? -2.630  -18.200 -12.874 1.00 7.10  ? 60  GLY A N   1 
ATOM   450  C  CA  . GLY A 1 60 ? -2.924  -19.349 -13.717 1.00 9.36  ? 60  GLY A CA  1 
ATOM   451  C  C   . GLY A 1 60 ? -1.752  -20.316 -13.791 1.00 9.82  ? 60  GLY A C   1 
ATOM   452  O  O   . GLY A 1 60 ? -0.642  -19.981 -13.380 1.00 7.90  ? 60  GLY A O   1 
ATOM   453  N  N   . GLN A 1 61 ? -1.990  -21.514 -14.321 1.00 7.26  ? 61  GLN A N   1 
ATOM   454  C  CA  . GLN A 1 61 ? -0.943  -22.535 -14.394 1.00 9.41  ? 61  GLN A CA  1 
ATOM   455  C  C   . GLN A 1 61 ? 0.239   -22.094 -15.270 1.00 9.72  ? 61  GLN A C   1 
ATOM   456  O  O   . GLN A 1 61 ? 1.384   -22.479 -15.024 1.00 7.62  ? 61  GLN A O   1 
ATOM   457  C  CB  . GLN A 1 61 ? -1.531  -23.861 -14.890 1.00 8.64  ? 61  GLN A CB  1 
ATOM   458  C  CG  . GLN A 1 61 ? -0.574  -25.042 -14.844 1.00 12.63 ? 61  GLN A CG  1 
ATOM   459  C  CD  . GLN A 1 61 ? -1.232  -26.327 -15.313 1.00 14.30 ? 61  GLN A CD  1 
ATOM   460  O  OE1 . GLN A 1 61 ? -2.233  -26.295 -16.026 1.00 11.66 ? 61  GLN A OE1 1 
ATOM   461  N  NE2 . GLN A 1 61 ? -0.678  -27.465 -14.905 1.00 12.52 ? 61  GLN A NE2 1 
ATOM   462  N  N   . TYR A 1 62 ? -0.044  -21.279 -16.283 1.00 7.55  ? 62  TYR A N   1 
ATOM   463  C  CA  . TYR A 1 62 ? 0.996   -20.737 -17.161 1.00 10.72 ? 62  TYR A CA  1 
ATOM   464  C  C   . TYR A 1 62 ? 0.868   -19.213 -17.296 1.00 10.00 ? 62  TYR A C   1 
ATOM   465  O  O   . TYR A 1 62 ? 0.808   -18.671 -18.403 1.00 11.64 ? 62  TYR A O   1 
ATOM   466  C  CB  . TYR A 1 62 ? 0.953   -21.423 -18.536 1.00 8.21  ? 62  TYR A CB  1 
ATOM   467  C  CG  . TYR A 1 62 ? 1.215   -22.916 -18.466 1.00 9.90  ? 62  TYR A CG  1 
ATOM   468  C  CD1 . TYR A 1 62 ? 2.511   -23.410 -18.375 1.00 11.67 ? 62  TYR A CD1 1 
ATOM   469  C  CD2 . TYR A 1 62 ? 0.168   -23.829 -18.484 1.00 12.59 ? 62  TYR A CD2 1 
ATOM   470  C  CE1 . TYR A 1 62 ? 2.756   -24.775 -18.303 1.00 13.98 ? 62  TYR A CE1 1 
ATOM   471  C  CE2 . TYR A 1 62 ? 0.403   -25.195 -18.412 1.00 12.53 ? 62  TYR A CE2 1 
ATOM   472  C  CZ  . TYR A 1 62 ? 1.697   -25.662 -18.324 1.00 10.25 ? 62  TYR A CZ  1 
ATOM   473  O  OH  . TYR A 1 62 ? 1.932   -27.022 -18.250 1.00 16.64 ? 62  TYR A OH  1 
ATOM   474  N  N   . SER A 1 63 ? 0.844   -18.535 -16.152 1.00 9.36  ? 63  SER A N   1 
ATOM   475  C  CA  . SER A 1 63 ? 0.612   -17.092 -16.085 1.00 6.62  ? 63  SER A CA  1 
ATOM   476  C  C   . SER A 1 63 ? 1.741   -16.265 -16.703 1.00 9.35  ? 63  SER A C   1 
ATOM   477  O  O   . SER A 1 63 ? 2.879   -16.720 -16.809 1.00 9.40  ? 63  SER A O   1 
ATOM   478  C  CB  . SER A 1 63 ? 0.404   -16.670 -14.623 1.00 6.55  ? 63  SER A CB  1 
ATOM   479  O  OG  . SER A 1 63 ? 0.053   -15.298 -14.510 1.00 8.13  ? 63  SER A OG  1 
ATOM   480  N  N   . GLY A 1 64 ? 1.417   -15.042 -17.115 1.00 8.09  ? 64  GLY A N   1 
ATOM   481  C  CA  . GLY A 1 64 ? 2.434   -14.100 -17.551 1.00 7.22  ? 64  GLY A CA  1 
ATOM   482  C  C   . GLY A 1 64 ? 2.859   -13.131 -16.456 1.00 7.71  ? 64  GLY A C   1 
ATOM   483  O  O   . GLY A 1 64 ? 3.742   -12.298 -16.671 1.00 9.18  ? 64  GLY A O   1 
ATOM   484  N  N   . LEU A 1 65 ? 2.243   -13.246 -15.280 1.00 5.57  ? 65  LEU A N   1 
ATOM   485  C  CA  . LEU A 1 65 ? 2.521   -12.333 -14.166 1.00 6.08  ? 65  LEU A CA  1 
ATOM   486  C  C   . LEU A 1 65 ? 3.856   -12.625 -13.465 1.00 6.82  ? 65  LEU A C   1 
ATOM   487  O  O   . LEU A 1 65 ? 4.353   -13.752 -13.504 1.00 7.90  ? 65  LEU A O   1 
ATOM   488  C  CB  . LEU A 1 65 ? 1.351   -12.329 -13.168 1.00 7.20  ? 65  LEU A CB  1 
ATOM   489  C  CG  . LEU A 1 65 ? 0.018   -11.826 -13.737 1.00 9.67  ? 65  LEU A CG  1 
ATOM   490  C  CD1 . LEU A 1 65 ? -1.114  -12.058 -12.750 1.00 11.47 ? 65  LEU A CD1 1 
ATOM   491  C  CD2 . LEU A 1 65 ? 0.103   -10.354 -14.122 1.00 8.46  ? 65  LEU A CD2 1 
ATOM   492  N  N   . PRO A 1 66 ? 4.450   -11.596 -12.830 1.00 7.99  ? 66  PRO A N   1 
ATOM   493  C  CA  . PRO A 1 66 ? 5.788   -11.696 -12.226 1.00 11.04 ? 66  PRO A CA  1 
ATOM   494  C  C   . PRO A 1 66 ? 5.826   -12.452 -10.898 1.00 10.95 ? 66  PRO A C   1 
ATOM   495  O  O   . PRO A 1 66 ? 4.786   -12.631 -10.263 1.00 8.01  ? 66  PRO A O   1 
ATOM   496  C  CB  . PRO A 1 66 ? 6.179   -10.227 -11.993 1.00 9.15  ? 66  PRO A CB  1 
ATOM   497  C  CG  . PRO A 1 66 ? 4.885   -9.516  -11.842 1.00 14.14 ? 66  PRO A CG  1 
ATOM   498  C  CD  . PRO A 1 66 ? 3.887   -10.239 -12.710 1.00 9.58  ? 66  PRO A CD  1 
ATOM   499  N  N   . PRO A 1 67 ? 7.026   -12.892 -10.484 1.00 10.59 ? 67  PRO A N   1 
ATOM   500  C  CA  . PRO A 1 67 ? 7.218   -13.500 -9.164  1.00 12.40 ? 67  PRO A CA  1 
ATOM   501  C  C   . PRO A 1 67 ? 6.893   -12.496 -8.063  1.00 11.32 ? 67  PRO A C   1 
ATOM   502  O  O   . PRO A 1 67 ? 7.133   -11.303 -8.241  1.00 12.57 ? 67  PRO A O   1 
ATOM   503  C  CB  . PRO A 1 67 ? 8.717   -13.823 -9.138  1.00 13.80 ? 67  PRO A CB  1 
ATOM   504  C  CG  . PRO A 1 67 ? 9.145   -13.834 -10.554 1.00 13.65 ? 67  PRO A CG  1 
ATOM   505  C  CD  . PRO A 1 67 ? 8.281   -12.834 -11.251 1.00 13.73 ? 67  PRO A CD  1 
ATOM   506  N  N   . TYR A 1 68 ? 6.358   -12.976 -6.944  1.00 9.84  ? 68  TYR A N   1 
ATOM   507  C  CA  . TYR A 1 68 ? 6.011   -12.104 -5.827  1.00 13.67 ? 68  TYR A CA  1 
ATOM   508  C  C   . TYR A 1 68 ? 7.219   -11.305 -5.337  1.00 12.11 ? 68  TYR A C   1 
ATOM   509  O  O   . TYR A 1 68 ? 7.101   -10.123 -5.023  1.00 13.87 ? 68  TYR A O   1 
ATOM   510  C  CB  . TYR A 1 68 ? 5.408   -12.911 -4.671  1.00 12.72 ? 68  TYR A CB  1 
ATOM   511  C  CG  . TYR A 1 68 ? 5.245   -12.117 -3.395  1.00 12.37 ? 68  TYR A CG  1 
ATOM   512  C  CD1 . TYR A 1 68 ? 6.214   -12.158 -2.402  1.00 13.15 ? 68  TYR A CD1 1 
ATOM   513  C  CD2 . TYR A 1 68 ? 4.124   -11.318 -3.185  1.00 13.47 ? 68  TYR A CD2 1 
ATOM   514  C  CE1 . TYR A 1 68 ? 6.074   -11.431 -1.234  1.00 15.36 ? 68  TYR A CE1 1 
ATOM   515  C  CE2 . TYR A 1 68 ? 3.974   -10.585 -2.017  1.00 10.55 ? 68  TYR A CE2 1 
ATOM   516  C  CZ  . TYR A 1 68 ? 4.956   -10.644 -1.048  1.00 15.03 ? 68  TYR A CZ  1 
ATOM   517  O  OH  . TYR A 1 68 ? 4.821   -9.919  0.115   1.00 13.77 ? 68  TYR A OH  1 
ATOM   518  N  N   . ASP A 1 69 ? 8.378   -11.955 -5.285  1.00 14.42 ? 69  ASP A N   1 
ATOM   519  C  CA  . ASP A 1 69 ? 9.591   -11.325 -4.760  1.00 16.41 ? 69  ASP A CA  1 
ATOM   520  C  C   . ASP A 1 69 ? 10.017  -10.076 -5.526  1.00 16.99 ? 69  ASP A C   1 
ATOM   521  O  O   . ASP A 1 69 ? 10.692  -9.207  -4.974  1.00 21.14 ? 69  ASP A O   1 
ATOM   522  C  CB  . ASP A 1 69 ? 10.749  -12.329 -4.706  1.00 22.45 ? 69  ASP A CB  1 
ATOM   523  C  CG  . ASP A 1 69 ? 10.614  -13.305 -3.560  1.00 20.64 ? 69  ASP A CG  1 
ATOM   524  O  OD1 . ASP A 1 69 ? 9.904   -12.975 -2.589  1.00 23.68 ? 69  ASP A OD1 1 
ATOM   525  O  OD2 . ASP A 1 69 ? 11.217  -14.399 -3.624  1.00 23.03 ? 69  ASP A OD2 1 
ATOM   526  N  N   . ARG A 1 70 ? 9.633   -9.989  -6.794  1.00 16.75 ? 70  ARG A N   1 
ATOM   527  C  CA  . ARG A 1 70 ? 9.975   -8.827  -7.604  1.00 16.66 ? 70  ARG A CA  1 
ATOM   528  C  C   . ARG A 1 70 ? 9.129   -7.623  -7.212  1.00 20.68 ? 70  ARG A C   1 
ATOM   529  O  O   . ARG A 1 70 ? 9.575   -6.481  -7.314  1.00 22.90 ? 70  ARG A O   1 
ATOM   530  C  CB  . ARG A 1 70 ? 9.800   -9.126  -9.092  1.00 17.44 ? 70  ARG A CB  1 
ATOM   531  C  CG  . ARG A 1 70 ? 10.745  -10.188 -9.622  1.00 22.81 ? 70  ARG A CG  1 
ATOM   532  C  CD  . ARG A 1 70 ? 12.195  -9.783  -9.421  1.00 27.14 ? 70  ARG A CD  1 
ATOM   533  N  NE  . ARG A 1 70 ? 12.988  -10.881 -8.874  1.00 34.09 ? 70  ARG A NE  1 
ATOM   534  C  CZ  . ARG A 1 70 ? 14.238  -10.757 -8.439  1.00 40.66 ? 70  ARG A CZ  1 
ATOM   535  N  NH1 . ARG A 1 70 ? 14.843  -9.579  -8.477  1.00 41.77 ? 70  ARG A NH1 1 
ATOM   536  N  NH2 . ARG A 1 70 ? 14.883  -11.813 -7.961  1.00 39.26 ? 70  ARG A NH2 1 
ATOM   537  N  N   . LEU A 1 71 ? 7.908   -7.887  -6.763  1.00 15.02 ? 71  LEU A N   1 
ATOM   538  C  CA  . LEU A 1 71 ? 6.997   -6.823  -6.366  1.00 16.12 ? 71  LEU A CA  1 
ATOM   539  C  C   . LEU A 1 71 ? 7.490   -6.101  -5.110  1.00 20.77 ? 71  LEU A C   1 
ATOM   540  O  O   . LEU A 1 71 ? 7.303   -4.894  -4.974  1.00 25.54 ? 71  LEU A O   1 
ATOM   541  C  CB  . LEU A 1 71 ? 5.579   -7.370  -6.150  1.00 11.69 ? 71  LEU A CB  1 
ATOM   542  C  CG  . LEU A 1 71 ? 4.889   -8.050  -7.335  1.00 12.80 ? 71  LEU A CG  1 
ATOM   543  C  CD1 . LEU A 1 71 ? 3.552   -8.667  -6.909  1.00 10.35 ? 71  LEU A CD1 1 
ATOM   544  C  CD2 . LEU A 1 71 ? 4.693   -7.075  -8.487  1.00 17.31 ? 71  LEU A CD2 1 
ATOM   545  N  N   . ILE A 1 72 ? 8.128   -6.830  -4.197  1.00 15.01 ? 72  ILE A N   1 
ATOM   546  C  CA  . ILE A 1 72 ? 8.525   -6.234  -2.920  1.00 16.35 ? 72  ILE A CA  1 
ATOM   547  C  C   . ILE A 1 72 ? 10.016  -5.910  -2.788  1.00 19.25 ? 72  ILE A C   1 
ATOM   548  O  O   . ILE A 1 72 ? 10.484  -5.627  -1.688  1.00 23.32 ? 72  ILE A O   1 
ATOM   549  C  CB  . ILE A 1 72 ? 8.119   -7.113  -1.709  1.00 16.02 ? 72  ILE A CB  1 
ATOM   550  C  CG1 . ILE A 1 72 ? 8.831   -8.463  -1.752  1.00 21.38 ? 72  ILE A CG1 1 
ATOM   551  C  CG2 . ILE A 1 72 ? 6.613   -7.286  -1.658  1.00 18.41 ? 72  ILE A CG2 1 
ATOM   552  C  CD1 . ILE A 1 72 ? 8.853   -9.206  -0.412  1.00 25.06 ? 72  ILE A CD1 1 
ATOM   553  N  N   . GLU A 1 73 ? 10.762  -5.946  -3.891  1.00 20.81 ? 73  GLU A N   1 
ATOM   554  C  CA  . GLU A 1 73 ? 12.194  -5.641  -3.835  1.00 18.90 ? 73  GLU A CA  1 
ATOM   555  C  C   . GLU A 1 73 ? 12.436  -4.174  -3.479  1.00 25.11 ? 73  GLU A C   1 
ATOM   556  O  O   . GLU A 1 73 ? 11.655  -3.301  -3.859  1.00 23.47 ? 73  GLU A O   1 
ATOM   557  C  CB  . GLU A 1 73 ? 12.890  -6.000  -5.151  1.00 24.87 ? 73  GLU A CB  1 
ATOM   558  C  CG  . GLU A 1 73 ? 12.345  -5.280  -6.378  1.00 29.86 ? 73  GLU A CG  1 
ATOM   559  C  CD  . GLU A 1 73 ? 13.025  -5.726  -7.663  1.00 33.89 ? 73  GLU A CD  1 
ATOM   560  O  OE1 . GLU A 1 73 ? 14.046  -6.442  -7.580  1.00 40.07 ? 73  GLU A OE1 1 
ATOM   561  O  OE2 . GLU A 1 73 ? 12.540  -5.362  -8.754  1.00 29.92 ? 73  GLU A OE2 1 
ATOM   562  N  N   . GLU A 1 74 ? 13.514  -3.907  -2.745  1.00 21.77 ? 74  GLU A N   1 
ATOM   563  C  CA  . GLU A 1 74 ? 13.837  -2.541  -2.332  1.00 22.82 ? 74  GLU A CA  1 
ATOM   564  C  C   . GLU A 1 74 ? 14.470  -1.739  -3.462  1.00 21.09 ? 74  GLU A C   1 
ATOM   565  O  O   . GLU A 1 74 ? 15.501  -2.129  -4.002  1.00 18.48 ? 74  GLU A O   1 
ATOM   566  C  CB  . GLU A 1 74 ? 14.760  -2.545  -1.111  1.00 25.94 ? 74  GLU A CB  1 
ATOM   567  C  CG  . GLU A 1 74 ? 14.026  -2.547  0.219   1.00 31.03 ? 74  GLU A CG  1 
ATOM   568  C  CD  . GLU A 1 74 ? 14.545  -1.485  1.164   1.00 34.86 ? 74  GLU A CD  1 
ATOM   569  O  OE1 . GLU A 1 74 ? 15.618  -0.910  0.882   1.00 39.64 ? 74  GLU A OE1 1 
ATOM   570  O  OE2 . GLU A 1 74 ? 13.876  -1.218  2.186   1.00 42.31 ? 74  GLU A OE2 1 
ATOM   571  N  N   . PRO A 1 75 ? 13.844  -0.608  -3.822  1.00 22.48 ? 75  PRO A N   1 
ATOM   572  C  CA  . PRO A 1 75 ? 14.295  0.247   -4.925  1.00 20.83 ? 75  PRO A CA  1 
ATOM   573  C  C   . PRO A 1 75 ? 15.766  0.649   -4.817  1.00 20.92 ? 75  PRO A C   1 
ATOM   574  O  O   . PRO A 1 75 ? 16.492  0.545   -5.805  1.00 21.89 ? 75  PRO A O   1 
ATOM   575  C  CB  . PRO A 1 75 ? 13.396  1.483   -4.797  1.00 24.64 ? 75  PRO A CB  1 
ATOM   576  C  CG  . PRO A 1 75 ? 12.138  0.951   -4.198  1.00 27.09 ? 75  PRO A CG  1 
ATOM   577  C  CD  . PRO A 1 75 ? 12.564  -0.146  -3.255  1.00 28.92 ? 75  PRO A CD  1 
ATOM   578  N  N   . ALA A 1 76 ? 16.198  1.093   -3.640  1.00 20.66 ? 76  ALA A N   1 
ATOM   579  C  CA  . ALA A 1 76 ? 17.566  1.585   -3.470  1.00 23.72 ? 76  ALA A CA  1 
ATOM   580  C  C   . ALA A 1 76 ? 18.608  0.503   -3.742  1.00 20.58 ? 76  ALA A C   1 
ATOM   581  O  O   . ALA A 1 76 ? 19.729  0.801   -4.153  1.00 17.67 ? 76  ALA A O   1 
ATOM   582  C  CB  . ALA A 1 76 ? 17.756  2.171   -2.073  1.00 21.82 ? 76  ALA A CB  1 
ATOM   583  N  N   . SER A 1 77 ? 18.231  -0.753  -3.518  1.00 16.62 ? 77  SER A N   1 
ATOM   584  C  CA  . SER A 1 77 ? 19.157  -1.864  -3.700  1.00 17.49 ? 77  SER A CA  1 
ATOM   585  C  C   . SER A 1 77 ? 19.516  -2.063  -5.170  1.00 22.18 ? 77  SER A C   1 
ATOM   586  O  O   . SER A 1 77 ? 20.493  -2.743  -5.490  1.00 23.54 ? 77  SER A O   1 
ATOM   587  C  CB  . SER A 1 77 ? 18.574  -3.156  -3.120  1.00 23.47 ? 77  SER A CB  1 
ATOM   588  O  OG  . SER A 1 77 ? 17.694  -3.781  -4.041  1.00 31.24 ? 77  SER A OG  1 
ATOM   589  N  N   . LEU A 1 78 ? 18.727  -1.459  -6.056  1.00 18.50 ? 78  LEU A N   1 
ATOM   590  C  CA  . LEU A 1 78 ? 18.913  -1.610  -7.496  1.00 20.33 ? 78  LEU A CA  1 
ATOM   591  C  C   . LEU A 1 78 ? 19.703  -0.451  -8.113  1.00 21.08 ? 78  LEU A C   1 
ATOM   592  O  O   . LEU A 1 78 ? 20.058  -0.498  -9.293  1.00 25.29 ? 78  LEU A O   1 
ATOM   593  C  CB  . LEU A 1 78 ? 17.553  -1.726  -8.197  1.00 22.95 ? 78  LEU A CB  1 
ATOM   594  C  CG  . LEU A 1 78 ? 16.575  -2.803  -7.713  1.00 25.32 ? 78  LEU A CG  1 
ATOM   595  C  CD1 . LEU A 1 78 ? 15.222  -2.628  -8.380  1.00 24.14 ? 78  LEU A CD1 1 
ATOM   596  C  CD2 . LEU A 1 78 ? 17.124  -4.200  -7.965  1.00 30.09 ? 78  LEU A CD2 1 
ATOM   597  N  N   . GLU A 1 79 ? 19.981  0.585   -7.324  1.00 15.71 ? 79  GLU A N   1 
ATOM   598  C  CA  . GLU A 1 79 ? 20.638  1.786   -7.848  1.00 16.54 ? 79  GLU A CA  1 
ATOM   599  C  C   . GLU A 1 79 ? 22.164  1.716   -7.792  1.00 13.58 ? 79  GLU A C   1 
ATOM   600  O  O   . GLU A 1 79 ? 22.731  1.029   -6.944  1.00 13.21 ? 79  GLU A O   1 
ATOM   601  C  CB  . GLU A 1 79 ? 20.155  3.034   -7.107  1.00 16.98 ? 79  GLU A CB  1 
ATOM   602  C  CG  . GLU A 1 79 ? 18.727  3.455   -7.436  1.00 28.71 ? 79  GLU A CG  1 
ATOM   603  C  CD  . GLU A 1 79 ? 18.245  4.615   -6.578  1.00 27.82 ? 79  GLU A CD  1 
ATOM   604  O  OE1 . GLU A 1 79 ? 18.780  4.793   -5.465  1.00 28.84 ? 79  GLU A OE1 1 
ATOM   605  O  OE2 . GLU A 1 79 ? 17.334  5.346   -7.021  1.00 34.91 ? 79  GLU A OE2 1 
ATOM   606  N  N   . HIS A 1 80 ? 22.817  2.438   -8.704  1.00 13.63 ? 80  HIS A N   1 
ATOM   607  C  CA  . HIS A 1 80 ? 24.269  2.616   -8.674  1.00 13.15 ? 80  HIS A CA  1 
ATOM   608  C  C   . HIS A 1 80 ? 24.590  4.081   -9.004  1.00 12.32 ? 80  HIS A C   1 
ATOM   609  O  O   . HIS A 1 80 ? 23.942  4.671   -9.867  1.00 10.73 ? 80  HIS A O   1 
ATOM   610  C  CB  . HIS A 1 80 ? 24.959  1.679   -9.670  1.00 11.04 ? 80  HIS A CB  1 
ATOM   611  C  CG  . HIS A 1 80 ? 24.656  0.228   -9.451  1.00 11.13 ? 80  HIS A CG  1 
ATOM   612  N  ND1 . HIS A 1 80 ? 23.571  -0.401  -10.019 1.00 15.31 ? 80  HIS A ND1 1 
ATOM   613  C  CD2 . HIS A 1 80 ? 25.298  -0.718  -8.722  1.00 11.82 ? 80  HIS A CD2 1 
ATOM   614  C  CE1 . HIS A 1 80 ? 23.557  -1.673  -9.655  1.00 12.42 ? 80  HIS A CE1 1 
ATOM   615  N  NE2 . HIS A 1 80 ? 24.593  -1.889  -8.866  1.00 12.28 ? 80  HIS A NE2 1 
ATOM   616  N  N   . HIS A 1 81 ? 25.583  4.660   -8.322  1.00 12.05 ? 81  HIS A N   1 
ATOM   617  C  CA  . HIS A 1 81 ? 25.889  6.093   -8.443  1.00 9.94  ? 81  HIS A CA  1 
ATOM   618  C  C   . HIS A 1 81 ? 27.391  6.378   -8.615  1.00 9.51  ? 81  HIS A C   1 
ATOM   619  O  O   . HIS A 1 81 ? 28.193  5.952   -7.785  1.00 7.55  ? 81  HIS A O   1 
ATOM   620  C  CB  . HIS A 1 81 ? 25.411  6.840   -7.190  1.00 10.04 ? 81  HIS A CB  1 
ATOM   621  C  CG  . HIS A 1 81 ? 24.016  6.496   -6.763  1.00 12.82 ? 81  HIS A CG  1 
ATOM   622  N  ND1 . HIS A 1 81 ? 22.906  7.159   -7.241  1.00 14.24 ? 81  HIS A ND1 1 
ATOM   623  C  CD2 . HIS A 1 81 ? 23.553  5.573   -5.886  1.00 14.73 ? 81  HIS A CD2 1 
ATOM   624  C  CE1 . HIS A 1 81 ? 21.819  6.654   -6.684  1.00 21.05 ? 81  HIS A CE1 1 
ATOM   625  N  NE2 . HIS A 1 81 ? 22.183  5.690   -5.858  1.00 16.25 ? 81  HIS A NE2 1 
ATOM   626  N  N   . HIS A 1 82 ? 27.764  7.124   -9.660  1.00 5.96  ? 82  HIS A N   1 
ATOM   627  C  CA  . HIS A 1 82 ? 29.173  7.465   -9.916  1.00 8.05  ? 82  HIS A CA  1 
ATOM   628  C  C   . HIS A 1 82 ? 29.393  8.853   -10.545 1.00 7.38  ? 82  HIS A C   1 
ATOM   629  O  O   . HIS A 1 82 ? 28.767  9.199   -11.547 1.00 7.52  ? 82  HIS A O   1 
ATOM   630  C  CB  . HIS A 1 82 ? 29.840  6.406   -10.807 1.00 7.27  ? 82  HIS A CB  1 
ATOM   631  C  CG  . HIS A 1 82 ? 29.859  5.039   -10.206 1.00 9.36  ? 82  HIS A CG  1 
ATOM   632  N  ND1 . HIS A 1 82 ? 30.687  4.696   -9.155  1.00 10.79 ? 82  HIS A ND1 1 
ATOM   633  C  CD2 . HIS A 1 82 ? 29.149  3.923   -10.499 1.00 9.83  ? 82  HIS A CD2 1 
ATOM   634  C  CE1 . HIS A 1 82 ? 30.480  3.437   -8.826  1.00 8.76  ? 82  HIS A CE1 1 
ATOM   635  N  NE2 . HIS A 1 82 ? 29.552  2.942   -9.629  1.00 9.22  ? 82  HIS A NE2 1 
ATOM   636  N  N   . HIS A 1 83 ? 30.300  9.628   -9.956  1.00 6.67  ? 83  HIS A N   1 
ATOM   637  C  CA  . HIS A 1 83 ? 30.728  10.901  -10.535 1.00 7.40  ? 83  HIS A CA  1 
ATOM   638  C  C   . HIS A 1 83 ? 31.687  10.665  -11.695 1.00 8.16  ? 83  HIS A C   1 
ATOM   639  O  O   . HIS A 1 83 ? 32.302  9.601   -11.793 1.00 11.08 ? 83  HIS A O   1 
ATOM   640  C  CB  . HIS A 1 83 ? 31.403  11.788  -9.479  1.00 7.50  ? 83  HIS A CB  1 
ATOM   641  C  CG  . HIS A 1 83 ? 32.561  11.133  -8.788  1.00 9.46  ? 83  HIS A CG  1 
ATOM   642  N  ND1 . HIS A 1 83 ? 33.838  11.127  -9.311  1.00 10.82 ? 83  HIS A ND1 1 
ATOM   643  C  CD2 . HIS A 1 83 ? 32.634  10.464  -7.613  1.00 7.86  ? 83  HIS A CD2 1 
ATOM   644  C  CE1 . HIS A 1 83 ? 34.645  10.477  -8.489  1.00 11.12 ? 83  HIS A CE1 1 
ATOM   645  N  NE2 . HIS A 1 83 ? 33.938  10.059  -7.454  1.00 14.95 ? 83  HIS A NE2 1 
ATOM   646  N  N   . HIS A 1 84 ? 31.810  11.662  -12.569 1.00 8.03  ? 84  HIS A N   1 
ATOM   647  C  CA  . HIS A 1 84 ? 32.733  11.596  -13.704 1.00 7.35  ? 84  HIS A CA  1 
ATOM   648  C  C   . HIS A 1 84 ? 34.176  11.835  -13.238 1.00 11.52 ? 84  HIS A C   1 
ATOM   649  O  O   . HIS A 1 84 ? 34.425  12.694  -12.396 1.00 10.67 ? 84  HIS A O   1 
ATOM   650  C  CB  . HIS A 1 84 ? 32.336  12.629  -14.762 1.00 6.89  ? 84  HIS A CB  1 
ATOM   651  C  CG  . HIS A 1 84 ? 32.846  12.316  -16.138 1.00 13.68 ? 84  HIS A CG  1 
ATOM   652  N  ND1 . HIS A 1 84 ? 34.151  12.543  -16.516 1.00 14.23 ? 84  HIS A ND1 1 
ATOM   653  C  CD2 . HIS A 1 84 ? 32.224  11.798  -17.223 1.00 14.98 ? 84  HIS A CD2 1 
ATOM   654  C  CE1 . HIS A 1 84 ? 34.312  12.179  -17.777 1.00 13.56 ? 84  HIS A CE1 1 
ATOM   655  N  NE2 . HIS A 1 84 ? 33.159  11.723  -18.229 1.00 17.81 ? 84  HIS A NE2 1 
ATOM   656  N  N   . HIS A 1 85 ? 35.120  11.070  -13.779 1.00 9.48  ? 85  HIS A N   1 
ATOM   657  C  CA  . HIS A 1 85 ? 36.527  11.222  -13.408 1.00 9.79  ? 85  HIS A CA  1 
ATOM   658  C  C   . HIS A 1 85 ? 37.222  12.240  -14.314 1.00 13.63 ? 85  HIS A C   1 
ATOM   659  O  O   . HIS A 1 85 ? 38.271  12.782  -13.956 1.00 19.82 ? 85  HIS A O   1 
ATOM   660  C  CB  . HIS A 1 85 ? 37.262  9.877   -13.463 1.00 10.71 ? 85  HIS A CB  1 
ATOM   661  C  CG  . HIS A 1 85 ? 36.635  8.810   -12.618 1.00 10.72 ? 85  HIS A CG  1 
ATOM   662  N  ND1 . HIS A 1 85 ? 36.797  8.750   -11.250 1.00 7.96  ? 85  HIS A ND1 1 
ATOM   663  C  CD2 . HIS A 1 85 ? 35.834  7.768   -12.946 1.00 11.12 ? 85  HIS A CD2 1 
ATOM   664  C  CE1 . HIS A 1 85 ? 36.123  7.719   -10.773 1.00 11.46 ? 85  HIS A CE1 1 
ATOM   665  N  NE2 . HIS A 1 85 ? 35.530  7.106   -11.782 1.00 11.93 ? 85  HIS A NE2 1 
ATOM   666  O  OXT . HIS A 1 85 ? 36.756  12.623  -15.309 1.00 19.82 ? 85  HIS A OXT 1 
ATOM   667  N  N   . ASN B 1 2  ? -9.944  -16.553 0.902   1.00 39.30 ? 2   ASN B N   1 
ATOM   668  C  CA  . ASN B 1 2  ? -9.996  -15.108 0.722   1.00 30.82 ? 2   ASN B CA  1 
ATOM   669  C  C   . ASN B 1 2  ? -9.557  -14.349 1.966   1.00 19.65 ? 2   ASN B C   1 
ATOM   670  O  O   . ASN B 1 2  ? -9.547  -14.888 3.072   1.00 33.42 ? 2   ASN B O   1 
ATOM   671  C  CB  . ASN B 1 2  ? -11.391 -14.671 0.283   1.00 26.53 ? 2   ASN B CB  1 
ATOM   672  C  CG  . ASN B 1 2  ? -11.763 -15.217 -1.076  1.00 38.71 ? 2   ASN B CG  1 
ATOM   673  O  OD1 . ASN B 1 2  ? -10.984 -15.939 -1.701  1.00 37.52 ? 2   ASN B OD1 1 
ATOM   674  N  ND2 . ASN B 1 2  ? -12.958 -14.881 -1.541  1.00 41.60 ? 2   ASN B ND2 1 
ATOM   675  N  N   . LEU B 1 3  ? -9.214  -13.084 1.771   1.00 22.01 ? 3   LEU B N   1 
ATOM   676  C  CA  . LEU B 1 3  ? -8.512  -12.301 2.779   1.00 18.88 ? 3   LEU B CA  1 
ATOM   677  C  C   . LEU B 1 3  ? -9.287  -12.082 4.077   1.00 15.66 ? 3   LEU B C   1 
ATOM   678  O  O   . LEU B 1 3  ? -10.518 -12.032 4.081   1.00 15.47 ? 3   LEU B O   1 
ATOM   679  C  CB  . LEU B 1 3  ? -8.100  -10.952 2.185   1.00 13.06 ? 3   LEU B CB  1 
ATOM   680  C  CG  . LEU B 1 3  ? -7.256  -11.065 0.914   1.00 16.92 ? 3   LEU B CG  1 
ATOM   681  C  CD1 . LEU B 1 3  ? -7.215  -9.751  0.159   1.00 13.54 ? 3   LEU B CD1 1 
ATOM   682  C  CD2 . LEU B 1 3  ? -5.848  -11.546 1.232   1.00 12.77 ? 3   LEU B CD2 1 
ATOM   683  N  N   . LYS B 1 4  ? -8.541  -11.951 5.172   1.00 10.21 ? 4   LYS B N   1 
ATOM   684  C  CA  . LYS B 1 4  ? -9.094  -11.573 6.467   1.00 12.85 ? 4   LYS B CA  1 
ATOM   685  C  C   . LYS B 1 4  ? -9.555  -10.118 6.430   1.00 8.66  ? 4   LYS B C   1 
ATOM   686  O  O   . LYS B 1 4  ? -8.966  -9.294  5.738   1.00 9.06  ? 4   LYS B O   1 
ATOM   687  C  CB  . LYS B 1 4  ? -8.033  -11.739 7.558   1.00 7.68  ? 4   LYS B CB  1 
ATOM   688  C  CG  . LYS B 1 4  ? -7.567  -13.172 7.777   1.00 18.25 ? 4   LYS B CG  1 
ATOM   689  C  CD  . LYS B 1 4  ? -6.478  -13.216 8.835   1.00 19.03 ? 4   LYS B CD  1 
ATOM   690  C  CE  . LYS B 1 4  ? -6.605  -14.437 9.726   1.00 21.62 ? 4   LYS B CE  1 
ATOM   691  N  NZ  . LYS B 1 4  ? -6.463  -15.710 8.970   1.00 34.94 ? 4   LYS B NZ  1 
ATOM   692  N  N   . PRO B 1 5  ? -10.611 -9.791  7.185   1.00 10.47 ? 5   PRO B N   1 
ATOM   693  C  CA  . PRO B 1 5  ? -11.101 -8.406  7.205   1.00 9.03  ? 5   PRO B CA  1 
ATOM   694  C  C   . PRO B 1 5  ? -10.041 -7.397  7.660   1.00 9.29  ? 5   PRO B C   1 
ATOM   695  O  O   . PRO B 1 5  ? -10.040 -6.262  7.176   1.00 8.44  ? 5   PRO B O   1 
ATOM   696  C  CB  . PRO B 1 5  ? -12.261 -8.458  8.204   1.00 10.86 ? 5   PRO B CB  1 
ATOM   697  C  CG  . PRO B 1 5  ? -12.715 -9.882  8.174   1.00 14.75 ? 5   PRO B CG  1 
ATOM   698  C  CD  . PRO B 1 5  ? -11.478 -10.701 7.954   1.00 13.29 ? 5   PRO B CD  1 
ATOM   699  N  N   . GLN B 1 6  ? -9.164  -7.793  8.581   1.00 8.77  ? 6   GLN B N   1 
ATOM   700  C  CA  . GLN B 1 6  ? -8.099  -6.901  9.037   1.00 8.93  ? 6   GLN B CA  1 
ATOM   701  C  C   . GLN B 1 6  ? -7.139  -6.566  7.899   1.00 7.58  ? 6   GLN B C   1 
ATOM   702  O  O   . GLN B 1 6  ? -6.575  -5.471  7.859   1.00 9.93  ? 6   GLN B O   1 
ATOM   703  C  CB  . GLN B 1 6  ? -7.321  -7.509  10.213  1.00 12.24 ? 6   GLN B CB  1 
ATOM   704  C  CG  . GLN B 1 6  ? -8.106  -7.602  11.517  1.00 20.13 ? 6   GLN B CG  1 
ATOM   705  C  CD  . GLN B 1 6  ? -8.298  -6.258  12.201  1.00 22.91 ? 6   GLN B CD  1 
ATOM   706  O  OE1 . GLN B 1 6  ? -7.447  -5.371  12.115  1.00 26.61 ? 6   GLN B OE1 1 
ATOM   707  N  NE2 . GLN B 1 6  ? -9.424  -6.104  12.891  1.00 26.44 ? 6   GLN B NE2 1 
ATOM   708  N  N   . THR B 1 7  ? -6.942  -7.516  6.988   1.00 5.69  ? 7   THR B N   1 
ATOM   709  C  CA  . THR B 1 7  ? -6.081  -7.294  5.826   1.00 5.03  ? 7   THR B CA  1 
ATOM   710  C  C   . THR B 1 7  ? -6.694  -6.263  4.882   1.00 7.13  ? 7   THR B C   1 
ATOM   711  O  O   . THR B 1 7  ? -5.994  -5.394  4.356   1.00 6.86  ? 7   THR B O   1 
ATOM   712  C  CB  . THR B 1 7  ? -5.804  -8.607  5.056   1.00 6.84  ? 7   THR B CB  1 
ATOM   713  O  OG1 . THR B 1 7  ? -5.094  -9.515  5.904   1.00 7.06  ? 7   THR B OG1 1 
ATOM   714  C  CG2 . THR B 1 7  ? -4.973  -8.337  3.799   1.00 6.80  ? 7   THR B CG2 1 
ATOM   715  N  N   . LEU B 1 8  ? -8.005  -6.354  4.673   1.00 6.56  ? 8   LEU B N   1 
ATOM   716  C  CA  . LEU B 1 8  ? -8.697  -5.373  3.842   1.00 8.37  ? 8   LEU B CA  1 
ATOM   717  C  C   . LEU B 1 8  ? -8.585  -3.969  4.432   1.00 7.49  ? 8   LEU B C   1 
ATOM   718  O  O   . LEU B 1 8  ? -8.391  -2.997  3.700   1.00 8.73  ? 8   LEU B O   1 
ATOM   719  C  CB  . LEU B 1 8  ? -10.171 -5.746  3.656   1.00 4.53  ? 8   LEU B CB  1 
ATOM   720  C  CG  . LEU B 1 8  ? -10.512 -6.969  2.805   1.00 5.83  ? 8   LEU B CG  1 
ATOM   721  C  CD1 . LEU B 1 8  ? -12.005 -7.253  2.885   1.00 9.99  ? 8   LEU B CD1 1 
ATOM   722  C  CD2 . LEU B 1 8  ? -10.086 -6.766  1.354   1.00 7.95  ? 8   LEU B CD2 1 
HETATM 723  N  N   . MSE B 1 9  ? -8.706  -3.859  5.755   1.00 6.08  ? 9   MSE B N   1 
HETATM 724  C  CA  . MSE B 1 9  ? -8.569  -2.565  6.419   1.00 6.81  ? 9   MSE B CA  1 
HETATM 725  C  C   . MSE B 1 9  ? -7.178  -1.959  6.193   1.00 8.10  ? 9   MSE B C   1 
HETATM 726  O  O   . MSE B 1 9  ? -7.046  -0.775  5.864   1.00 6.75  ? 9   MSE B O   1 
HETATM 727  C  CB  . MSE B 1 9  ? -8.866  -2.694  7.922   1.00 8.43  ? 9   MSE B CB  1 
HETATM 728  C  CG  . MSE B 1 9  ? -10.322 -2.956  8.232   1.00 7.88  ? 9   MSE B CG  1 
HETATM 729  SE SE  . MSE B 1 9  ? -10.627 -3.446  10.100  1.00 24.61 ? 9   MSE B SE  1 
HETATM 730  C  CE  . MSE B 1 9  ? -9.747  -1.927  10.930  1.00 9.18  ? 9   MSE B CE  1 
ATOM   731  N  N   . VAL B 1 10 ? -6.141  -2.773  6.367   1.00 7.48  ? 10  VAL B N   1 
ATOM   732  C  CA  . VAL B 1 10 ? -4.770  -2.299  6.201   1.00 8.32  ? 10  VAL B CA  1 
ATOM   733  C  C   . VAL B 1 10 ? -4.498  -1.884  4.756   1.00 6.23  ? 10  VAL B C   1 
ATOM   734  O  O   . VAL B 1 10 ? -3.876  -0.850  4.506   1.00 8.31  ? 10  VAL B O   1 
ATOM   735  C  CB  . VAL B 1 10 ? -3.736  -3.353  6.679   1.00 6.55  ? 10  VAL B CB  1 
ATOM   736  C  CG1 . VAL B 1 10 ? -2.325  -2.944  6.299   1.00 8.87  ? 10  VAL B CG1 1 
ATOM   737  C  CG2 . VAL B 1 10 ? -3.843  -3.548  8.193   1.00 7.74  ? 10  VAL B CG2 1 
ATOM   738  N  N   . ALA B 1 11 ? -4.981  -2.677  3.804   1.00 6.30  ? 11  ALA B N   1 
ATOM   739  C  CA  . ALA B 1 11 ? -4.766  -2.370  2.392   1.00 5.69  ? 11  ALA B CA  1 
ATOM   740  C  C   . ALA B 1 11 ? -5.463  -1.071  1.988   1.00 7.37  ? 11  ALA B C   1 
ATOM   741  O  O   . ALA B 1 11 ? -4.886  -0.234  1.291   1.00 7.07  ? 11  ALA B O   1 
ATOM   742  C  CB  . ALA B 1 11 ? -5.219  -3.534  1.504   1.00 6.90  ? 11  ALA B CB  1 
ATOM   743  N  N   . ILE B 1 12 ? -6.704  -0.903  2.434   1.00 6.55  ? 12  ILE B N   1 
ATOM   744  C  CA  . ILE B 1 12 ? -7.463  0.307   2.136   1.00 5.64  ? 12  ILE B CA  1 
ATOM   745  C  C   . ILE B 1 12 ? -6.741  1.536   2.695   1.00 5.84  ? 12  ILE B C   1 
ATOM   746  O  O   . ILE B 1 12 ? -6.565  2.536   1.991   1.00 5.29  ? 12  ILE B O   1 
ATOM   747  C  CB  . ILE B 1 12 ? -8.911  0.197   2.674   1.00 5.52  ? 12  ILE B CB  1 
ATOM   748  C  CG1 . ILE B 1 12 ? -9.681  -0.853  1.869   1.00 4.52  ? 12  ILE B CG1 1 
ATOM   749  C  CG2 . ILE B 1 12 ? -9.628  1.544   2.613   1.00 7.96  ? 12  ILE B CG2 1 
ATOM   750  C  CD1 . ILE B 1 12 ? -11.038 -1.214  2.454   1.00 5.62  ? 12  ILE B CD1 1 
ATOM   751  N  N   . GLN B 1 13 ? -6.294  1.442   3.946   1.00 6.59  ? 13  GLN B N   1 
ATOM   752  C  CA  . GLN B 1 13 ? -5.579  2.538   4.600   1.00 8.29  ? 13  GLN B CA  1 
ATOM   753  C  C   . GLN B 1 13 ? -4.290  2.912   3.866   1.00 7.46  ? 13  GLN B C   1 
ATOM   754  O  O   . GLN B 1 13 ? -4.006  4.092   3.645   1.00 6.70  ? 13  GLN B O   1 
ATOM   755  C  CB  . GLN B 1 13 ? -5.248  2.181   6.057   1.00 8.42  ? 13  GLN B CB  1 
ATOM   756  C  CG  . GLN B 1 13 ? -6.428  2.185   7.023   1.00 11.98 ? 13  GLN B CG  1 
ATOM   757  C  CD  . GLN B 1 13 ? -6.050  1.620   8.386   1.00 16.97 ? 13  GLN B CD  1 
ATOM   758  O  OE1 . GLN B 1 13 ? -5.339  0.619   8.476   1.00 15.53 ? 13  GLN B OE1 1 
ATOM   759  N  NE2 . GLN B 1 13 ? -6.513  2.267   9.450   1.00 16.64 ? 13  GLN B NE2 1 
ATOM   760  N  N   . CYS B 1 14 ? -3.508  1.903   3.494   1.00 6.45  ? 14  CYS B N   1 
ATOM   761  C  CA  . CYS B 1 14 ? -2.216  2.128   2.840   1.00 8.24  ? 14  CYS B CA  1 
ATOM   762  C  C   . CYS B 1 14 ? -2.336  2.716   1.424   1.00 8.05  ? 14  CYS B C   1 
ATOM   763  O  O   . CYS B 1 14 ? -1.530  3.559   1.026   1.00 9.35  ? 14  CYS B O   1 
ATOM   764  C  CB  . CYS B 1 14 ? -1.376  0.838   2.836   1.00 7.50  ? 14  CYS B CB  1 
ATOM   765  S  SG  . CYS B 1 14 ? -0.582  0.422   4.436   1.00 10.21 ? 14  CYS B SG  1 
ATOM   766  N  N   . VAL B 1 15 ? -3.344  2.284   0.669   1.00 8.42  ? 15  VAL B N   1 
ATOM   767  C  CA  . VAL B 1 15 ? -3.556  2.813   -0.680  1.00 8.04  ? 15  VAL B CA  1 
ATOM   768  C  C   . VAL B 1 15 ? -4.031  4.271   -0.641  1.00 11.37 ? 15  VAL B C   1 
ATOM   769  O  O   . VAL B 1 15 ? -3.615  5.094   -1.462  1.00 8.99  ? 15  VAL B O   1 
ATOM   770  C  CB  . VAL B 1 15 ? -4.541  1.931   -1.502  1.00 7.51  ? 15  VAL B CB  1 
ATOM   771  C  CG1 . VAL B 1 15 ? -4.924  2.618   -2.806  1.00 7.27  ? 15  VAL B CG1 1 
ATOM   772  C  CG2 . VAL B 1 15 ? -3.922  0.566   -1.783  1.00 6.20  ? 15  VAL B CG2 1 
ATOM   773  N  N   . ALA B 1 16 ? -4.884  4.595   0.328   1.00 7.84  ? 16  ALA B N   1 
ATOM   774  C  CA  . ALA B 1 16 ? -5.330  5.972   0.506   1.00 10.23 ? 16  ALA B CA  1 
ATOM   775  C  C   . ALA B 1 16 ? -4.163  6.889   0.877   1.00 11.12 ? 16  ALA B C   1 
ATOM   776  O  O   . ALA B 1 16 ? -4.043  8.002   0.356   1.00 9.46  ? 16  ALA B O   1 
ATOM   777  C  CB  . ALA B 1 16 ? -6.422  6.048   1.561   1.00 9.67  ? 16  ALA B CB  1 
ATOM   778  N  N   . ALA B 1 17 ? -3.302  6.413   1.773   1.00 9.06  ? 17  ALA B N   1 
ATOM   779  C  CA  . ALA B 1 17 ? -2.159  7.203   2.225   1.00 11.59 ? 17  ALA B CA  1 
ATOM   780  C  C   . ALA B 1 17 ? -1.145  7.477   1.117   1.00 10.17 ? 17  ALA B C   1 
ATOM   781  O  O   . ALA B 1 17 ? -0.619  8.585   1.020   1.00 11.35 ? 17  ALA B O   1 
ATOM   782  C  CB  . ALA B 1 17 ? -1.479  6.539   3.417   1.00 12.12 ? 17  ALA B CB  1 
ATOM   783  N  N   . ARG B 1 18 ? -0.856  6.473   0.293   1.00 9.12  ? 18  ARG B N   1 
ATOM   784  C  CA  . ARG B 1 18 ? 0.104   6.659   -0.798  1.00 8.37  ? 18  ARG B CA  1 
ATOM   785  C  C   . ARG B 1 18 ? -0.448  7.578   -1.884  1.00 8.72  ? 18  ARG B C   1 
ATOM   786  O  O   . ARG B 1 18 ? 0.302   8.328   -2.497  1.00 9.39  ? 18  ARG B O   1 
ATOM   787  C  CB  . ARG B 1 18 ? 0.540   5.322   -1.412  1.00 9.14  ? 18  ARG B CB  1 
ATOM   788  C  CG  . ARG B 1 18 ? 1.513   4.517   -0.557  1.00 10.82 ? 18  ARG B CG  1 
ATOM   789  C  CD  . ARG B 1 18 ? 2.785   5.312   -0.256  1.00 14.76 ? 18  ARG B CD  1 
ATOM   790  N  NE  . ARG B 1 18 ? 3.568   5.582   -1.460  1.00 17.82 ? 18  ARG B NE  1 
ATOM   791  C  CZ  . ARG B 1 18 ? 4.376   6.628   -1.609  1.00 19.72 ? 18  ARG B CZ  1 
ATOM   792  N  NH1 . ARG B 1 18 ? 4.506   7.520   -0.634  1.00 20.27 ? 18  ARG B NH1 1 
ATOM   793  N  NH2 . ARG B 1 18 ? 5.050   6.791   -2.737  1.00 24.08 ? 18  ARG B NH2 1 
ATOM   794  N  N   . THR B 1 19 ? -1.759  7.518   -2.119  1.00 7.61  ? 19  THR B N   1 
ATOM   795  C  CA  . THR B 1 19 ? -2.390  8.404   -3.098  1.00 7.03  ? 19  THR B CA  1 
ATOM   796  C  C   . THR B 1 19 ? -2.268  9.864   -2.656  1.00 8.89  ? 19  THR B C   1 
ATOM   797  O  O   . THR B 1 19 ? -1.907  10.738  -3.450  1.00 10.78 ? 19  THR B O   1 
ATOM   798  C  CB  . THR B 1 19 ? -3.875  8.046   -3.328  1.00 9.61  ? 19  THR B CB  1 
ATOM   799  O  OG1 . THR B 1 19 ? -3.982  6.689   -3.782  1.00 9.21  ? 19  THR B OG1 1 
ATOM   800  C  CG2 . THR B 1 19 ? -4.504  8.978   -4.365  1.00 10.75 ? 19  THR B CG2 1 
ATOM   801  N  N   . ARG B 1 20 ? -2.558  10.128  -1.385  1.00 9.18  ? 20  ARG B N   1 
ATOM   802  C  CA  . ARG B 1 20 ? -2.427  11.482  -0.849  1.00 10.07 ? 20  ARG B CA  1 
ATOM   803  C  C   . ARG B 1 20 ? -0.978  11.974  -0.877  1.00 9.69  ? 20  ARG B C   1 
ATOM   804  O  O   . ARG B 1 20 ? -0.714  13.130  -1.219  1.00 11.05 ? 20  ARG B O   1 
ATOM   805  C  CB  . ARG B 1 20 ? -3.011  11.577  0.565   1.00 14.30 ? 20  ARG B CB  1 
ATOM   806  C  CG  . ARG B 1 20 ? -4.531  11.501  0.598   1.00 20.73 ? 20  ARG B CG  1 
ATOM   807  C  CD  . ARG B 1 20 ? -5.090  11.766  1.987   1.00 29.33 ? 20  ARG B CD  1 
ATOM   808  N  NE  . ARG B 1 20 ? -4.617  10.793  2.968   1.00 27.39 ? 20  ARG B NE  1 
ATOM   809  C  CZ  . ARG B 1 20 ? -5.337  9.772   3.425   1.00 28.08 ? 20  ARG B CZ  1 
ATOM   810  N  NH1 . ARG B 1 20 ? -6.582  9.584   2.995   1.00 21.80 ? 20  ARG B NH1 1 
ATOM   811  N  NH2 . ARG B 1 20 ? -4.811  8.943   4.318   1.00 18.92 ? 20  ARG B NH2 1 
ATOM   812  N  N   . GLU B 1 21 ? -0.041  11.095  -0.533  1.00 8.92  ? 21  GLU B N   1 
ATOM   813  C  CA  . GLU B 1 21 ? 1.376   11.465  -0.526  1.00 9.57  ? 21  GLU B CA  1 
ATOM   814  C  C   . GLU B 1 21 ? 1.898   11.858  -1.921  1.00 11.83 ? 21  GLU B C   1 
ATOM   815  O  O   . GLU B 1 21 ? 2.695   12.788  -2.051  1.00 14.43 ? 21  GLU B O   1 
ATOM   816  C  CB  . GLU B 1 21 ? 2.229   10.357  0.116   1.00 9.12  ? 21  GLU B CB  1 
ATOM   817  C  CG  . GLU B 1 21 ? 2.063   10.275  1.639   1.00 13.47 ? 21  GLU B CG  1 
ATOM   818  C  CD  . GLU B 1 21 ? 2.625   8.996   2.258   1.00 19.29 ? 21  GLU B CD  1 
ATOM   819  O  OE1 . GLU B 1 21 ? 3.195   8.163   1.526   1.00 21.27 ? 21  GLU B OE1 1 
ATOM   820  O  OE2 . GLU B 1 21 ? 2.486   8.823   3.488   1.00 25.24 ? 21  GLU B OE2 1 
ATOM   821  N  N   . LEU B 1 22 ? 1.431   11.172  -2.961  1.00 10.73 ? 22  LEU B N   1 
ATOM   822  C  CA  . LEU B 1 22 ? 1.844   11.492  -4.329  1.00 11.86 ? 22  LEU B CA  1 
ATOM   823  C  C   . LEU B 1 22 ? 1.146   12.739  -4.892  1.00 13.45 ? 22  LEU B C   1 
ATOM   824  O  O   . LEU B 1 22 ? 1.762   13.528  -5.612  1.00 12.70 ? 22  LEU B O   1 
ATOM   825  C  CB  . LEU B 1 22 ? 1.641   10.288  -5.257  1.00 11.22 ? 22  LEU B CB  1 
ATOM   826  C  CG  . LEU B 1 22 ? 2.564   9.088   -5.013  1.00 12.30 ? 22  LEU B CG  1 
ATOM   827  C  CD1 . LEU B 1 22 ? 2.128   7.888   -5.836  1.00 13.89 ? 22  LEU B CD1 1 
ATOM   828  C  CD2 . LEU B 1 22 ? 4.022   9.442   -5.308  1.00 18.36 ? 22  LEU B CD2 1 
ATOM   829  N  N   . ASP B 1 23 ? -0.133  12.912  -4.567  1.00 9.16  ? 23  ASP B N   1 
ATOM   830  C  CA  . ASP B 1 23 ? -0.875  14.101  -4.989  1.00 13.22 ? 23  ASP B CA  1 
ATOM   831  C  C   . ASP B 1 23 ? -0.185  15.364  -4.483  1.00 12.77 ? 23  ASP B C   1 
ATOM   832  O  O   . ASP B 1 23 ? -0.088  16.365  -5.195  1.00 13.38 ? 23  ASP B O   1 
ATOM   833  C  CB  . ASP B 1 23 ? -2.316  14.069  -4.461  1.00 9.83  ? 23  ASP B CB  1 
ATOM   834  C  CG  . ASP B 1 23 ? -3.270  13.320  -5.377  1.00 12.84 ? 23  ASP B CG  1 
ATOM   835  O  OD1 . ASP B 1 23 ? -3.026  13.264  -6.605  1.00 12.97 ? 23  ASP B OD1 1 
ATOM   836  O  OD2 . ASP B 1 23 ? -4.286  12.801  -4.866  1.00 10.43 ? 23  ASP B OD2 1 
ATOM   837  N  N   . ALA B 1 24 ? 0.302   15.304  -3.248  1.00 10.68 ? 24  ALA B N   1 
ATOM   838  C  CA  . ALA B 1 24 ? 0.922   16.453  -2.601  1.00 17.00 ? 24  ALA B CA  1 
ATOM   839  C  C   . ALA B 1 24 ? 2.185   16.944  -3.311  1.00 20.04 ? 24  ALA B C   1 
ATOM   840  O  O   . ALA B 1 24 ? 2.546   18.116  -3.207  1.00 26.48 ? 24  ALA B O   1 
ATOM   841  C  CB  . ALA B 1 24 ? 1.223   16.136  -1.137  1.00 15.56 ? 24  ALA B CB  1 
ATOM   842  N  N   . GLN B 1 25 ? 2.848   16.048  -4.034  1.00 18.49 ? 25  GLN B N   1 
ATOM   843  C  CA  . GLN B 1 25 ? 4.124   16.365  -4.676  1.00 23.93 ? 25  GLN B CA  1 
ATOM   844  C  C   . GLN B 1 25 ? 3.989   16.876  -6.111  1.00 23.59 ? 25  GLN B C   1 
ATOM   845  O  O   . GLN B 1 25 ? 4.931   17.448  -6.660  1.00 19.76 ? 25  GLN B O   1 
ATOM   846  C  CB  . GLN B 1 25 ? 5.033   15.137  -4.662  1.00 27.16 ? 25  GLN B CB  1 
ATOM   847  C  CG  . GLN B 1 25 ? 5.435   14.684  -3.276  1.00 31.71 ? 25  GLN B CG  1 
ATOM   848  C  CD  . GLN B 1 25 ? 6.040   13.300  -3.280  1.00 34.53 ? 25  GLN B CD  1 
ATOM   849  O  OE1 . GLN B 1 25 ? 6.239   12.702  -4.337  1.00 34.47 ? 25  GLN B OE1 1 
ATOM   850  N  NE2 . GLN B 1 25 ? 6.332   12.780  -2.095  1.00 36.56 ? 25  GLN B NE2 1 
ATOM   851  N  N   . LEU B 1 26 ? 2.819   16.678  -6.710  1.00 20.62 ? 26  LEU B N   1 
ATOM   852  C  CA  . LEU B 1 26 ? 2.616   16.983  -8.125  1.00 18.66 ? 26  LEU B CA  1 
ATOM   853  C  C   . LEU B 1 26 ? 2.947   18.422  -8.522  1.00 22.92 ? 26  LEU B C   1 
ATOM   854  O  O   . LEU B 1 26 ? 3.496   18.660  -9.597  1.00 22.04 ? 26  LEU B O   1 
ATOM   855  C  CB  . LEU B 1 26 ? 1.182   16.643  -8.551  1.00 22.46 ? 26  LEU B CB  1 
ATOM   856  C  CG  . LEU B 1 26 ? 0.849   15.151  -8.648  1.00 18.05 ? 26  LEU B CG  1 
ATOM   857  C  CD1 . LEU B 1 26 ? -0.623  14.931  -8.975  1.00 17.68 ? 26  LEU B CD1 1 
ATOM   858  C  CD2 . LEU B 1 26 ? 1.734   14.477  -9.681  1.00 22.00 ? 26  LEU B CD2 1 
ATOM   859  N  N   . GLN B 1 27 ? 2.617   19.373  -7.653  1.00 21.55 ? 27  GLN B N   1 
ATOM   860  C  CA  . GLN B 1 27 ? 2.718   20.793  -7.994  1.00 26.89 ? 27  GLN B CA  1 
ATOM   861  C  C   . GLN B 1 27 ? 4.141   21.300  -8.249  1.00 23.78 ? 27  GLN B C   1 
ATOM   862  O  O   . GLN B 1 27 ? 4.349   22.162  -9.104  1.00 27.62 ? 27  GLN B O   1 
ATOM   863  C  CB  . GLN B 1 27 ? 2.040   21.651  -6.920  1.00 33.02 ? 27  GLN B CB  1 
ATOM   864  C  CG  . GLN B 1 27 ? 2.534   21.381  -5.511  1.00 31.48 ? 27  GLN B CG  1 
ATOM   865  C  CD  . GLN B 1 27 ? 2.067   22.428  -4.517  1.00 42.42 ? 27  GLN B CD  1 
ATOM   866  O  OE1 . GLN B 1 27 ? 1.064   23.110  -4.740  1.00 43.61 ? 27  GLN B OE1 1 
ATOM   867  N  NE2 . GLN B 1 27 ? 2.799   22.566  -3.418  1.00 38.23 ? 27  GLN B NE2 1 
ATOM   868  N  N   . ASN B 1 28 ? 5.114   20.778  -7.510  1.00 27.07 ? 28  ASN B N   1 
ATOM   869  C  CA  . ASN B 1 28 ? 6.502   21.217  -7.666  1.00 26.97 ? 28  ASN B CA  1 
ATOM   870  C  C   . ASN B 1 28 ? 7.360   20.228  -8.448  1.00 24.38 ? 28  ASN B C   1 
ATOM   871  O  O   . ASN B 1 28 ? 8.554   20.439  -8.654  1.00 22.46 ? 28  ASN B O   1 
ATOM   872  C  CB  . ASN B 1 28 ? 7.127   21.509  -6.301  1.00 33.36 ? 28  ASN B CB  1 
ATOM   873  C  CG  . ASN B 1 28 ? 6.618   22.800  -5.695  1.00 31.60 ? 28  ASN B CG  1 
ATOM   874  O  OD1 . ASN B 1 28 ? 6.617   23.846  -6.348  1.00 35.07 ? 28  ASN B OD1 1 
ATOM   875  N  ND2 . ASN B 1 28 ? 6.167   22.732  -4.448  1.00 33.17 ? 28  ASN B ND2 1 
ATOM   876  N  N   . ASP B 1 29 ? 6.731   19.147  -8.887  1.00 19.76 ? 29  ASP B N   1 
ATOM   877  C  CA  . ASP B 1 29 ? 7.405   18.123  -9.664  1.00 21.02 ? 29  ASP B CA  1 
ATOM   878  C  C   . ASP B 1 29 ? 7.593   18.612  -11.102 1.00 17.24 ? 29  ASP B C   1 
ATOM   879  O  O   . ASP B 1 29 ? 6.815   19.436  -11.580 1.00 13.79 ? 29  ASP B O   1 
ATOM   880  C  CB  . ASP B 1 29 ? 6.553   16.855  -9.641  1.00 18.26 ? 29  ASP B CB  1 
ATOM   881  C  CG  . ASP B 1 29 ? 7.306   15.638  -10.098 1.00 18.70 ? 29  ASP B CG  1 
ATOM   882  O  OD1 . ASP B 1 29 ? 6.653   14.608  -10.362 1.00 19.38 ? 29  ASP B OD1 1 
ATOM   883  O  OD2 . ASP B 1 29 ? 8.547   15.710  -10.191 1.00 21.28 ? 29  ASP B OD2 1 
ATOM   884  N  N   . ASP B 1 30 ? 8.623   18.123  -11.789 1.00 12.62 ? 30  ASP B N   1 
ATOM   885  C  CA  . ASP B 1 30 ? 8.732   18.380  -13.224 1.00 11.77 ? 30  ASP B CA  1 
ATOM   886  C  C   . ASP B 1 30 ? 7.451   17.887  -13.890 1.00 13.17 ? 30  ASP B C   1 
ATOM   887  O  O   . ASP B 1 30 ? 7.017   16.768  -13.628 1.00 13.53 ? 30  ASP B O   1 
ATOM   888  C  CB  . ASP B 1 30 ? 9.929   17.643  -13.827 1.00 11.93 ? 30  ASP B CB  1 
ATOM   889  C  CG  . ASP B 1 30 ? 11.259  18.167  -13.323 1.00 14.95 ? 30  ASP B CG  1 
ATOM   890  O  OD1 . ASP B 1 30 ? 11.342  19.359  -12.965 1.00 14.59 ? 30  ASP B OD1 1 
ATOM   891  O  OD2 . ASP B 1 30 ? 12.228  17.382  -13.302 1.00 18.98 ? 30  ASP B OD2 1 
ATOM   892  N  N   . PRO B 1 31 ? 6.834   18.718  -14.746 1.00 11.16 ? 31  PRO B N   1 
ATOM   893  C  CA  . PRO B 1 31 ? 5.592   18.323  -15.423 1.00 11.99 ? 31  PRO B CA  1 
ATOM   894  C  C   . PRO B 1 31 ? 5.722   16.988  -16.157 1.00 12.67 ? 31  PRO B C   1 
ATOM   895  O  O   . PRO B 1 31 ? 4.767   16.211  -16.208 1.00 11.47 ? 31  PRO B O   1 
ATOM   896  C  CB  . PRO B 1 31 ? 5.367   19.462  -16.421 1.00 10.66 ? 31  PRO B CB  1 
ATOM   897  C  CG  . PRO B 1 31 ? 5.970   20.652  -15.748 1.00 11.78 ? 31  PRO B CG  1 
ATOM   898  C  CD  . PRO B 1 31 ? 7.170   20.134  -14.987 1.00 11.32 ? 31  PRO B CD  1 
ATOM   899  N  N   . GLN B 1 32 ? 6.902   16.732  -16.713 1.00 11.20 ? 32  GLN B N   1 
ATOM   900  C  CA  . GLN B 1 32 ? 7.191   15.476  -17.395 1.00 12.16 ? 32  GLN B CA  1 
ATOM   901  C  C   . GLN B 1 32 ? 6.993   14.281  -16.457 1.00 15.30 ? 32  GLN B C   1 
ATOM   902  O  O   . GLN B 1 32 ? 6.401   13.264  -16.838 1.00 17.97 ? 32  GLN B O   1 
ATOM   903  C  CB  . GLN B 1 32 ? 8.629   15.518  -17.921 1.00 16.19 ? 32  GLN B CB  1 
ATOM   904  C  CG  . GLN B 1 32 ? 9.122   14.246  -18.570 1.00 19.18 ? 32  GLN B CG  1 
ATOM   905  C  CD  . GLN B 1 32 ? 10.539  14.389  -19.100 1.00 23.76 ? 32  GLN B CD  1 
ATOM   906  O  OE1 . GLN B 1 32 ? 11.513  14.253  -18.356 1.00 22.10 ? 32  GLN B OE1 1 
ATOM   907  N  NE2 . GLN B 1 32 ? 10.659  14.677  -20.391 1.00 23.82 ? 32  GLN B NE2 1 
ATOM   908  N  N   . ASN B 1 33 ? 7.484   14.420  -15.228 1.00 14.15 ? 33  ASN B N   1 
ATOM   909  C  CA  . ASN B 1 33 ? 7.378   13.373  -14.214 1.00 12.99 ? 33  ASN B CA  1 
ATOM   910  C  C   . ASN B 1 33 ? 5.972   13.307  -13.614 1.00 12.95 ? 33  ASN B C   1 
ATOM   911  O  O   . ASN B 1 33 ? 5.449   12.222  -13.359 1.00 11.76 ? 33  ASN B O   1 
ATOM   912  C  CB  . ASN B 1 33 ? 8.429   13.591  -13.115 1.00 11.08 ? 33  ASN B CB  1 
ATOM   913  C  CG  . ASN B 1 33 ? 8.514   12.429  -12.135 1.00 12.56 ? 33  ASN B CG  1 
ATOM   914  O  OD1 . ASN B 1 33 ? 9.237   11.460  -12.364 1.00 14.70 ? 33  ASN B OD1 1 
ATOM   915  N  ND2 . ASN B 1 33 ? 7.792   12.535  -11.027 1.00 15.28 ? 33  ASN B ND2 1 
ATOM   916  N  N   . ALA B 1 34 ? 5.359   14.468  -13.400 1.00 9.99  ? 34  ALA B N   1 
ATOM   917  C  CA  . ALA B 1 34 ? 3.995   14.524  -12.871 1.00 9.24  ? 34  ALA B CA  1 
ATOM   918  C  C   . ALA B 1 34 ? 2.978   13.863  -13.804 1.00 14.47 ? 34  ALA B C   1 
ATOM   919  O  O   . ALA B 1 34 ? 2.055   13.186  -13.348 1.00 13.77 ? 34  ALA B O   1 
ATOM   920  C  CB  . ALA B 1 34 ? 3.593   15.969  -12.576 1.00 16.28 ? 34  ALA B CB  1 
ATOM   921  N  N   . ALA B 1 35 ? 3.148   14.059  -15.109 1.00 9.74  ? 35  ALA B N   1 
ATOM   922  C  CA  . ALA B 1 35 ? 2.222   13.511  -16.092 1.00 13.44 ? 35  ALA B CA  1 
ATOM   923  C  C   . ALA B 1 35 ? 2.223   11.986  -16.056 1.00 12.34 ? 35  ALA B C   1 
ATOM   924  O  O   . ALA B 1 35 ? 1.200   11.343  -16.311 1.00 11.26 ? 35  ALA B O   1 
ATOM   925  C  CB  . ALA B 1 35 ? 2.571   14.008  -17.483 1.00 14.31 ? 35  ALA B CB  1 
ATOM   926  N  N   . GLU B 1 36 ? 3.379   11.412  -15.744 1.00 9.77  ? 36  GLU B N   1 
ATOM   927  C  CA  . GLU B 1 36 ? 3.506   9.960   -15.663 1.00 13.76 ? 36  GLU B CA  1 
ATOM   928  C  C   . GLU B 1 36 ? 2.887   9.426   -14.372 1.00 14.60 ? 36  GLU B C   1 
ATOM   929  O  O   . GLU B 1 36 ? 2.258   8.367   -14.374 1.00 15.86 ? 36  GLU B O   1 
ATOM   930  C  CB  . GLU B 1 36 ? 4.970   9.534   -15.818 1.00 13.86 ? 36  GLU B CB  1 
ATOM   931  C  CG  . GLU B 1 36 ? 5.469   9.682   -17.255 1.00 14.06 ? 36  GLU B CG  1 
ATOM   932  C  CD  . GLU B 1 36 ? 6.974   9.793   -17.373 1.00 19.69 ? 36  GLU B CD  1 
ATOM   933  O  OE1 . GLU B 1 36 ? 7.671   9.867   -16.337 1.00 14.99 ? 36  GLU B OE1 1 
ATOM   934  O  OE2 . GLU B 1 36 ? 7.466   9.811   -18.522 1.00 23.27 ? 36  GLU B OE2 1 
ATOM   935  N  N   . LEU B 1 37 ? 3.048   10.166  -13.278 1.00 10.65 ? 37  LEU B N   1 
ATOM   936  C  CA  . LEU B 1 37 ? 2.403   9.802   -12.015 1.00 11.56 ? 37  LEU B CA  1 
ATOM   937  C  C   . LEU B 1 37 ? 0.889   9.866   -12.134 1.00 13.47 ? 37  LEU B C   1 
ATOM   938  O  O   . LEU B 1 37 ? 0.181   9.024   -11.585 1.00 12.96 ? 37  LEU B O   1 
ATOM   939  C  CB  . LEU B 1 37 ? 2.846   10.721  -10.873 1.00 11.67 ? 37  LEU B CB  1 
ATOM   940  C  CG  . LEU B 1 37 ? 4.279   10.591  -10.368 1.00 17.19 ? 37  LEU B CG  1 
ATOM   941  C  CD1 . LEU B 1 37 ? 4.435   11.337  -9.054  1.00 18.71 ? 37  LEU B CD1 1 
ATOM   942  C  CD2 . LEU B 1 37 ? 4.627   9.129   -10.192 1.00 16.47 ? 37  LEU B CD2 1 
ATOM   943  N  N   . GLU B 1 38 ? 0.393   10.873  -12.844 1.00 12.21 ? 38  GLU B N   1 
ATOM   944  C  CA  . GLU B 1 38 ? -1.049  11.071  -12.966 1.00 11.74 ? 38  GLU B CA  1 
ATOM   945  C  C   . GLU B 1 38 ? -1.755  9.858   -13.571 1.00 14.25 ? 38  GLU B C   1 
ATOM   946  O  O   . GLU B 1 38 ? -2.873  9.527   -13.177 1.00 15.44 ? 38  GLU B O   1 
ATOM   947  C  CB  . GLU B 1 38 ? -1.360  12.369  -13.725 1.00 12.86 ? 38  GLU B CB  1 
ATOM   948  C  CG  . GLU B 1 38 ? -1.115  13.613  -12.867 1.00 13.63 ? 38  GLU B CG  1 
ATOM   949  C  CD  . GLU B 1 38 ? -1.249  14.924  -13.622 1.00 20.71 ? 38  GLU B CD  1 
ATOM   950  O  OE1 . GLU B 1 38 ? -0.875  14.981  -14.812 1.00 19.23 ? 38  GLU B OE1 1 
ATOM   951  O  OE2 . GLU B 1 38 ? -1.728  15.907  -13.014 1.00 21.41 ? 38  GLU B OE2 1 
ATOM   952  N  N   . GLN B 1 39 ? -1.091  9.177   -14.501 1.00 12.85 ? 39  GLN B N   1 
ATOM   953  C  CA  . GLN B 1 39 ? -1.647  7.959   -15.086 1.00 15.83 ? 39  GLN B CA  1 
ATOM   954  C  C   . GLN B 1 39 ? -1.573  6.755   -14.145 1.00 14.67 ? 39  GLN B C   1 
ATOM   955  O  O   . GLN B 1 39 ? -2.461  5.906   -14.150 1.00 15.92 ? 39  GLN B O   1 
ATOM   956  C  CB  . GLN B 1 39 ? -0.981  7.639   -16.426 1.00 19.80 ? 39  GLN B CB  1 
ATOM   957  C  CG  . GLN B 1 39 ? -1.469  8.525   -17.563 1.00 23.86 ? 39  GLN B CG  1 
ATOM   958  C  CD  . GLN B 1 39 ? -0.716  8.292   -18.855 1.00 21.72 ? 39  GLN B CD  1 
ATOM   959  O  OE1 . GLN B 1 39 ? 0.237   7.512   -18.900 1.00 26.40 ? 39  GLN B OE1 1 
ATOM   960  N  NE2 . GLN B 1 39 ? -1.140  8.969   -19.917 1.00 24.96 ? 39  GLN B NE2 1 
ATOM   961  N  N   . LEU B 1 40 ? -0.515  6.688   -13.341 1.00 14.30 ? 40  LEU B N   1 
ATOM   962  C  CA  . LEU B 1 40 ? -0.374  5.623   -12.355 1.00 15.26 ? 40  LEU B CA  1 
ATOM   963  C  C   . LEU B 1 40 ? -1.467  5.740   -11.298 1.00 12.45 ? 40  LEU B C   1 
ATOM   964  O  O   . LEU B 1 40 ? -1.977  4.736   -10.795 1.00 13.73 ? 40  LEU B O   1 
ATOM   965  C  CB  . LEU B 1 40 ? 1.002   5.695   -11.687 1.00 15.27 ? 40  LEU B CB  1 
ATOM   966  C  CG  . LEU B 1 40 ? 1.297   4.655   -10.602 1.00 12.28 ? 40  LEU B CG  1 
ATOM   967  C  CD1 . LEU B 1 40 ? 1.423   3.279   -11.223 1.00 17.38 ? 40  LEU B CD1 1 
ATOM   968  C  CD2 . LEU B 1 40 ? 2.568   5.000   -9.841  1.00 12.25 ? 40  LEU B CD2 1 
ATOM   969  N  N   . LEU B 1 41 ? -1.823  6.979   -10.973 1.00 13.84 ? 41  LEU B N   1 
ATOM   970  C  CA  . LEU B 1 41 ? -2.795  7.265   -9.918  1.00 11.98 ? 41  LEU B CA  1 
ATOM   971  C  C   . LEU B 1 41 ? -4.224  6.875   -10.273 1.00 13.51 ? 41  LEU B C   1 
ATOM   972  O  O   . LEU B 1 41 ? -5.037  6.622   -9.385  1.00 12.55 ? 41  LEU B O   1 
ATOM   973  C  CB  . LEU B 1 41 ? -2.734  8.740   -9.515  1.00 10.99 ? 41  LEU B CB  1 
ATOM   974  C  CG  . LEU B 1 41 ? -1.554  9.107   -8.615  1.00 10.78 ? 41  LEU B CG  1 
ATOM   975  C  CD1 . LEU B 1 41 ? -1.392  10.611  -8.501  1.00 12.09 ? 41  LEU B CD1 1 
ATOM   976  C  CD2 . LEU B 1 41 ? -1.700  8.467   -7.232  1.00 9.15  ? 41  LEU B CD2 1 
ATOM   977  N  N   . VAL B 1 42 ? -4.542  6.840   -11.562 1.00 15.25 ? 42  VAL B N   1 
ATOM   978  C  CA  . VAL B 1 42 ? -5.855  6.357   -11.976 1.00 15.05 ? 42  VAL B CA  1 
ATOM   979  C  C   . VAL B 1 42 ? -5.945  4.853   -11.715 1.00 12.02 ? 42  VAL B C   1 
ATOM   980  O  O   . VAL B 1 42 ? -7.006  4.337   -11.375 1.00 11.59 ? 42  VAL B O   1 
ATOM   981  C  CB  . VAL B 1 42 ? -6.149  6.672   -13.451 1.00 15.68 ? 42  VAL B CB  1 
ATOM   982  C  CG1 . VAL B 1 42 ? -7.459  6.022   -13.883 1.00 15.36 ? 42  VAL B CG1 1 
ATOM   983  C  CG2 . VAL B 1 42 ? -6.209  8.181   -13.659 1.00 21.71 ? 42  VAL B CG2 1 
ATOM   984  N  N   . GLY B 1 43 ? -4.816  4.165   -11.855 1.00 13.50 ? 43  GLY B N   1 
ATOM   985  C  CA  . GLY B 1 43 ? -4.732  2.755   -11.522 1.00 14.21 ? 43  GLY B CA  1 
ATOM   986  C  C   . GLY B 1 43 ? -4.911  2.504   -10.034 1.00 10.87 ? 43  GLY B C   1 
ATOM   987  O  O   . GLY B 1 43 ? -5.487  1.489   -9.637  1.00 7.85  ? 43  GLY B O   1 
ATOM   988  N  N   . TYR B 1 44 ? -4.418  3.419   -9.202  1.00 4.80  ? 44  TYR B N   1 
ATOM   989  C  CA  . TYR B 1 44 ? -4.618  3.317   -7.755  1.00 8.83  ? 44  TYR B CA  1 
ATOM   990  C  C   . TYR B 1 44 ? -6.103  3.439   -7.391  1.00 8.02  ? 44  TYR B C   1 
ATOM   991  O  O   . TYR B 1 44 ? -6.605  2.719   -6.527  1.00 8.69  ? 44  TYR B O   1 
ATOM   992  C  CB  . TYR B 1 44 ? -3.822  4.397   -7.002  1.00 7.24  ? 44  TYR B CB  1 
ATOM   993  C  CG  . TYR B 1 44 ? -2.337  4.123   -6.795  1.00 8.65  ? 44  TYR B CG  1 
ATOM   994  C  CD1 . TYR B 1 44 ? -1.641  3.212   -7.585  1.00 7.92  ? 44  TYR B CD1 1 
ATOM   995  C  CD2 . TYR B 1 44 ? -1.635  4.785   -5.795  1.00 6.83  ? 44  TYR B CD2 1 
ATOM   996  C  CE1 . TYR B 1 44 ? -0.276  2.974   -7.382  1.00 8.04  ? 44  TYR B CE1 1 
ATOM   997  C  CE2 . TYR B 1 44 ? -0.280  4.555   -5.583  1.00 11.18 ? 44  TYR B CE2 1 
ATOM   998  C  CZ  . TYR B 1 44 ? 0.394   3.651   -6.372  1.00 10.89 ? 44  TYR B CZ  1 
ATOM   999  O  OH  . TYR B 1 44 ? 1.739   3.441   -6.138  1.00 9.71  ? 44  TYR B OH  1 
ATOM   1000 N  N   . ASP B 1 45 ? -6.800  4.360   -8.049  1.00 9.68  ? 45  ASP B N   1 
ATOM   1001 C  CA  . ASP B 1 45 ? -8.220  4.583   -7.779  1.00 7.55  ? 45  ASP B CA  1 
ATOM   1002 C  C   . ASP B 1 45 ? -9.070  3.369   -8.172  1.00 6.81  ? 45  ASP B C   1 
ATOM   1003 O  O   . ASP B 1 45 ? -10.022 3.025   -7.476  1.00 6.84  ? 45  ASP B O   1 
ATOM   1004 C  CB  . ASP B 1 45 ? -8.722  5.854   -8.479  1.00 12.51 ? 45  ASP B CB  1 
ATOM   1005 C  CG  . ASP B 1 45 ? -8.253  7.137   -7.788  1.00 13.36 ? 45  ASP B CG  1 
ATOM   1006 O  OD1 . ASP B 1 45 ? -7.792  7.073   -6.628  1.00 13.75 ? 45  ASP B OD1 1 
ATOM   1007 O  OD2 . ASP B 1 45 ? -8.361  8.219   -8.403  1.00 15.09 ? 45  ASP B OD2 1 
ATOM   1008 N  N   . LEU B 1 46 ? -8.722  2.722   -9.281  1.00 7.78  ? 46  LEU B N   1 
ATOM   1009 C  CA  . LEU B 1 46 ? -9.423  1.505   -9.698  1.00 7.61  ? 46  LEU B CA  1 
ATOM   1010 C  C   . LEU B 1 46 ? -9.250  0.392   -8.670  1.00 7.14  ? 46  LEU B C   1 
ATOM   1011 O  O   . LEU B 1 46 ? -10.190 -0.351  -8.378  1.00 5.45  ? 46  LEU B O   1 
ATOM   1012 C  CB  . LEU B 1 46 ? -8.937  1.040   -11.075 1.00 10.77 ? 46  LEU B CB  1 
ATOM   1013 C  CG  . LEU B 1 46 ? -9.388  1.893   -12.264 1.00 9.60  ? 46  LEU B CG  1 
ATOM   1014 C  CD1 . LEU B 1 46 ? -8.457  1.711   -13.456 1.00 14.22 ? 46  LEU B CD1 1 
ATOM   1015 C  CD2 . LEU B 1 46 ? -10.829 1.571   -12.655 1.00 14.00 ? 46  LEU B CD2 1 
ATOM   1016 N  N   . ALA B 1 47 ? -8.043  0.277   -8.123  1.00 7.02  ? 47  ALA B N   1 
ATOM   1017 C  CA  . ALA B 1 47 ? -7.781  -0.704  -7.073  1.00 5.49  ? 47  ALA B CA  1 
ATOM   1018 C  C   . ALA B 1 47 ? -8.568  -0.362  -5.806  1.00 5.99  ? 47  ALA B C   1 
ATOM   1019 O  O   . ALA B 1 47 ? -9.082  -1.259  -5.124  1.00 4.68  ? 47  ALA B O   1 
ATOM   1020 C  CB  . ALA B 1 47 ? -6.285  -0.781  -6.778  1.00 5.27  ? 47  ALA B CB  1 
ATOM   1021 N  N   . ALA B 1 48 ? -8.670  0.935   -5.504  1.00 3.83  ? 48  ALA B N   1 
ATOM   1022 C  CA  . ALA B 1 48 ? -9.431  1.417   -4.348  1.00 5.22  ? 48  ALA B CA  1 
ATOM   1023 C  C   . ALA B 1 48 ? -10.907 1.022   -4.413  1.00 4.93  ? 48  ALA B C   1 
ATOM   1024 O  O   . ALA B 1 48 ? -11.521 0.699   -3.393  1.00 6.34  ? 48  ALA B O   1 
ATOM   1025 C  CB  . ALA B 1 48 ? -9.298  2.947   -4.216  1.00 3.41  ? 48  ALA B CB  1 
ATOM   1026 N  N   . ASP B 1 49 ? -11.477 1.063   -5.613  1.00 5.01  ? 49  ASP B N   1 
ATOM   1027 C  CA  . ASP B 1 49 ? -12.891 0.722   -5.804  1.00 6.09  ? 49  ASP B CA  1 
ATOM   1028 C  C   . ASP B 1 49 ? -13.150 -0.773  -5.623  1.00 6.35  ? 49  ASP B C   1 
ATOM   1029 O  O   . ASP B 1 49 ? -14.140 -1.160  -4.997  1.00 6.12  ? 49  ASP B O   1 
ATOM   1030 C  CB  . ASP B 1 49 ? -13.392 1.184   -7.176  1.00 7.62  ? 49  ASP B CB  1 
ATOM   1031 C  CG  . ASP B 1 49 ? -13.489 2.696   -7.287  1.00 10.08 ? 49  ASP B CG  1 
ATOM   1032 O  OD1 . ASP B 1 49 ? -13.453 3.379   -6.242  1.00 10.12 ? 49  ASP B OD1 1 
ATOM   1033 O  OD2 . ASP B 1 49 ? -13.618 3.199   -8.420  1.00 14.23 ? 49  ASP B OD2 1 
ATOM   1034 N  N   . ASP B 1 50 ? -12.266 -1.599  -6.180  1.00 6.34  ? 50  ASP B N   1 
ATOM   1035 C  CA  . ASP B 1 50 ? -12.318 -3.057  -6.024  1.00 6.39  ? 50  ASP B CA  1 
ATOM   1036 C  C   . ASP B 1 50 ? -12.214 -3.423  -4.539  1.00 9.39  ? 50  ASP B C   1 
ATOM   1037 O  O   . ASP B 1 50 ? -12.953 -4.282  -4.044  1.00 8.15  ? 50  ASP B O   1 
ATOM   1038 C  CB  . ASP B 1 50 ? -11.181 -3.702  -6.839  1.00 8.31  ? 50  ASP B CB  1 
ATOM   1039 C  CG  . ASP B 1 50 ? -11.350 -5.208  -7.032  1.00 12.50 ? 50  ASP B CG  1 
ATOM   1040 O  OD1 . ASP B 1 50 ? -12.475 -5.734  -6.875  1.00 10.79 ? 50  ASP B OD1 1 
ATOM   1041 O  OD2 . ASP B 1 50 ? -10.341 -5.872  -7.366  1.00 10.59 ? 50  ASP B OD2 1 
ATOM   1042 N  N   . LEU B 1 51 ? -11.306 -2.758  -3.829  1.00 6.91  ? 51  LEU B N   1 
ATOM   1043 C  CA  . LEU B 1 51 ? -11.176 -2.949  -2.381  1.00 6.87  ? 51  LEU B CA  1 
ATOM   1044 C  C   . LEU B 1 51 ? -12.434 -2.538  -1.608  1.00 6.27  ? 51  LEU B C   1 
ATOM   1045 O  O   . LEU B 1 51 ? -12.823 -3.216  -0.650  1.00 5.63  ? 51  LEU B O   1 
ATOM   1046 C  CB  . LEU B 1 51 ? -9.949  -2.205  -1.833  1.00 6.07  ? 51  LEU B CB  1 
ATOM   1047 C  CG  . LEU B 1 51 ? -8.567  -2.800  -2.140  1.00 5.68  ? 51  LEU B CG  1 
ATOM   1048 C  CD1 . LEU B 1 51 ? -7.467  -1.787  -1.891  1.00 5.10  ? 51  LEU B CD1 1 
ATOM   1049 C  CD2 . LEU B 1 51 ? -8.301  -4.071  -1.337  1.00 8.07  ? 51  LEU B CD2 1 
ATOM   1050 N  N   . LYS B 1 52 ? -13.069 -1.434  -2.006  1.00 5.71  ? 52  LYS B N   1 
ATOM   1051 C  CA  . LYS B 1 52 ? -14.298 -1.007  -1.332  1.00 7.18  ? 52  LYS B CA  1 
ATOM   1052 C  C   . LYS B 1 52 ? -15.423 -2.026  -1.497  1.00 8.88  ? 52  LYS B C   1 
ATOM   1053 O  O   . LYS B 1 52 ? -16.171 -2.288  -0.562  1.00 8.86  ? 52  LYS B O   1 
ATOM   1054 C  CB  . LYS B 1 52 ? -14.783 0.375   -1.795  1.00 6.09  ? 52  LYS B CB  1 
ATOM   1055 C  CG  . LYS B 1 52 ? -16.073 0.788   -1.073  1.00 8.78  ? 52  LYS B CG  1 
ATOM   1056 C  CD  . LYS B 1 52 ? -16.679 2.109   -1.536  1.00 9.66  ? 52  LYS B CD  1 
ATOM   1057 C  CE  . LYS B 1 52 ? -18.035 2.316   -0.850  1.00 10.42 ? 52  LYS B CE  1 
ATOM   1058 N  NZ  . LYS B 1 52 ? -18.629 3.659   -1.099  1.00 16.99 ? 52  LYS B NZ  1 
ATOM   1059 N  N   . ASN B 1 53 ? -15.544 -2.596  -2.691  1.00 5.23  ? 53  ASN B N   1 
ATOM   1060 C  CA  . ASN B 1 53 ? -16.576 -3.596  -2.950  1.00 6.82  ? 53  ASN B CA  1 
ATOM   1061 C  C   . ASN B 1 53 ? -16.403 -4.839  -2.071  1.00 7.44  ? 53  ASN B C   1 
ATOM   1062 O  O   . ASN B 1 53 ? -17.383 -5.404  -1.563  1.00 9.25  ? 53  ASN B O   1 
ATOM   1063 C  CB  . ASN B 1 53 ? -16.597 -3.973  -4.434  1.00 10.41 ? 53  ASN B CB  1 
ATOM   1064 C  CG  . ASN B 1 53 ? -16.940 -2.788  -5.334  1.00 11.66 ? 53  ASN B CG  1 
ATOM   1065 O  OD1 . ASN B 1 53 ? -17.548 -1.813  -4.895  1.00 10.08 ? 53  ASN B OD1 1 
ATOM   1066 N  ND2 . ASN B 1 53 ? -16.555 -2.877  -6.603  1.00 12.18 ? 53  ASN B ND2 1 
ATOM   1067 N  N   . ALA B 1 54 ? -15.154 -5.257  -1.886  1.00 5.57  ? 54  ALA B N   1 
ATOM   1068 C  CA  . ALA B 1 54 ? -14.838 -6.407  -1.042  1.00 8.40  ? 54  ALA B CA  1 
ATOM   1069 C  C   . ALA B 1 54 ? -15.152 -6.118  0.416   1.00 8.40  ? 54  ALA B C   1 
ATOM   1070 O  O   . ALA B 1 54 ? -15.649 -6.982  1.137   1.00 8.71  ? 54  ALA B O   1 
ATOM   1071 C  CB  . ALA B 1 54 ? -13.369 -6.789  -1.195  1.00 8.86  ? 54  ALA B CB  1 
ATOM   1072 N  N   . TYR B 1 55 ? -14.842 -4.902  0.856   1.00 8.12  ? 55  TYR B N   1 
ATOM   1073 C  CA  . TYR B 1 55 ? -15.061 -4.520  2.245   1.00 9.17  ? 55  TYR B CA  1 
ATOM   1074 C  C   . TYR B 1 55 ? -16.552 -4.425  2.559   1.00 8.71  ? 55  TYR B C   1 
ATOM   1075 O  O   . TYR B 1 55 ? -16.986 -4.794  3.652   1.00 9.15  ? 55  TYR B O   1 
ATOM   1076 C  CB  . TYR B 1 55 ? -14.345 -3.201  2.572   1.00 8.21  ? 55  TYR B CB  1 
ATOM   1077 C  CG  . TYR B 1 55 ? -14.360 -2.842  4.046   1.00 9.22  ? 55  TYR B CG  1 
ATOM   1078 C  CD1 . TYR B 1 55 ? -13.555 -3.523  4.955   1.00 8.07  ? 55  TYR B CD1 1 
ATOM   1079 C  CD2 . TYR B 1 55 ? -15.171 -1.824  4.527   1.00 7.92  ? 55  TYR B CD2 1 
ATOM   1080 C  CE1 . TYR B 1 55 ? -13.561 -3.200  6.302   1.00 9.09  ? 55  TYR B CE1 1 
ATOM   1081 C  CE2 . TYR B 1 55 ? -15.187 -1.494  5.874   1.00 9.38  ? 55  TYR B CE2 1 
ATOM   1082 C  CZ  . TYR B 1 55 ? -14.376 -2.184  6.755   1.00 11.39 ? 55  TYR B CZ  1 
ATOM   1083 O  OH  . TYR B 1 55 ? -14.385 -1.862  8.093   1.00 11.73 ? 55  TYR B OH  1 
ATOM   1084 N  N   . GLU B 1 56 ? -17.338 -3.949  1.598   1.00 7.37  ? 56  GLU B N   1 
ATOM   1085 C  CA  . GLU B 1 56 ? -18.787 -3.865  1.789   1.00 10.90 ? 56  GLU B CA  1 
ATOM   1086 C  C   . GLU B 1 56 ? -19.418 -5.245  1.977   1.00 11.56 ? 56  GLU B C   1 
ATOM   1087 O  O   . GLU B 1 56 ? -20.374 -5.404  2.738   1.00 9.83  ? 56  GLU B O   1 
ATOM   1088 C  CB  . GLU B 1 56 ? -19.456 -3.134  0.623   1.00 12.08 ? 56  GLU B CB  1 
ATOM   1089 C  CG  . GLU B 1 56 ? -19.229 -1.628  0.624   1.00 11.94 ? 56  GLU B CG  1 
ATOM   1090 C  CD  . GLU B 1 56 ? -19.748 -0.955  1.883   1.00 15.35 ? 56  GLU B CD  1 
ATOM   1091 O  OE1 . GLU B 1 56 ? -19.127 0.033   2.326   1.00 17.50 ? 56  GLU B OE1 1 
ATOM   1092 O  OE2 . GLU B 1 56 ? -20.774 -1.412  2.431   1.00 16.61 ? 56  GLU B OE2 1 
ATOM   1093 N  N   . GLN B 1 57 ? -18.889 -6.235  1.265   1.00 8.10  ? 57  GLN B N   1 
ATOM   1094 C  CA  . GLN B 1 57 ? -19.329 -7.616  1.437   1.00 14.13 ? 57  GLN B CA  1 
ATOM   1095 C  C   . GLN B 1 57 ? -18.964 -8.125  2.832   1.00 10.30 ? 57  GLN B C   1 
ATOM   1096 O  O   . GLN B 1 57 ? -19.739 -8.847  3.468   1.00 13.71 ? 57  GLN B O   1 
ATOM   1097 C  CB  . GLN B 1 57 ? -18.699 -8.505  0.365   1.00 11.14 ? 57  GLN B CB  1 
ATOM   1098 C  CG  . GLN B 1 57 ? -19.035 -9.980  0.486   1.00 21.96 ? 57  GLN B CG  1 
ATOM   1099 C  CD  . GLN B 1 57 ? -18.309 -10.821 -0.547  1.00 29.76 ? 57  GLN B CD  1 
ATOM   1100 O  OE1 . GLN B 1 57 ? -17.307 -11.469 -0.243  1.00 28.78 ? 57  GLN B OE1 1 
ATOM   1101 N  NE2 . GLN B 1 57 ? -18.810 -10.811 -1.779  1.00 31.76 ? 57  GLN B NE2 1 
ATOM   1102 N  N   . ALA B 1 58 ? -17.783 -7.738  3.306   1.00 9.10  ? 58  ALA B N   1 
ATOM   1103 C  CA  . ALA B 1 58 ? -17.311 -8.137  4.629   1.00 9.82  ? 58  ALA B CA  1 
ATOM   1104 C  C   . ALA B 1 58 ? -18.192 -7.572  5.736   1.00 11.18 ? 58  ALA B C   1 
ATOM   1105 O  O   . ALA B 1 58 ? -18.450 -8.246  6.734   1.00 12.05 ? 58  ALA B O   1 
ATOM   1106 C  CB  . ALA B 1 58 ? -15.871 -7.705  4.834   1.00 8.00  ? 58  ALA B CB  1 
ATOM   1107 N  N   . LEU B 1 59 ? -18.648 -6.335  5.556   1.00 8.25  ? 59  LEU B N   1 
ATOM   1108 C  CA  . LEU B 1 59 ? -19.526 -5.687  6.535   1.00 9.23  ? 59  LEU B CA  1 
ATOM   1109 C  C   . LEU B 1 59 ? -20.844 -6.436  6.719   1.00 12.41 ? 59  LEU B C   1 
ATOM   1110 O  O   . LEU B 1 59 ? -21.499 -6.305  7.753   1.00 14.80 ? 59  LEU B O   1 
ATOM   1111 C  CB  . LEU B 1 59 ? -19.802 -4.229  6.147   1.00 9.84  ? 59  LEU B CB  1 
ATOM   1112 C  CG  . LEU B 1 59 ? -18.702 -3.191  6.390   1.00 10.07 ? 59  LEU B CG  1 
ATOM   1113 C  CD1 . LEU B 1 59 ? -19.023 -1.890  5.684   1.00 8.63  ? 59  LEU B CD1 1 
ATOM   1114 C  CD2 . LEU B 1 59 ? -18.516 -2.954  7.877   1.00 14.26 ? 59  LEU B CD2 1 
ATOM   1115 N  N   . GLY B 1 60 ? -21.230 -7.216  5.716   1.00 11.58 ? 60  GLY B N   1 
ATOM   1116 C  CA  . GLY B 1 60 ? -22.451 -7.998  5.795   1.00 16.03 ? 60  GLY B CA  1 
ATOM   1117 C  C   . GLY B 1 60 ? -22.247 -9.357  6.438   1.00 15.11 ? 60  GLY B C   1 
ATOM   1118 O  O   . GLY B 1 60 ? -23.214 -10.067 6.726   1.00 15.32 ? 60  GLY B O   1 
ATOM   1119 N  N   . GLN B 1 61 ? -20.989 -9.709  6.687   1.00 13.41 ? 61  GLN B N   1 
ATOM   1120 C  CA  . GLN B 1 61 ? -20.629 -11.047 7.162   1.00 13.78 ? 61  GLN B CA  1 
ATOM   1121 C  C   . GLN B 1 61 ? -20.010 -11.083 8.565   1.00 11.18 ? 61  GLN B C   1 
ATOM   1122 O  O   . GLN B 1 61 ? -20.237 -12.033 9.321   1.00 10.00 ? 61  GLN B O   1 
ATOM   1123 C  CB  . GLN B 1 61 ? -19.682 -11.710 6.160   1.00 14.68 ? 61  GLN B CB  1 
ATOM   1124 C  CG  . GLN B 1 61 ? -20.278 -11.862 4.770   1.00 16.57 ? 61  GLN B CG  1 
ATOM   1125 C  CD  . GLN B 1 61 ? -21.389 -12.893 4.721   1.00 23.59 ? 61  GLN B CD  1 
ATOM   1126 O  OE1 . GLN B 1 61 ? -21.286 -13.965 5.321   1.00 28.31 ? 61  GLN B OE1 1 
ATOM   1127 N  NE2 . GLN B 1 61 ? -22.463 -12.572 4.004   1.00 27.67 ? 61  GLN B NE2 1 
ATOM   1128 N  N   . TYR B 1 62 ? -19.225 -10.061 8.902   1.00 12.16 ? 62  TYR B N   1 
ATOM   1129 C  CA  . TYR B 1 62 ? -18.531 -10.005 10.191  1.00 10.96 ? 62  TYR B CA  1 
ATOM   1130 C  C   . TYR B 1 62 ? -18.990 -8.841  11.061  1.00 16.88 ? 62  TYR B C   1 
ATOM   1131 O  O   . TYR B 1 62 ? -19.427 -7.804  10.555  1.00 14.29 ? 62  TYR B O   1 
ATOM   1132 C  CB  . TYR B 1 62 ? -17.017 -9.871  9.984   1.00 11.72 ? 62  TYR B CB  1 
ATOM   1133 C  CG  . TYR B 1 62 ? -16.384 -10.968 9.157   1.00 16.24 ? 62  TYR B CG  1 
ATOM   1134 C  CD1 . TYR B 1 62 ? -15.997 -12.168 9.736   1.00 15.99 ? 62  TYR B CD1 1 
ATOM   1135 C  CD2 . TYR B 1 62 ? -16.151 -10.791 7.800   1.00 16.59 ? 62  TYR B CD2 1 
ATOM   1136 C  CE1 . TYR B 1 62 ? -15.409 -13.166 8.985   1.00 20.85 ? 62  TYR B CE1 1 
ATOM   1137 C  CE2 . TYR B 1 62 ? -15.561 -11.785 7.040   1.00 16.36 ? 62  TYR B CE2 1 
ATOM   1138 C  CZ  . TYR B 1 62 ? -15.194 -12.970 7.637   1.00 25.62 ? 62  TYR B CZ  1 
ATOM   1139 O  OH  . TYR B 1 62 ? -14.607 -13.961 6.881   1.00 29.45 ? 62  TYR B OH  1 
ATOM   1140 N  N   . SER B 1 63 ? -18.860 -9.009  12.375  1.00 11.17 ? 63  SER B N   1 
ATOM   1141 C  CA  . SER B 1 63 ? -19.134 -7.925  13.309  1.00 16.78 ? 63  SER B CA  1 
ATOM   1142 C  C   . SER B 1 63 ? -17.839 -7.206  13.701  1.00 16.32 ? 63  SER B C   1 
ATOM   1143 O  O   . SER B 1 63 ? -16.741 -7.706  13.455  1.00 18.08 ? 63  SER B O   1 
ATOM   1144 C  CB  . SER B 1 63 ? -19.840 -8.456  14.562  1.00 20.52 ? 63  SER B CB  1 
ATOM   1145 O  OG  . SER B 1 63 ? -18.918 -9.082  15.440  1.00 24.24 ? 63  SER B OG  1 
ATOM   1146 N  N   . GLY B 1 64 ? -17.975 -6.027  14.298  1.00 19.13 ? 64  GLY B N   1 
ATOM   1147 C  CA  . GLY B 1 64 ? -16.832 -5.302  14.828  1.00 19.68 ? 64  GLY B CA  1 
ATOM   1148 C  C   . GLY B 1 64 ? -15.926 -4.651  13.795  1.00 20.05 ? 64  GLY B C   1 
ATOM   1149 O  O   . GLY B 1 64 ? -14.702 -4.664  13.940  1.00 19.74 ? 64  GLY B O   1 
ATOM   1150 N  N   . LEU B 1 65 ? -16.523 -4.079  12.755  1.00 16.76 ? 65  LEU B N   1 
ATOM   1151 C  CA  . LEU B 1 65 ? -15.759 -3.374  11.726  1.00 15.67 ? 65  LEU B CA  1 
ATOM   1152 C  C   . LEU B 1 65 ? -16.232 -1.924  11.598  1.00 15.05 ? 65  LEU B C   1 
ATOM   1153 O  O   . LEU B 1 65 ? -17.426 -1.649  11.666  1.00 13.33 ? 65  LEU B O   1 
ATOM   1154 C  CB  . LEU B 1 65 ? -15.883 -4.096  10.380  1.00 12.52 ? 65  LEU B CB  1 
ATOM   1155 C  CG  . LEU B 1 65 ? -15.434 -5.558  10.341  1.00 11.85 ? 65  LEU B CG  1 
ATOM   1156 C  CD1 . LEU B 1 65 ? -15.584 -6.142  8.942   1.00 14.77 ? 65  LEU B CD1 1 
ATOM   1157 C  CD2 . LEU B 1 65 ? -14.000 -5.699  10.827  1.00 23.19 ? 65  LEU B CD2 1 
ATOM   1158 N  N   . PRO B 1 66 ? -15.290 -0.985  11.413  1.00 12.51 ? 66  PRO B N   1 
ATOM   1159 C  CA  . PRO B 1 66 ? -15.669 0.426   11.256  1.00 12.71 ? 66  PRO B CA  1 
ATOM   1160 C  C   . PRO B 1 66 ? -16.232 0.730   9.864   1.00 12.54 ? 66  PRO B C   1 
ATOM   1161 O  O   . PRO B 1 66 ? -16.009 -0.043  8.931   1.00 11.09 ? 66  PRO B O   1 
ATOM   1162 C  CB  . PRO B 1 66 ? -14.345 1.163   11.468  1.00 12.45 ? 66  PRO B CB  1 
ATOM   1163 C  CG  . PRO B 1 66 ? -13.305 0.186   11.039  1.00 16.08 ? 66  PRO B CG  1 
ATOM   1164 C  CD  . PRO B 1 66 ? -13.830 -1.171  11.447  1.00 11.23 ? 66  PRO B CD  1 
ATOM   1165 N  N   . PRO B 1 67 ? -16.967 1.842   9.729   1.00 11.34 ? 67  PRO B N   1 
ATOM   1166 C  CA  . PRO B 1 67 ? -17.516 2.265   8.432   1.00 12.88 ? 67  PRO B CA  1 
ATOM   1167 C  C   . PRO B 1 67 ? -16.401 2.580   7.434   1.00 10.59 ? 67  PRO B C   1 
ATOM   1168 O  O   . PRO B 1 67 ? -15.355 3.081   7.840   1.00 12.77 ? 67  PRO B O   1 
ATOM   1169 C  CB  . PRO B 1 67 ? -18.289 3.543   8.780   1.00 14.44 ? 67  PRO B CB  1 
ATOM   1170 C  CG  . PRO B 1 67 ? -18.582 3.428   10.251  1.00 17.66 ? 67  PRO B CG  1 
ATOM   1171 C  CD  . PRO B 1 67 ? -17.403 2.716   10.831  1.00 12.39 ? 67  PRO B CD  1 
ATOM   1172 N  N   . TYR B 1 68 ? -16.626 2.285   6.155   1.00 10.89 ? 68  TYR B N   1 
ATOM   1173 C  CA  . TYR B 1 68 ? -15.611 2.496   5.123   1.00 10.94 ? 68  TYR B CA  1 
ATOM   1174 C  C   . TYR B 1 68 ? -15.047 3.917   5.127   1.00 11.51 ? 68  TYR B C   1 
ATOM   1175 O  O   . TYR B 1 68 ? -13.834 4.115   5.048   1.00 8.96  ? 68  TYR B O   1 
ATOM   1176 C  CB  . TYR B 1 68 ? -16.166 2.149   3.734   1.00 11.46 ? 68  TYR B CB  1 
ATOM   1177 C  CG  . TYR B 1 68 ? -15.216 2.471   2.595   1.00 8.39  ? 68  TYR B CG  1 
ATOM   1178 C  CD1 . TYR B 1 68 ? -14.132 1.648   2.310   1.00 6.21  ? 68  TYR B CD1 1 
ATOM   1179 C  CD2 . TYR B 1 68 ? -15.405 3.600   1.806   1.00 10.79 ? 68  TYR B CD2 1 
ATOM   1180 C  CE1 . TYR B 1 68 ? -13.257 1.945   1.267   1.00 6.82  ? 68  TYR B CE1 1 
ATOM   1181 C  CE2 . TYR B 1 68 ? -14.541 3.902   0.768   1.00 8.98  ? 68  TYR B CE2 1 
ATOM   1182 C  CZ  . TYR B 1 68 ? -13.472 3.075   0.500   1.00 6.41  ? 68  TYR B CZ  1 
ATOM   1183 O  OH  . TYR B 1 68 ? -12.617 3.389   -0.538  1.00 10.00 ? 68  TYR B OH  1 
ATOM   1184 N  N   . ASP B 1 69 ? -15.924 4.907   5.241   1.00 14.35 ? 69  ASP B N   1 
ATOM   1185 C  CA  . ASP B 1 69 ? -15.492 6.301   5.164   1.00 17.45 ? 69  ASP B CA  1 
ATOM   1186 C  C   . ASP B 1 69 ? -14.558 6.733   6.299   1.00 16.97 ? 69  ASP B C   1 
ATOM   1187 O  O   . ASP B 1 69 ? -13.841 7.729   6.174   1.00 16.33 ? 69  ASP B O   1 
ATOM   1188 C  CB  . ASP B 1 69 ? -16.706 7.228   5.051   1.00 20.90 ? 69  ASP B CB  1 
ATOM   1189 C  CG  . ASP B 1 69 ? -17.401 7.114   3.700   1.00 23.86 ? 69  ASP B CG  1 
ATOM   1190 O  OD1 . ASP B 1 69 ? -16.699 6.990   2.673   1.00 19.13 ? 69  ASP B OD1 1 
ATOM   1191 O  OD2 . ASP B 1 69 ? -18.647 7.142   3.666   1.00 32.37 ? 69  ASP B OD2 1 
ATOM   1192 N  N   . ARG B 1 70 ? -14.557 5.985   7.399   1.00 17.88 ? 70  ARG B N   1 
ATOM   1193 C  CA  . ARG B 1 70 ? -13.644 6.266   8.504   1.00 15.94 ? 70  ARG B CA  1 
ATOM   1194 C  C   . ARG B 1 70 ? -12.238 5.766   8.188   1.00 15.72 ? 70  ARG B C   1 
ATOM   1195 O  O   . ARG B 1 70 ? -11.244 6.349   8.631   1.00 15.32 ? 70  ARG B O   1 
ATOM   1196 C  CB  . ARG B 1 70 ? -14.159 5.646   9.810   1.00 20.30 ? 70  ARG B CB  1 
ATOM   1197 C  CG  . ARG B 1 70 ? -13.166 5.694   10.967  1.00 26.47 ? 70  ARG B CG  1 
ATOM   1198 C  CD  . ARG B 1 70 ? -12.569 7.087   11.171  1.00 31.36 ? 70  ARG B CD  1 
ATOM   1199 N  NE  . ARG B 1 70 ? -13.581 8.104   11.450  1.00 30.58 ? 70  ARG B NE  1 
ATOM   1200 C  CZ  . ARG B 1 70 ? -14.113 8.321   12.649  1.00 23.99 ? 70  ARG B CZ  1 
ATOM   1201 N  NH1 . ARG B 1 70 ? -13.741 7.583   13.684  1.00 24.64 ? 70  ARG B NH1 1 
ATOM   1202 N  NH2 . ARG B 1 70 ? -15.029 9.267   12.811  1.00 22.56 ? 70  ARG B NH2 1 
ATOM   1203 N  N   . LEU B 1 71 ? -12.159 4.694   7.406   1.00 12.35 ? 71  LEU B N   1 
ATOM   1204 C  CA  . LEU B 1 71 ? -10.874 4.125   6.995   1.00 12.59 ? 71  LEU B CA  1 
ATOM   1205 C  C   . LEU B 1 71 ? -10.084 5.037   6.065   1.00 16.05 ? 71  LEU B C   1 
ATOM   1206 O  O   . LEU B 1 71 ? -8.856  5.063   6.121   1.00 17.15 ? 71  LEU B O   1 
ATOM   1207 C  CB  . LEU B 1 71 ? -11.075 2.775   6.300   1.00 13.32 ? 71  LEU B CB  1 
ATOM   1208 C  CG  . LEU B 1 71 ? -11.521 1.586   7.144   1.00 11.02 ? 71  LEU B CG  1 
ATOM   1209 C  CD1 . LEU B 1 71 ? -11.791 0.390   6.248   1.00 12.12 ? 71  LEU B CD1 1 
ATOM   1210 C  CD2 . LEU B 1 71 ? -10.459 1.247   8.183   1.00 16.63 ? 71  LEU B CD2 1 
ATOM   1211 N  N   . ILE B 1 72 ? -10.781 5.768   5.197   1.00 14.33 ? 72  ILE B N   1 
ATOM   1212 C  CA  . ILE B 1 72 ? -10.102 6.583   4.193   1.00 10.22 ? 72  ILE B CA  1 
ATOM   1213 C  C   . ILE B 1 72 ? -9.976  8.066   4.561   1.00 14.91 ? 72  ILE B C   1 
ATOM   1214 O  O   . ILE B 1 72 ? -9.373  8.841   3.819   1.00 14.28 ? 72  ILE B O   1 
ATOM   1215 C  CB  . ILE B 1 72 ? -10.761 6.450   2.800   1.00 15.29 ? 72  ILE B CB  1 
ATOM   1216 C  CG1 . ILE B 1 72 ? -12.237 6.841   2.869   1.00 10.21 ? 72  ILE B CG1 1 
ATOM   1217 C  CG2 . ILE B 1 72 ? -10.593 5.035   2.263   1.00 13.85 ? 72  ILE B CG2 1 
ATOM   1218 C  CD1 . ILE B 1 72 ? -12.898 6.914   1.513   1.00 18.94 ? 72  ILE B CD1 1 
ATOM   1219 N  N   . GLU B 1 73 ? -10.547 8.453   5.700   1.00 12.32 ? 73  GLU B N   1 
ATOM   1220 C  CA  . GLU B 1 73 ? -10.410 9.815   6.210   1.00 15.05 ? 73  GLU B CA  1 
ATOM   1221 C  C   . GLU B 1 73 ? -8.932  10.190  6.350   1.00 15.23 ? 73  GLU B C   1 
ATOM   1222 O  O   . GLU B 1 73 ? -8.128  9.379   6.806   1.00 17.21 ? 73  GLU B O   1 
ATOM   1223 C  CB  . GLU B 1 73 ? -11.105 9.937   7.570   1.00 12.05 ? 73  GLU B CB  1 
ATOM   1224 C  CG  . GLU B 1 73 ? -11.102 11.337  8.164   1.00 23.33 ? 73  GLU B CG  1 
ATOM   1225 C  CD  . GLU B 1 73 ? -11.759 11.392  9.534   1.00 23.58 ? 73  GLU B CD  1 
ATOM   1226 O  OE1 . GLU B 1 73 ? -12.365 10.381  9.944   1.00 25.07 ? 73  GLU B OE1 1 
ATOM   1227 O  OE2 . GLU B 1 73 ? -11.664 12.444  10.198  1.00 35.84 ? 73  GLU B OE2 1 
ATOM   1228 N  N   . GLU B 1 74 ? -8.566  11.406  5.956   1.00 18.49 ? 74  GLU B N   1 
ATOM   1229 C  CA  . GLU B 1 74 ? -7.198  11.867  6.188   1.00 16.59 ? 74  GLU B CA  1 
ATOM   1230 C  C   . GLU B 1 74 ? -7.018  12.207  7.664   1.00 19.21 ? 74  GLU B C   1 
ATOM   1231 O  O   . GLU B 1 74 ? -7.885  12.831  8.268   1.00 23.87 ? 74  GLU B O   1 
ATOM   1232 C  CB  . GLU B 1 74 ? -6.841  13.077  5.320   1.00 23.30 ? 74  GLU B CB  1 
ATOM   1233 C  CG  . GLU B 1 74 ? -5.402  13.547  5.534   1.00 28.75 ? 74  GLU B CG  1 
ATOM   1234 C  CD  . GLU B 1 74 ? -5.043  14.791  4.744   1.00 30.82 ? 74  GLU B CD  1 
ATOM   1235 O  OE1 . GLU B 1 74 ? -5.885  15.272  3.956   1.00 32.61 ? 74  GLU B OE1 1 
ATOM   1236 O  OE2 . GLU B 1 74 ? -3.909  15.286  4.915   1.00 40.01 ? 74  GLU B OE2 1 
ATOM   1237 N  N   . PRO B 1 75 ? -5.896  11.775  8.257   1.00 22.68 ? 75  PRO B N   1 
ATOM   1238 C  CA  . PRO B 1 75 ? -5.610  12.034  9.674   1.00 22.47 ? 75  PRO B CA  1 
ATOM   1239 C  C   . PRO B 1 75 ? -5.628  13.525  10.014  1.00 23.98 ? 75  PRO B C   1 
ATOM   1240 O  O   . PRO B 1 75 ? -5.112  14.346  9.253   1.00 22.87 ? 75  PRO B O   1 
ATOM   1241 C  CB  . PRO B 1 75 ? -4.210  11.445  9.854   1.00 18.31 ? 75  PRO B CB  1 
ATOM   1242 C  CG  . PRO B 1 75 ? -4.151  10.345  8.836   1.00 20.10 ? 75  PRO B CG  1 
ATOM   1243 C  CD  . PRO B 1 75 ? -4.898  10.877  7.647   1.00 22.69 ? 75  PRO B CD  1 
ATOM   1244 N  N   . ALA B 1 76 ? -6.222  13.858  11.156  1.00 17.51 ? 76  ALA B N   1 
ATOM   1245 C  CA  . ALA B 1 76 ? -6.420  15.247  11.566  1.00 19.04 ? 76  ALA B CA  1 
ATOM   1246 C  C   . ALA B 1 76 ? -5.106  15.999  11.794  1.00 18.42 ? 76  ALA B C   1 
ATOM   1247 O  O   . ALA B 1 76 ? -5.040  17.213  11.600  1.00 18.09 ? 76  ALA B O   1 
ATOM   1248 C  CB  . ALA B 1 76 ? -7.289  15.299  12.816  1.00 19.83 ? 76  ALA B CB  1 
ATOM   1249 N  N   . SER B 1 77 ? -4.065  15.283  12.208  1.00 14.79 ? 77  SER B N   1 
ATOM   1250 C  CA  . SER B 1 77 ? -2.784  15.919  12.510  1.00 19.45 ? 77  SER B CA  1 
ATOM   1251 C  C   . SER B 1 77 ? -2.136  16.529  11.271  1.00 19.73 ? 77  SER B C   1 
ATOM   1252 O  O   . SER B 1 77 ? -1.238  17.374  11.380  1.00 23.14 ? 77  SER B O   1 
ATOM   1253 C  CB  . SER B 1 77 ? -1.819  14.926  13.159  1.00 21.83 ? 77  SER B CB  1 
ATOM   1254 O  OG  . SER B 1 77 ? -1.401  13.940  12.231  1.00 25.41 ? 77  SER B OG  1 
ATOM   1255 N  N   . LEU B 1 78 ? -2.580  16.094  10.094  1.00 16.83 ? 78  LEU B N   1 
ATOM   1256 C  CA  . LEU B 1 78 ? -2.051  16.602  8.833   1.00 17.80 ? 78  LEU B CA  1 
ATOM   1257 C  C   . LEU B 1 78 ? -2.945  17.707  8.269   1.00 24.86 ? 78  LEU B C   1 
ATOM   1258 O  O   . LEU B 1 78 ? -2.552  18.430  7.352   1.00 29.18 ? 78  LEU B O   1 
ATOM   1259 C  CB  . LEU B 1 78 ? -1.904  15.464  7.817   1.00 21.48 ? 78  LEU B CB  1 
ATOM   1260 C  CG  . LEU B 1 78 ? -0.979  14.312  8.212   1.00 18.29 ? 78  LEU B CG  1 
ATOM   1261 C  CD1 . LEU B 1 78 ? -1.020  13.212  7.172   1.00 20.49 ? 78  LEU B CD1 1 
ATOM   1262 C  CD2 . LEU B 1 78 ? 0.450   14.800  8.428   1.00 17.21 ? 78  LEU B CD2 1 
ATOM   1263 N  N   . GLU B 1 79 ? -4.145  17.833  8.827   1.00 23.07 ? 79  GLU B N   1 
ATOM   1264 C  CA  . GLU B 1 79 ? -5.116  18.814  8.353   1.00 27.58 ? 79  GLU B CA  1 
ATOM   1265 C  C   . GLU B 1 79 ? -5.036  20.115  9.138   1.00 30.02 ? 79  GLU B C   1 
ATOM   1266 O  O   . GLU B 1 79 ? -5.148  21.209  8.579   1.00 35.98 ? 79  GLU B O   1 
ATOM   1267 C  CB  . GLU B 1 79 ? -6.526  18.245  8.470   1.00 23.27 ? 79  GLU B CB  1 
ATOM   1268 C  CG  . GLU B 1 79 ? -6.744  16.991  7.679   1.00 29.80 ? 79  GLU B CG  1 
ATOM   1269 C  CD  . GLU B 1 79 ? -7.857  16.148  8.256   1.00 32.62 ? 79  GLU B CD  1 
ATOM   1270 O  OE1 . GLU B 1 79 ? -8.580  16.639  9.154   1.00 31.90 ? 79  GLU B OE1 1 
ATOM   1271 O  OE2 . GLU B 1 79 ? -8.000  14.991  7.812   1.00 38.36 ? 79  GLU B OE2 1 
ATOM   1272 N  N   . HIS B 1 80 ? -4.837  19.986  10.442  1.00 24.60 ? 80  HIS B N   1 
ATOM   1273 C  CA  . HIS B 1 80 ? -4.849  21.133  11.332  1.00 30.84 ? 80  HIS B CA  1 
ATOM   1274 C  C   . HIS B 1 80 ? -3.525  21.231  12.080  1.00 35.74 ? 80  HIS B C   1 
ATOM   1275 O  O   . HIS B 1 80 ? -3.097  20.270  12.722  1.00 39.46 ? 80  HIS B O   1 
ATOM   1276 C  CB  . HIS B 1 80 ? -6.013  21.010  12.320  1.00 24.62 ? 80  HIS B CB  1 
ATOM   1277 C  CG  . HIS B 1 80 ? -7.352  20.856  11.664  1.00 27.81 ? 80  HIS B CG  1 
ATOM   1278 N  ND1 . HIS B 1 80 ? -8.215  19.825  11.966  1.00 25.83 ? 80  HIS B ND1 1 
ATOM   1279 C  CD2 . HIS B 1 80 ? -7.977  21.607  10.726  1.00 19.91 ? 80  HIS B CD2 1 
ATOM   1280 C  CE1 . HIS B 1 80 ? -9.313  19.945  11.241  1.00 24.93 ? 80  HIS B CE1 1 
ATOM   1281 N  NE2 . HIS B 1 80 ? -9.193  21.017  10.479  1.00 26.13 ? 80  HIS B NE2 1 
HETATM 1282 O  O   . HOH C 2 .  ? 3.274   -6.037  1.018   1.00 10.63 ? 101 HOH A O   1 
HETATM 1283 O  O   . HOH C 2 .  ? 4.152   -11.772 -19.309 1.00 9.30  ? 102 HOH A O   1 
HETATM 1284 O  O   . HOH C 2 .  ? -1.511  -13.293 7.927   1.00 10.17 ? 103 HOH A O   1 
HETATM 1285 O  O   . HOH C 2 .  ? -3.154  -6.917  9.879   1.00 11.00 ? 104 HOH A O   1 
HETATM 1286 O  O   . HOH C 2 .  ? 22.177  11.870  12.378  1.00 10.67 ? 105 HOH A O   1 
HETATM 1287 O  O   . HOH C 2 .  ? 2.490   -8.632  0.468   1.00 9.20  ? 106 HOH A O   1 
HETATM 1288 O  O   . HOH C 2 .  ? 5.628   -15.721 -6.814  1.00 13.60 ? 107 HOH A O   1 
HETATM 1289 O  O   . HOH C 2 .  ? 12.790  -15.605 -5.720  1.00 12.90 ? 108 HOH A O   1 
HETATM 1290 O  O   . HOH C 2 .  ? -3.631  -16.339 4.378   1.00 17.03 ? 109 HOH A O   1 
HETATM 1291 O  O   . HOH C 2 .  ? 4.050   -19.086 -16.076 1.00 11.41 ? 110 HOH A O   1 
HETATM 1292 O  O   . HOH C 2 .  ? 34.443  9.012   -15.857 1.00 14.52 ? 111 HOH A O   1 
HETATM 1293 O  O   . HOH C 2 .  ? 3.777   -23.987 -15.498 1.00 17.41 ? 112 HOH A O   1 
HETATM 1294 O  O   . HOH C 2 .  ? 6.281   -11.296 -15.891 1.00 12.27 ? 113 HOH A O   1 
HETATM 1295 O  O   . HOH C 2 .  ? 16.586  4.798   16.269  1.00 18.81 ? 114 HOH A O   1 
HETATM 1296 O  O   . HOH C 2 .  ? 10.387  -2.716  -0.256  1.00 21.21 ? 115 HOH A O   1 
HETATM 1297 O  O   . HOH C 2 .  ? 5.327   -5.780  2.830   1.00 12.79 ? 116 HOH A O   1 
HETATM 1298 O  O   . HOH C 2 .  ? -1.390  -1.997  11.389  1.00 13.91 ? 117 HOH A O   1 
HETATM 1299 O  O   . HOH C 2 .  ? -7.548  -2.900  -10.325 1.00 14.99 ? 118 HOH A O   1 
HETATM 1300 O  O   . HOH C 2 .  ? 21.404  2.782   -11.622 1.00 20.56 ? 119 HOH A O   1 
HETATM 1301 O  O   . HOH C 2 .  ? 34.727  15.437  -13.206 1.00 18.22 ? 120 HOH A O   1 
HETATM 1302 O  O   . HOH C 2 .  ? 8.235   3.434   23.052  1.00 15.66 ? 121 HOH A O   1 
HETATM 1303 O  O   . HOH C 2 .  ? 20.302  7.849   12.686  1.00 16.12 ? 122 HOH A O   1 
HETATM 1304 O  O   . HOH C 2 .  ? 2.052   -18.431 -0.308  1.00 22.07 ? 123 HOH A O   1 
HETATM 1305 O  O   . HOH C 2 .  ? -14.344 -6.979  -4.826  1.00 14.90 ? 124 HOH A O   1 
HETATM 1306 O  O   . HOH C 2 .  ? 5.953   -2.900  20.365  1.00 23.46 ? 125 HOH A O   1 
HETATM 1307 O  O   . HOH C 2 .  ? -5.032  -15.266 1.440   1.00 14.34 ? 126 HOH A O   1 
HETATM 1308 O  O   . HOH C 2 .  ? 20.816  5.119   12.179  1.00 15.59 ? 127 HOH A O   1 
HETATM 1309 O  O   . HOH C 2 .  ? 10.362  5.951   21.524  1.00 18.29 ? 128 HOH A O   1 
HETATM 1310 O  O   . HOH C 2 .  ? 22.059  0.761   -12.059 1.00 19.17 ? 129 HOH A O   1 
HETATM 1311 O  O   . HOH C 2 .  ? 5.091   -5.300  5.415   1.00 16.90 ? 130 HOH A O   1 
HETATM 1312 O  O   . HOH C 2 .  ? 7.926   8.899   13.511  1.00 18.50 ? 131 HOH A O   1 
HETATM 1313 O  O   . HOH C 2 .  ? -0.083  -4.800  16.583  1.00 24.17 ? 132 HOH A O   1 
HETATM 1314 O  O   . HOH C 2 .  ? -0.862  4.000   5.954   1.00 19.24 ? 133 HOH A O   1 
HETATM 1315 O  O   . HOH C 2 .  ? 4.504   6.195   23.867  1.00 28.42 ? 134 HOH A O   1 
HETATM 1316 O  O   . HOH C 2 .  ? 18.701  13.884  14.056  1.00 18.77 ? 135 HOH A O   1 
HETATM 1317 O  O   . HOH C 2 .  ? -16.310 -8.524  -3.881  1.00 17.52 ? 136 HOH A O   1 
HETATM 1318 O  O   . HOH C 2 .  ? -7.094  -15.607 4.898   1.00 23.23 ? 137 HOH A O   1 
HETATM 1319 O  O   . HOH C 2 .  ? 32.250  6.593   -7.429  1.00 15.56 ? 138 HOH A O   1 
HETATM 1320 O  O   . HOH C 2 .  ? 26.510  3.135   -5.864  1.00 14.82 ? 139 HOH A O   1 
HETATM 1321 O  O   . HOH C 2 .  ? 10.930  13.895  20.843  1.00 28.00 ? 140 HOH A O   1 
HETATM 1322 O  O   . HOH C 2 .  ? -5.653  -17.185 -0.266  1.00 25.71 ? 141 HOH A O   1 
HETATM 1323 O  O   . HOH C 2 .  ? 28.868  4.924   -5.232  1.00 18.91 ? 142 HOH A O   1 
HETATM 1324 O  O   . HOH C 2 .  ? 12.425  -9.192  -2.704  1.00 26.19 ? 143 HOH A O   1 
HETATM 1325 O  O   . HOH C 2 .  ? 16.114  2.097   6.293   1.00 35.69 ? 144 HOH A O   1 
HETATM 1326 O  O   . HOH C 2 .  ? 3.870   -12.052 10.248  1.00 17.86 ? 145 HOH A O   1 
HETATM 1327 O  O   . HOH C 2 .  ? 0.428   -29.405 -18.193 1.00 26.72 ? 146 HOH A O   1 
HETATM 1328 O  O   . HOH C 2 .  ? 6.660   -0.208  -3.559  1.00 23.61 ? 147 HOH A O   1 
HETATM 1329 O  O   . HOH C 2 .  ? 12.825  -13.129 -10.682 1.00 26.09 ? 148 HOH A O   1 
HETATM 1330 O  O   . HOH C 2 .  ? 12.375  -13.317 -7.778  1.00 20.07 ? 149 HOH A O   1 
HETATM 1331 O  O   . HOH C 2 .  ? 8.887   -13.213 -0.159  1.00 29.60 ? 150 HOH A O   1 
HETATM 1332 O  O   . HOH C 2 .  ? 20.479  9.536   10.717  1.00 26.43 ? 151 HOH A O   1 
HETATM 1333 O  O   . HOH C 2 .  ? 4.695   8.490   6.796   1.00 26.44 ? 152 HOH A O   1 
HETATM 1334 O  O   . HOH C 2 .  ? 8.792   -6.069  9.753   1.00 29.06 ? 153 HOH A O   1 
HETATM 1335 O  O   . HOH C 2 .  ? 15.241  11.878  22.503  1.00 25.34 ? 154 HOH A O   1 
HETATM 1336 O  O   . HOH C 2 .  ? 4.831   -4.683  18.418  1.00 24.37 ? 155 HOH A O   1 
HETATM 1337 O  O   . HOH C 2 .  ? 12.729  9.010   13.796  1.00 26.86 ? 156 HOH A O   1 
HETATM 1338 O  O   . HOH C 2 .  ? 8.873   9.110   22.303  1.00 25.46 ? 157 HOH A O   1 
HETATM 1339 O  O   . HOH C 2 .  ? 19.278  16.514  13.106  1.00 18.19 ? 158 HOH A O   1 
HETATM 1340 O  O   . HOH C 2 .  ? 3.724   -14.015 -21.085 1.00 19.35 ? 159 HOH A O   1 
HETATM 1341 O  O   . HOH C 2 .  ? 33.237  7.778   -9.435  1.00 19.04 ? 160 HOH A O   1 
HETATM 1342 O  O   . HOH C 2 .  ? 9.163   8.408   6.705   1.00 26.61 ? 161 HOH A O   1 
HETATM 1343 O  O   . HOH C 2 .  ? 3.790   -9.754  12.018  1.00 21.30 ? 162 HOH A O   1 
HETATM 1344 O  O   . HOH C 2 .  ? 10.070  -3.914  9.380   1.00 27.27 ? 163 HOH A O   1 
HETATM 1345 O  O   . HOH C 2 .  ? 13.322  1.988   4.707   1.00 21.75 ? 164 HOH A O   1 
HETATM 1346 O  O   . HOH C 2 .  ? -4.616  -22.274 -14.355 1.00 22.95 ? 165 HOH A O   1 
HETATM 1347 O  O   . HOH C 2 .  ? -2.919  -3.180  13.193  1.00 26.06 ? 166 HOH A O   1 
HETATM 1348 O  O   . HOH C 2 .  ? 5.242   -16.165 -2.871  1.00 25.19 ? 167 HOH A O   1 
HETATM 1349 O  O   . HOH C 2 .  ? 1.614   -19.272 -8.004  1.00 24.58 ? 168 HOH A O   1 
HETATM 1350 O  O   . HOH C 2 .  ? 8.268   -2.539  -3.810  1.00 26.77 ? 169 HOH A O   1 
HETATM 1351 O  O   . HOH C 2 .  ? -2.150  -5.758  17.054  1.00 27.54 ? 170 HOH A O   1 
HETATM 1352 O  O   . HOH C 2 .  ? -9.899  -3.634  -12.039 1.00 25.92 ? 171 HOH A O   1 
HETATM 1353 O  O   . HOH C 2 .  ? -2.213  -28.398 -17.585 1.00 31.74 ? 172 HOH A O   1 
HETATM 1354 O  O   . HOH C 2 .  ? 4.652   -18.287 -0.914  1.00 20.52 ? 173 HOH A O   1 
HETATM 1355 O  O   . HOH C 2 .  ? 16.323  14.812  15.088  1.00 22.75 ? 174 HOH A O   1 
HETATM 1356 O  O   . HOH C 2 .  ? 22.081  -4.819  -6.420  1.00 25.23 ? 175 HOH A O   1 
HETATM 1357 O  O   . HOH C 2 .  ? 17.447  4.801   18.359  1.00 30.60 ? 176 HOH A O   1 
HETATM 1358 O  O   . HOH C 2 .  ? 18.575  7.426   9.290   1.00 33.91 ? 177 HOH A O   1 
HETATM 1359 O  O   . HOH C 2 .  ? 9.010   -2.860  2.868   1.00 22.29 ? 178 HOH A O   1 
HETATM 1360 O  O   . HOH C 2 .  ? 16.185  11.037  24.787  1.00 27.19 ? 179 HOH A O   1 
HETATM 1361 O  O   . HOH C 2 .  ? -4.082  -18.870 3.878   1.00 27.82 ? 180 HOH A O   1 
HETATM 1362 O  O   . HOH C 2 .  ? -16.594 -7.593  -6.177  1.00 30.45 ? 181 HOH A O   1 
HETATM 1363 O  O   . HOH C 2 .  ? 14.157  -6.130  -10.802 1.00 37.14 ? 182 HOH A O   1 
HETATM 1364 O  O   . HOH C 2 .  ? -1.241  6.087   6.793   1.00 26.63 ? 183 HOH A O   1 
HETATM 1365 O  O   . HOH C 2 .  ? -3.578  -20.101 0.516   1.00 30.17 ? 184 HOH A O   1 
HETATM 1366 O  O   . HOH C 2 .  ? -2.549  -15.529 6.733   1.00 26.42 ? 185 HOH A O   1 
HETATM 1367 O  O   . HOH C 2 .  ? 16.939  17.873  12.201  1.00 12.39 ? 186 HOH A O   1 
HETATM 1368 O  O   . HOH C 2 .  ? 4.205   -19.136 -8.334  1.00 14.17 ? 187 HOH A O   1 
HETATM 1369 O  O   . HOH C 2 .  ? 12.974  10.272  11.498  1.00 28.06 ? 188 HOH A O   1 
HETATM 1370 O  O   . HOH C 2 .  ? -1.654  -30.383 -15.428 1.00 26.50 ? 189 HOH A O   1 
HETATM 1371 O  O   . HOH C 2 .  ? -2.837  -0.584  -11.898 1.00 25.65 ? 190 HOH A O   1 
HETATM 1372 O  O   . HOH C 2 .  ? -2.194  -6.442  14.060  1.00 23.90 ? 191 HOH A O   1 
HETATM 1373 O  O   . HOH C 2 .  ? 11.346  12.453  22.312  1.00 30.92 ? 192 HOH A O   1 
HETATM 1374 O  O   . HOH C 2 .  ? 9.871   -4.512  11.526  1.00 39.13 ? 193 HOH A O   1 
HETATM 1375 O  O   . HOH C 2 .  ? 20.825  4.764   9.461   1.00 22.34 ? 194 HOH A O   1 
HETATM 1376 O  O   . HOH C 2 .  ? 9.523   9.485   15.811  1.00 29.03 ? 195 HOH A O   1 
HETATM 1377 O  O   . HOH C 2 .  ? 5.993   -13.381 9.454   1.00 34.92 ? 196 HOH A O   1 
HETATM 1378 O  O   . HOH C 2 .  ? 14.793  12.878  26.192  1.00 12.21 ? 197 HOH A O   1 
HETATM 1379 O  O   . HOH C 2 .  ? -1.015  -31.683 -13.812 1.00 24.48 ? 198 HOH A O   1 
HETATM 1380 O  O   . HOH C 2 .  ? 2.123   -1.857  -7.880  1.00 20.05 ? 199 HOH A O   1 
HETATM 1381 O  O   . HOH C 2 .  ? 20.575  4.184   -4.176  1.00 28.12 ? 200 HOH A O   1 
HETATM 1382 O  O   . HOH C 2 .  ? 18.302  2.641   18.207  1.00 29.29 ? 201 HOH A O   1 
HETATM 1383 O  O   . HOH C 2 .  ? 7.574   -4.652  14.629  1.00 24.25 ? 202 HOH A O   1 
HETATM 1384 O  O   . HOH C 2 .  ? 1.004   0.293   -9.676  1.00 24.37 ? 203 HOH A O   1 
HETATM 1385 O  O   . HOH C 2 .  ? 20.503  8.486   8.319   1.00 30.43 ? 204 HOH A O   1 
HETATM 1386 O  O   . HOH C 2 .  ? 19.420  17.499  15.312  1.00 29.76 ? 205 HOH A O   1 
HETATM 1387 O  O   . HOH C 2 .  ? 13.851  2.216   -1.578  1.00 31.94 ? 206 HOH A O   1 
HETATM 1388 O  O   . HOH C 2 .  ? 11.979  -0.680  20.608  1.00 31.22 ? 207 HOH A O   1 
HETATM 1389 O  O   . HOH C 2 .  ? 6.551   -15.050 11.008  1.00 28.95 ? 208 HOH A O   1 
HETATM 1390 O  O   . HOH C 2 .  ? 0.721   -20.480 -0.495  1.00 27.18 ? 209 HOH A O   1 
HETATM 1391 O  O   . HOH C 2 .  ? 8.266   -5.423  3.114   1.00 27.27 ? 210 HOH A O   1 
HETATM 1392 O  O   . HOH C 2 .  ? 12.028  4.171   -2.314  1.00 29.45 ? 211 HOH A O   1 
HETATM 1393 O  O   . HOH C 2 .  ? 15.712  -1.360  4.059   1.00 38.54 ? 212 HOH A O   1 
HETATM 1394 O  O   . HOH C 2 .  ? 6.906   -11.881 10.389  1.00 42.10 ? 213 HOH A O   1 
HETATM 1395 O  O   . HOH C 2 .  ? 36.535  17.435  -11.920 1.00 24.23 ? 214 HOH A O   1 
HETATM 1396 O  O   . HOH C 2 .  ? 0.602   -21.362 -2.931  1.00 23.66 ? 215 HOH A O   1 
HETATM 1397 O  O   . HOH C 2 .  ? 4.437   1.789   25.474  1.00 25.08 ? 216 HOH A O   1 
HETATM 1398 O  O   . HOH C 2 .  ? 4.833   -13.101 3.501   1.00 27.48 ? 217 HOH A O   1 
HETATM 1399 O  O   . HOH C 2 .  ? 4.109   5.861   25.971  1.00 33.38 ? 218 HOH A O   1 
HETATM 1400 O  O   . HOH C 2 .  ? -0.265  -21.839 -4.878  1.00 27.00 ? 219 HOH A O   1 
HETATM 1401 O  O   . HOH C 2 .  ? 9.141   7.983   4.469   1.00 32.23 ? 220 HOH A O   1 
HETATM 1402 O  O   . HOH C 2 .  ? 32.521  7.544   -15.491 1.00 23.25 ? 221 HOH A O   1 
HETATM 1403 O  O   . HOH C 2 .  ? -13.092 -6.108  -11.003 1.00 24.77 ? 222 HOH A O   1 
HETATM 1404 O  O   . HOH C 2 .  ? 16.146  -11.891 -10.498 1.00 30.61 ? 223 HOH A O   1 
HETATM 1405 O  O   . HOH C 2 .  ? 11.675  -2.222  -6.637  1.00 26.86 ? 224 HOH A O   1 
HETATM 1406 O  O   . HOH C 2 .  ? -4.491  -0.994  14.281  1.00 34.79 ? 225 HOH A O   1 
HETATM 1407 O  O   . HOH C 2 .  ? 9.551   -3.261  14.733  1.00 41.56 ? 226 HOH A O   1 
HETATM 1408 O  O   . HOH C 2 .  ? 13.253  -0.402  17.754  1.00 27.20 ? 227 HOH A O   1 
HETATM 1409 O  O   . HOH C 2 .  ? 2.436   -14.976 3.371   1.00 31.10 ? 228 HOH A O   1 
HETATM 1410 O  O   . HOH C 2 .  ? 22.740  8.652   9.213   1.00 33.43 ? 229 HOH A O   1 
HETATM 1411 O  O   . HOH C 2 .  ? 19.344  0.236   5.241   1.00 29.41 ? 230 HOH A O   1 
HETATM 1412 O  O   . HOH C 2 .  ? 17.739  1.735   4.017   1.00 42.63 ? 231 HOH A O   1 
HETATM 1413 O  O   . HOH D 2 .  ? -7.944  2.793   -0.603  1.00 7.10  ? 101 HOH B O   1 
HETATM 1414 O  O   . HOH D 2 .  ? -10.530 1.594   -0.823  1.00 5.37  ? 102 HOH B O   1 
HETATM 1415 O  O   . HOH D 2 .  ? -13.994 3.576   -3.234  1.00 12.16 ? 103 HOH B O   1 
HETATM 1416 O  O   . HOH D 2 .  ? -15.098 -9.718  1.094   1.00 18.82 ? 104 HOH B O   1 
HETATM 1417 O  O   . HOH D 2 .  ? -12.204 -1.462  -10.062 1.00 13.71 ? 105 HOH B O   1 
HETATM 1418 O  O   . HOH D 2 .  ? -8.152  5.511   -1.821  1.00 14.89 ? 106 HOH B O   1 
HETATM 1419 O  O   . HOH D 2 .  ? -5.580  -0.935  -11.011 1.00 15.65 ? 107 HOH B O   1 
HETATM 1420 O  O   . HOH D 2 .  ? -15.063 -5.312  -7.606  1.00 12.64 ? 108 HOH B O   1 
HETATM 1421 O  O   . HOH D 2 .  ? 3.789   4.014   -4.047  1.00 20.03 ? 109 HOH B O   1 
HETATM 1422 O  O   . HOH D 2 .  ? -12.343 4.184   -10.664 1.00 16.44 ? 110 HOH B O   1 
HETATM 1423 O  O   . HOH D 2 .  ? -6.663  5.923   -4.329  1.00 15.11 ? 111 HOH B O   1 
HETATM 1424 O  O   . HOH D 2 .  ? -18.973 4.587   5.263   1.00 16.16 ? 112 HOH B O   1 
HETATM 1425 O  O   . HOH D 2 .  ? -17.080 5.950   -0.657  1.00 15.86 ? 113 HOH B O   1 
HETATM 1426 O  O   . HOH D 2 .  ? -5.030  14.172  -2.242  1.00 16.76 ? 114 HOH B O   1 
HETATM 1427 O  O   . HOH D 2 .  ? -20.120 -5.347  -2.427  1.00 20.20 ? 115 HOH B O   1 
HETATM 1428 O  O   . HOH D 2 .  ? 4.136   19.676  -12.148 1.00 20.33 ? 116 HOH B O   1 
HETATM 1429 O  O   . HOH D 2 .  ? -3.002  -13.382 10.327  1.00 18.55 ? 117 HOH B O   1 
HETATM 1430 O  O   . HOH D 2 .  ? -19.542 1.640   5.426   1.00 15.09 ? 118 HOH B O   1 
HETATM 1431 O  O   . HOH D 2 .  ? -1.290  1.796   -10.968 1.00 18.90 ? 119 HOH B O   1 
HETATM 1432 O  O   . HOH D 2 .  ? -6.489  9.434   -0.392  1.00 18.97 ? 120 HOH B O   1 
HETATM 1433 O  O   . HOH D 2 .  ? -22.064 -10.021 2.609   1.00 21.18 ? 121 HOH B O   1 
HETATM 1434 O  O   . HOH D 2 .  ? -22.657 -4.302  3.693   1.00 26.84 ? 122 HOH B O   1 
HETATM 1435 O  O   . HOH D 2 .  ? -19.794 -0.214  10.808  1.00 26.58 ? 123 HOH B O   1 
HETATM 1436 O  O   . HOH D 2 .  ? -1.662  9.089   -22.710 1.00 21.05 ? 124 HOH B O   1 
HETATM 1437 O  O   . HOH D 2 .  ? 6.004   12.482  -19.579 1.00 20.58 ? 125 HOH B O   1 
HETATM 1438 O  O   . HOH D 2 .  ? -14.058 0.547   -10.756 1.00 18.49 ? 126 HOH B O   1 
HETATM 1439 O  O   . HOH D 2 .  ? -2.405  9.908   5.386   1.00 30.16 ? 127 HOH B O   1 
HETATM 1440 O  O   . HOH D 2 .  ? -1.104  11.147  4.115   1.00 28.97 ? 128 HOH B O   1 
HETATM 1441 O  O   . HOH D 2 .  ? -9.041  8.209   -10.778 1.00 19.48 ? 129 HOH B O   1 
HETATM 1442 O  O   . HOH D 2 .  ? 1.177   5.268   -18.747 1.00 26.57 ? 130 HOH B O   1 
HETATM 1443 O  O   . HOH D 2 .  ? -7.903  5.034   9.200   1.00 19.92 ? 131 HOH B O   1 
HETATM 1444 O  O   . HOH D 2 .  ? -15.741 -11.460 3.072   1.00 28.76 ? 132 HOH B O   1 
HETATM 1445 O  O   . HOH D 2 .  ? -11.448 5.572   -2.205  1.00 18.52 ? 133 HOH B O   1 
HETATM 1446 O  O   . HOH D 2 .  ? 0.543   18.635  7.195   1.00 29.00 ? 134 HOH B O   1 
HETATM 1447 O  O   . HOH D 2 .  ? -10.439 10.748  1.972   1.00 27.61 ? 135 HOH B O   1 
HETATM 1448 O  O   . HOH D 2 .  ? 6.176   14.516  -21.368 1.00 31.17 ? 136 HOH B O   1 
HETATM 1449 O  O   . HOH D 2 .  ? -4.126  -9.287  8.666   1.00 9.72  ? 137 HOH B O   1 
HETATM 1450 O  O   . HOH D 2 .  ? -4.447  -11.052 10.752  1.00 14.66 ? 138 HOH B O   1 
HETATM 1451 O  O   . HOH D 2 .  ? -7.648  14.363  1.743   1.00 26.59 ? 139 HOH B O   1 
HETATM 1452 O  O   . HOH D 2 .  ? -13.076 -8.335  -8.426  1.00 17.12 ? 140 HOH B O   1 
HETATM 1453 O  O   . HOH D 2 .  ? -19.755 4.022   1.786   1.00 21.65 ? 141 HOH B O   1 
HETATM 1454 O  O   . HOH D 2 .  ? -6.919  15.802  -0.895  1.00 19.89 ? 142 HOH B O   1 
HETATM 1455 O  O   . HOH D 2 .  ? -3.102  -0.003  10.689  1.00 22.08 ? 143 HOH B O   1 
HETATM 1456 O  O   . HOH D 2 .  ? -8.206  8.158   -2.109  1.00 29.49 ? 144 HOH B O   1 
HETATM 1457 O  O   . HOH D 2 .  ? -7.298  6.950   5.267   1.00 25.04 ? 145 HOH B O   1 
HETATM 1458 O  O   . HOH D 2 .  ? 1.873   18.849  -11.623 1.00 34.12 ? 146 HOH B O   1 
HETATM 1459 O  O   . HOH D 2 .  ? -25.094 -5.303  5.136   1.00 34.23 ? 147 HOH B O   1 
HETATM 1460 O  O   . HOH D 2 .  ? -10.519 9.647   -0.050  1.00 25.97 ? 148 HOH B O   1 
HETATM 1461 O  O   . HOH D 2 .  ? -15.195 11.581  11.414  1.00 28.72 ? 149 HOH B O   1 
HETATM 1462 O  O   . HOH D 2 .  ? -12.378 -15.648 3.294   1.00 34.41 ? 150 HOH B O   1 
HETATM 1463 O  O   . HOH D 2 .  ? -11.468 -8.159  14.502  1.00 25.54 ? 151 HOH B O   1 
HETATM 1464 O  O   . HOH D 2 .  ? -15.320 -4.521  -10.083 1.00 29.68 ? 152 HOH B O   1 
HETATM 1465 O  O   . HOH D 2 .  ? -7.556  -18.485 1.254   1.00 30.91 ? 153 HOH B O   1 
HETATM 1466 O  O   . HOH D 2 .  ? -9.620  -10.232 14.870  1.00 15.63 ? 154 HOH B O   1 
HETATM 1467 O  O   . HOH D 2 .  ? -4.424  -5.022  11.591  1.00 25.68 ? 155 HOH B O   1 
HETATM 1468 O  O   . HOH D 2 .  ? -0.634  22.531  15.139  1.00 40.00 ? 156 HOH B O   1 
HETATM 1469 O  O   . HOH D 2 .  ? -17.211 -3.220  -10.384 1.00 31.36 ? 157 HOH B O   1 
HETATM 1470 O  O   . HOH D 2 .  ? -2.853  12.696  3.520   1.00 32.97 ? 158 HOH B O   1 
HETATM 1471 O  O   . HOH D 2 .  ? -20.463 6.070   1.506   1.00 30.81 ? 159 HOH B O   1 
HETATM 1472 O  O   . HOH D 2 .  ? -9.104  12.040  -0.395  1.00 22.46 ? 160 HOH B O   1 
HETATM 1473 O  O   . HOH D 2 .  ? -10.552 -8.348  12.328  1.00 29.27 ? 161 HOH B O   1 
HETATM 1474 O  O   . HOH D 2 .  ? -0.898  20.713  14.218  1.00 40.21 ? 162 HOH B O   1 
HETATM 1475 O  O   . HOH D 2 .  ? -5.922  -3.549  10.620  1.00 25.64 ? 163 HOH B O   1 
HETATM 1476 O  O   . HOH D 2 .  ? -6.250  -1.217  10.427  1.00 25.88 ? 164 HOH B O   1 
HETATM 1477 O  O   . HOH D 2 .  ? -17.716 -12.089 4.026   1.00 22.25 ? 165 HOH B O   1 
HETATM 1478 O  O   . HOH D 2 .  ? 8.492   14.492  -22.191 1.00 29.42 ? 166 HOH B O   1 
HETATM 1479 O  O   . HOH D 2 .  ? -11.127 -15.046 -3.900  1.00 36.02 ? 167 HOH B O   1 
HETATM 1480 O  O   . HOH D 2 .  ? -21.760 2.510   3.216   1.00 27.69 ? 168 HOH B O   1 
HETATM 1481 O  O   . HOH D 2 .  ? -3.495  15.930  -7.851  1.00 25.01 ? 169 HOH B O   1 
HETATM 1482 O  O   . HOH D 2 .  ? -7.195  -1.212  12.767  1.00 27.53 ? 170 HOH B O   1 
HETATM 1483 O  O   . HOH D 2 .  ? -0.435  13.338  3.125   1.00 29.62 ? 171 HOH B O   1 
HETATM 1484 O  O   . HOH D 2 .  ? 6.657   10.225  -1.340  1.00 38.70 ? 172 HOH B O   1 
HETATM 1485 O  O   . HOH D 2 .  ? -8.850  22.295  8.066   1.00 30.58 ? 173 HOH B O   1 
HETATM 1486 O  O   . HOH D 2 .  ? -12.842 -17.953 1.962   1.00 39.32 ? 174 HOH B O   1 
HETATM 1487 O  O   . HOH D 2 .  ? -14.778 -16.797 -1.991  1.00 35.75 ? 175 HOH B O   1 
HETATM 1488 O  O   . HOH D 2 .  ? -13.981 -8.817  13.426  1.00 27.00 ? 176 HOH B O   1 
HETATM 1489 O  O   . HOH D 2 .  ? -15.210 -16.552 7.320   1.00 32.73 ? 177 HOH B O   1 
HETATM 1490 O  O   . HOH D 2 .  ? -5.138  0.376   12.848  1.00 30.96 ? 178 HOH B O   1 
HETATM 1491 O  O   . HOH D 2 .  ? -11.382 -10.862 -0.631  1.00 14.67 ? 179 HOH B O   1 
HETATM 1492 O  O   . HOH D 2 .  ? 2.294   14.452  2.675   1.00 29.11 ? 180 HOH B O   1 
HETATM 1493 O  O   . HOH D 2 .  ? -12.557 -10.886 1.306   1.00 26.84 ? 181 HOH B O   1 
HETATM 1494 O  O   . HOH D 2 .  ? 5.205   15.339  -23.095 1.00 32.63 ? 182 HOH B O   1 
HETATM 1495 O  O   . HOH D 2 .  ? -6.747  11.894  -1.314  1.00 25.83 ? 183 HOH B O   1 
HETATM 1496 O  O   . HOH D 2 .  ? -9.633  -18.488 3.946   1.00 36.02 ? 184 HOH B O   1 
HETATM 1497 O  O   . HOH D 2 .  ? -10.477 -18.565 1.051   1.00 35.34 ? 185 HOH B O   1 
HETATM 1498 O  O   . HOH D 2 .  ? -16.457 -16.690 -4.482  1.00 32.91 ? 186 HOH B O   1 
HETATM 1499 O  O   . HOH D 2 .  ? -5.886  -0.576  -13.751 1.00 27.09 ? 187 HOH B O   1 
# 
